data_7CMP
#
_entry.id   7CMP
#
_cell.length_a   74.016
_cell.length_b   126.747
_cell.length_c   96.044
_cell.angle_alpha   90.000
_cell.angle_beta   109.610
_cell.angle_gamma   90.000
#
_symmetry.space_group_name_H-M   'P 1 21 1'
#
loop_
_entity.id
_entity.type
_entity.pdbx_description
1 polymer 'DNA topoisomerase 4 subunit B'
2 non-polymer 'MAGNESIUM ION'
3 non-polymer 'PHOSPHOAMINOPHOSPHONIC ACID-ADENYLATE ESTER'
4 water water
#
_entity_poly.entity_id   1
_entity_poly.type   'polypeptide(L)'
_entity_poly.pdbx_seq_one_letter_code
;MGSSHHHHHHSSGLVPRGSHNTRYNAADIEVLSGLDPVKRRPGMYTDTARPNHLAQEVIDNSVDEALAGHAKQIEVTLYK
DGSCEVSDDGRGMPVDIHPEEKIPGVELILTRLHAGGKFNNRNYTFSGGLHGVGVSVVNALSTKVELFIKREGSEHRMEF
RDGNAASKLEVVGTVGKKNTGTRLRFWADPKYFDTPKFNVRALRHLLRAKAVLCPGLTVKLHDEATGEQDSWYFENGLRD
YLKGEMAEHEMLPADLFVGSLKKDTEIVDWAAGWVPEGELVQESYVNLIPTAQHGTHVNGLRSGLTDALREFCDFRNLLP
RGVKLAPEDVWDRVTFVLSLKMTDPQFSGQTKERLSSRQAAGFIEGAAHDAFSLYLNQNVEIGEKIAQIAIDRASARLKT
EKQIVRKK
;
_entity_poly.pdbx_strand_id   A,B,C,D
#
loop_
_chem_comp.id
_chem_comp.type
_chem_comp.name
_chem_comp.formula
ANP non-polymer 'PHOSPHOAMINOPHOSPHONIC ACID-ADENYLATE ESTER' 'C10 H17 N6 O12 P3'
MG non-polymer 'MAGNESIUM ION' 'Mg 2'
#
# COMPACT_ATOMS: atom_id res chain seq x y z
N ARG A 23 -11.14 24.14 36.05
CA ARG A 23 -11.80 25.16 35.23
C ARG A 23 -11.01 25.42 33.95
N TYR A 24 -10.58 26.66 33.73
CA TYR A 24 -10.06 27.08 32.43
C TYR A 24 -9.11 28.26 32.69
N ASN A 25 -7.78 28.03 32.66
CA ASN A 25 -6.85 29.15 32.93
C ASN A 25 -5.92 29.29 31.77
N ALA A 26 -4.96 30.19 31.94
CA ALA A 26 -3.88 30.33 30.99
C ALA A 26 -3.07 29.05 30.83
N ALA A 27 -2.85 28.29 31.91
CA ALA A 27 -2.08 27.06 31.81
C ALA A 27 -2.71 26.07 30.84
N ASP A 28 -4.02 26.14 30.65
CA ASP A 28 -4.70 25.28 29.70
C ASP A 28 -4.41 25.67 28.26
N ILE A 29 -3.65 26.75 28.05
CA ILE A 29 -3.19 27.13 26.73
C ILE A 29 -1.83 26.47 26.53
N GLU A 30 -1.78 25.45 25.67
CA GLU A 30 -0.54 24.75 25.39
C GLU A 30 0.05 25.26 24.10
N VAL A 31 1.38 25.32 24.04
CA VAL A 31 2.12 25.85 22.91
C VAL A 31 2.89 24.70 22.29
N LEU A 32 2.54 24.35 21.05
CA LEU A 32 3.29 23.36 20.30
C LEU A 32 4.42 24.06 19.58
N SER A 33 5.62 23.51 19.71
CA SER A 33 6.83 24.13 19.17
C SER A 33 7.62 23.11 18.39
N GLY A 34 8.62 23.61 17.64
CA GLY A 34 9.42 22.71 16.83
C GLY A 34 8.58 22.15 15.70
N LEU A 35 8.63 20.83 15.54
CA LEU A 35 7.83 20.14 14.54
C LEU A 35 6.54 19.57 15.10
N ASP A 36 6.30 19.74 16.41
CA ASP A 36 5.09 19.19 17.02
C ASP A 36 3.80 19.67 16.38
N PRO A 37 3.62 20.94 16.01
CA PRO A 37 2.36 21.32 15.32
C PRO A 37 2.06 20.44 14.12
N VAL A 38 3.08 20.03 13.37
CA VAL A 38 2.86 19.16 12.23
C VAL A 38 2.47 17.76 12.68
N LYS A 39 3.13 17.25 13.73
CA LYS A 39 2.83 15.90 14.20
C LYS A 39 1.43 15.80 14.79
N ARG A 40 0.92 16.86 15.42
CA ARG A 40 -0.36 16.75 16.09
C ARG A 40 -1.53 16.92 15.11
N ARG A 41 -1.38 17.79 14.10
CA ARG A 41 -2.42 18.02 13.08
C ARG A 41 -1.80 18.10 11.69
N PRO A 42 -1.39 16.95 11.15
CA PRO A 42 -0.75 16.95 9.82
C PRO A 42 -1.70 17.31 8.69
N GLY A 43 -3.01 17.19 8.90
CA GLY A 43 -3.96 17.45 7.82
C GLY A 43 -3.85 18.83 7.22
N MET A 44 -3.42 19.81 8.01
CA MET A 44 -3.27 21.16 7.50
C MET A 44 -1.93 21.38 6.79
N TYR A 45 -0.98 20.46 6.92
CA TYR A 45 0.34 20.63 6.32
C TYR A 45 0.60 19.71 5.14
N THR A 46 -0.21 18.67 4.96
CA THR A 46 0.00 17.75 3.84
C THR A 46 -1.29 17.03 3.53
N ASP A 47 -1.28 16.28 2.43
CA ASP A 47 -2.34 15.35 2.09
C ASP A 47 -2.08 14.06 2.84
N THR A 48 -2.94 13.73 3.80
CA THR A 48 -2.75 12.53 4.60
C THR A 48 -3.31 11.27 3.94
N ALA A 49 -3.75 11.36 2.69
CA ALA A 49 -4.22 10.17 1.98
C ALA A 49 -3.05 9.28 1.58
N ARG A 50 -1.94 9.88 1.14
CA ARG A 50 -0.74 9.14 0.78
C ARG A 50 0.45 10.07 0.96
N PRO A 51 1.66 9.52 1.09
CA PRO A 51 2.85 10.36 1.21
C PRO A 51 3.31 10.99 -0.10
N ASN A 52 2.47 10.96 -1.14
CA ASN A 52 2.84 11.54 -2.43
C ASN A 52 3.23 13.01 -2.27
N HIS A 53 2.40 13.79 -1.56
CA HIS A 53 2.68 15.21 -1.41
C HIS A 53 3.93 15.46 -0.59
N LEU A 54 4.30 14.53 0.30
CA LEU A 54 5.59 14.63 0.97
C LEU A 54 6.72 14.53 -0.05
N ALA A 55 6.64 13.55 -0.96
CA ALA A 55 7.62 13.47 -2.02
C ALA A 55 7.61 14.74 -2.85
N GLN A 56 6.42 15.24 -3.19
CA GLN A 56 6.29 16.48 -3.94
C GLN A 56 7.07 17.60 -3.27
N GLU A 57 6.97 17.72 -1.95
CA GLU A 57 7.72 18.74 -1.23
C GLU A 57 9.21 18.63 -1.52
N VAL A 58 9.73 17.41 -1.57
CA VAL A 58 11.14 17.21 -1.86
C VAL A 58 11.43 17.45 -3.34
N ILE A 59 10.53 17.00 -4.22
CA ILE A 59 10.69 17.31 -5.65
C ILE A 59 10.74 18.82 -5.86
N ASP A 60 9.83 19.55 -5.22
CA ASP A 60 9.72 20.99 -5.44
C ASP A 60 11.00 21.72 -5.09
N ASN A 61 11.62 21.38 -3.96
CA ASN A 61 12.85 22.04 -3.57
C ASN A 61 13.98 21.74 -4.55
N SER A 62 13.93 20.57 -5.18
CA SER A 62 14.90 20.25 -6.24
C SER A 62 14.58 21.02 -7.51
N VAL A 63 13.30 21.06 -7.90
CA VAL A 63 12.90 21.82 -9.08
C VAL A 63 13.19 23.31 -8.89
N ASP A 64 13.06 23.80 -7.65
CA ASP A 64 13.36 25.21 -7.40
C ASP A 64 14.83 25.51 -7.65
N GLU A 65 15.72 24.62 -7.21
CA GLU A 65 17.13 24.71 -7.58
C GLU A 65 17.30 24.66 -9.09
N ALA A 66 16.55 23.79 -9.76
CA ALA A 66 16.63 23.69 -11.22
C ALA A 66 16.15 24.98 -11.88
N LEU A 67 15.00 25.50 -11.43
CA LEU A 67 14.47 26.74 -12.01
C LEU A 67 15.41 27.92 -11.83
N ALA A 68 16.32 27.86 -10.87
CA ALA A 68 17.29 28.91 -10.64
C ALA A 68 18.61 28.68 -11.37
N GLY A 69 18.65 27.75 -12.33
CA GLY A 69 19.86 27.52 -13.10
C GLY A 69 21.01 26.94 -12.31
N HIS A 70 20.72 26.10 -11.31
CA HIS A 70 21.76 25.45 -10.52
C HIS A 70 21.74 23.93 -10.59
N ALA A 71 20.65 23.29 -11.02
CA ALA A 71 20.56 21.83 -11.13
C ALA A 71 20.13 21.48 -12.54
N LYS A 72 20.59 20.35 -13.10
CA LYS A 72 20.04 19.91 -14.38
C LYS A 72 19.49 18.48 -14.29
N GLN A 73 19.44 17.87 -13.10
CA GLN A 73 18.96 16.49 -13.00
C GLN A 73 18.26 16.23 -11.68
N ILE A 74 17.01 15.75 -11.76
CA ILE A 74 16.26 15.28 -10.59
C ILE A 74 16.04 13.79 -10.79
N GLU A 75 16.44 12.99 -9.79
CA GLU A 75 16.32 11.54 -9.85
C GLU A 75 15.53 11.08 -8.63
N VAL A 76 14.38 10.47 -8.87
CA VAL A 76 13.48 10.02 -7.82
C VAL A 76 13.44 8.50 -7.82
N THR A 77 13.69 7.90 -6.66
CA THR A 77 13.71 6.47 -6.48
C THR A 77 12.73 6.04 -5.41
N LEU A 78 11.81 5.14 -5.76
CA LEU A 78 10.84 4.58 -4.83
C LEU A 78 11.34 3.20 -4.41
N TYR A 79 11.88 3.11 -3.19
CA TYR A 79 12.48 1.88 -2.70
C TYR A 79 11.44 0.89 -2.22
N LYS A 80 11.82 -0.38 -2.23
CA LYS A 80 10.93 -1.45 -1.80
C LYS A 80 10.59 -1.37 -0.32
N ASP A 81 11.42 -0.71 0.49
CA ASP A 81 11.13 -0.57 1.91
C ASP A 81 10.18 0.57 2.20
N GLY A 82 9.52 1.12 1.19
CA GLY A 82 8.58 2.20 1.37
C GLY A 82 9.17 3.59 1.32
N SER A 83 10.49 3.73 1.37
CA SER A 83 11.08 5.05 1.39
C SER A 83 11.11 5.64 -0.02
N CYS A 84 11.26 6.96 -0.08
CA CYS A 84 11.39 7.67 -1.33
C CYS A 84 12.59 8.60 -1.21
N GLU A 85 13.31 8.74 -2.31
CA GLU A 85 14.55 9.51 -2.32
C GLU A 85 14.59 10.40 -3.53
N VAL A 86 15.09 11.62 -3.34
CA VAL A 86 15.16 12.63 -4.40
C VAL A 86 16.58 13.15 -4.44
N SER A 87 17.20 13.11 -5.61
CA SER A 87 18.58 13.54 -5.79
C SER A 87 18.62 14.64 -6.84
N ASP A 88 19.26 15.76 -6.51
CA ASP A 88 19.49 16.83 -7.48
C ASP A 88 20.96 17.19 -7.47
N ASP A 89 21.40 17.80 -8.57
CA ASP A 89 22.76 18.32 -8.70
C ASP A 89 22.80 19.83 -8.55
N GLY A 90 21.95 20.38 -7.68
CA GLY A 90 21.93 21.80 -7.42
C GLY A 90 23.02 22.20 -6.44
N ARG A 91 22.83 23.37 -5.81
CA ARG A 91 23.86 23.92 -4.93
C ARG A 91 24.03 23.13 -3.64
N GLY A 92 23.05 22.32 -3.26
CA GLY A 92 23.09 21.63 -1.99
C GLY A 92 22.64 22.55 -0.87
N MET A 93 21.83 22.05 0.07
CA MET A 93 21.39 22.94 1.13
C MET A 93 22.54 23.21 2.09
N PRO A 94 22.64 24.43 2.61
CA PRO A 94 23.80 24.81 3.42
C PRO A 94 24.05 23.87 4.59
N VAL A 95 25.32 23.55 4.78
CA VAL A 95 25.80 22.76 5.92
C VAL A 95 26.50 23.66 6.91
N ASP A 96 26.72 24.91 6.54
CA ASP A 96 27.34 25.93 7.36
C ASP A 96 26.50 26.16 8.62
N ILE A 97 27.16 26.71 9.64
CA ILE A 97 26.51 26.92 10.94
C ILE A 97 25.73 28.22 10.90
N HIS A 98 24.48 28.19 11.32
CA HIS A 98 23.65 29.39 11.23
C HIS A 98 24.15 30.42 12.23
N PRO A 99 24.35 31.68 11.82
CA PRO A 99 24.96 32.65 12.75
C PRO A 99 24.16 32.94 14.00
N GLU A 100 22.84 32.97 13.91
CA GLU A 100 21.85 33.19 14.97
C GLU A 100 20.88 32.04 15.19
N GLU A 101 21.36 30.82 14.98
CA GLU A 101 20.56 29.66 15.28
C GLU A 101 21.36 28.49 15.84
N LYS A 102 22.70 28.56 15.86
CA LYS A 102 23.61 27.60 16.51
C LYS A 102 23.75 26.25 15.82
N ILE A 103 22.86 25.93 14.89
CA ILE A 103 22.87 24.62 14.26
C ILE A 103 23.30 24.79 12.81
N PRO A 104 23.78 23.72 12.18
CA PRO A 104 24.03 23.77 10.74
C PRO A 104 22.73 24.00 10.00
N GLY A 105 22.86 24.61 8.81
CA GLY A 105 21.67 24.98 8.04
C GLY A 105 20.72 23.81 7.83
N VAL A 106 21.26 22.65 7.45
CA VAL A 106 20.42 21.49 7.19
C VAL A 106 19.62 21.12 8.43
N GLU A 107 20.26 21.09 9.60
CA GLU A 107 19.53 20.84 10.85
C GLU A 107 18.44 21.88 11.04
N LEU A 108 18.75 23.15 10.78
CA LEU A 108 17.74 24.20 10.88
C LEU A 108 16.60 23.96 9.90
N ILE A 109 16.92 23.73 8.63
CA ILE A 109 15.89 23.54 7.61
C ILE A 109 14.98 22.37 7.97
N LEU A 110 15.57 21.25 8.37
CA LEU A 110 14.78 20.04 8.58
C LEU A 110 13.93 20.10 9.83
N THR A 111 14.32 20.93 10.81
CA THR A 111 13.72 20.87 12.14
C THR A 111 12.86 22.08 12.50
N ARG A 112 12.95 23.19 11.76
CA ARG A 112 12.19 24.39 12.09
C ARG A 112 11.15 24.71 11.04
N LEU A 113 9.98 25.15 11.51
CA LEU A 113 8.94 25.65 10.63
C LEU A 113 9.23 27.10 10.26
N HIS A 114 8.77 27.49 9.08
CA HIS A 114 8.88 28.88 8.61
C HIS A 114 10.35 29.31 8.57
N ALA A 115 11.20 28.38 8.14
CA ALA A 115 12.62 28.65 7.93
C ALA A 115 12.95 28.16 6.53
N GLY A 116 13.34 29.08 5.66
CA GLY A 116 13.57 28.72 4.27
C GLY A 116 14.35 29.78 3.55
N GLY A 117 14.82 29.43 2.36
CA GLY A 117 15.56 30.43 1.62
C GLY A 117 14.77 31.26 0.64
N LYS A 118 13.43 31.17 0.66
CA LYS A 118 12.61 31.71 -0.41
C LYS A 118 11.63 32.79 0.04
N PHE A 119 11.87 33.41 1.18
CA PHE A 119 11.06 34.56 1.57
C PHE A 119 11.42 35.82 0.81
N ASN A 120 12.55 35.85 0.06
CA ASN A 120 12.87 37.01 -0.75
C ASN A 120 12.85 36.48 -2.18
N ASN A 121 13.36 37.29 -3.12
CA ASN A 121 13.67 36.75 -4.44
C ASN A 121 15.16 36.81 -4.76
N ARG A 122 16.03 36.61 -3.75
CA ARG A 122 17.47 36.62 -3.96
C ARG A 122 18.04 35.24 -4.33
N ASN A 123 17.79 34.22 -3.51
CA ASN A 123 18.38 32.91 -3.72
C ASN A 123 17.60 32.07 -4.73
N TYR A 124 16.32 32.38 -4.93
CA TYR A 124 15.48 31.74 -5.94
C TYR A 124 14.57 32.81 -6.53
N THR A 125 14.50 32.89 -7.87
CA THR A 125 13.61 33.88 -8.48
C THR A 125 12.16 33.39 -8.56
N PHE A 126 11.90 32.34 -9.34
CA PHE A 126 10.56 31.77 -9.46
C PHE A 126 10.54 30.42 -8.74
N SER A 127 10.44 30.48 -7.42
CA SER A 127 10.50 29.26 -6.65
C SER A 127 9.09 28.74 -6.40
N GLY A 128 8.94 27.43 -6.44
CA GLY A 128 7.67 26.84 -6.03
C GLY A 128 7.47 26.96 -4.53
N GLY A 129 8.56 26.83 -3.77
CA GLY A 129 8.46 26.93 -2.33
C GLY A 129 8.38 28.39 -1.91
N LEU A 130 7.48 28.66 -0.98
CA LEU A 130 7.34 30.00 -0.42
C LEU A 130 7.13 30.06 1.09
N HIS A 131 6.73 28.96 1.74
CA HIS A 131 6.33 29.01 3.14
C HIS A 131 7.43 28.65 4.12
N GLY A 132 8.50 28.01 3.66
CA GLY A 132 9.54 27.54 4.57
C GLY A 132 9.09 26.41 5.46
N VAL A 133 8.21 25.54 4.98
CA VAL A 133 7.56 24.55 5.82
C VAL A 133 7.71 23.14 5.22
N GLY A 134 7.87 23.08 3.89
CA GLY A 134 7.83 21.83 3.15
C GLY A 134 8.67 20.68 3.67
N VAL A 135 10.00 20.82 3.61
CA VAL A 135 10.89 19.73 4.03
C VAL A 135 10.67 19.39 5.50
N SER A 136 10.47 20.42 6.33
CA SER A 136 10.22 20.16 7.75
C SER A 136 9.00 19.29 7.96
N VAL A 137 7.98 19.43 7.12
CA VAL A 137 6.81 18.56 7.20
C VAL A 137 7.19 17.12 6.85
N VAL A 138 7.97 16.95 5.78
CA VAL A 138 8.48 15.62 5.43
C VAL A 138 9.17 14.99 6.63
N ASN A 139 10.07 15.74 7.26
CA ASN A 139 10.82 15.21 8.39
C ASN A 139 9.90 14.92 9.56
N ALA A 140 9.02 15.86 9.89
CA ALA A 140 8.10 15.68 11.02
C ALA A 140 7.24 14.44 10.86
N LEU A 141 6.91 14.06 9.62
CA LEU A 141 6.02 12.94 9.37
C LEU A 141 6.77 11.73 8.84
N SER A 142 8.08 11.67 9.06
CA SER A 142 8.85 10.54 8.60
C SER A 142 9.53 9.91 9.78
N THR A 143 9.39 8.59 9.88
CA THR A 143 10.18 7.91 10.90
C THR A 143 11.67 8.13 10.63
N LYS A 144 12.07 8.17 9.36
CA LYS A 144 13.50 8.35 9.15
C LYS A 144 13.76 9.26 7.96
N VAL A 145 14.76 10.12 8.10
CA VAL A 145 15.22 10.92 6.97
C VAL A 145 16.73 10.88 6.94
N GLU A 146 17.27 10.51 5.78
CA GLU A 146 18.71 10.43 5.57
C GLU A 146 19.03 11.25 4.34
N LEU A 147 19.91 12.23 4.49
CA LEU A 147 20.28 13.08 3.37
C LEU A 147 21.78 13.24 3.27
N PHE A 148 22.25 13.37 2.03
CA PHE A 148 23.65 13.58 1.71
C PHE A 148 23.78 14.87 0.92
N ILE A 149 24.60 15.79 1.42
CA ILE A 149 24.85 17.06 0.75
C ILE A 149 26.31 17.10 0.30
N LYS A 150 26.52 17.61 -0.92
CA LYS A 150 27.85 17.75 -1.50
C LYS A 150 28.11 19.23 -1.77
N ARG A 151 28.99 19.83 -0.98
CA ARG A 151 29.39 21.22 -1.21
C ARG A 151 30.86 21.39 -0.89
N GLU A 152 31.49 22.33 -1.59
CA GLU A 152 32.82 22.81 -1.23
C GLU A 152 33.83 21.65 -1.13
N GLY A 153 33.65 20.65 -1.99
CA GLY A 153 34.55 19.52 -2.01
C GLY A 153 34.26 18.43 -1.00
N SER A 154 33.32 18.61 -0.09
CA SER A 154 33.03 17.60 0.91
C SER A 154 31.59 17.12 0.79
N GLU A 155 31.38 15.82 1.01
CA GLU A 155 30.05 15.23 1.07
C GLU A 155 29.67 14.98 2.52
N HIS A 156 28.50 15.45 2.91
CA HIS A 156 28.03 15.35 4.28
C HIS A 156 26.84 14.43 4.40
N ARG A 157 26.57 13.96 5.62
CA ARG A 157 25.44 13.09 5.89
C ARG A 157 24.81 13.50 7.20
N MET A 158 23.49 13.49 7.24
CA MET A 158 22.75 13.74 8.47
C MET A 158 21.51 12.86 8.48
N GLU A 159 21.16 12.35 9.64
CA GLU A 159 20.05 11.44 9.79
C GLU A 159 19.11 11.97 10.86
N PHE A 160 17.82 11.77 10.65
CA PHE A 160 16.80 12.18 11.63
C PHE A 160 15.91 10.97 11.93
N ARG A 161 15.35 10.91 13.16
CA ARG A 161 14.30 9.97 13.61
C ARG A 161 13.15 10.63 14.31
N ASP A 162 11.96 10.26 13.82
CA ASP A 162 10.71 10.88 14.20
C ASP A 162 10.84 12.39 14.24
N GLY A 163 11.59 12.93 13.26
CA GLY A 163 11.78 14.36 13.13
C GLY A 163 12.94 14.92 13.93
N ASN A 164 13.42 14.20 14.94
CA ASN A 164 14.51 14.66 15.78
C ASN A 164 15.83 14.28 15.14
N ALA A 165 16.85 15.10 15.39
CA ALA A 165 18.18 14.85 14.86
C ALA A 165 18.74 13.55 15.44
N ALA A 166 19.08 12.61 14.55
CA ALA A 166 19.55 11.29 14.96
C ALA A 166 21.05 11.12 14.77
N SER A 167 21.74 12.14 14.27
CA SER A 167 23.18 12.08 14.06
C SER A 167 23.73 13.49 14.11
N LYS A 168 25.04 13.61 13.90
CA LYS A 168 25.72 14.88 13.77
C LYS A 168 26.01 15.14 12.29
N LEU A 169 26.66 16.26 12.01
CA LEU A 169 26.98 16.63 10.63
C LEU A 169 28.25 15.89 10.25
N GLU A 170 28.09 14.71 9.64
CA GLU A 170 29.20 13.84 9.31
C GLU A 170 29.76 14.18 7.94
N VAL A 171 31.08 14.08 7.80
CA VAL A 171 31.75 14.16 6.50
C VAL A 171 32.04 12.73 6.05
N VAL A 172 31.33 12.27 5.02
CA VAL A 172 31.49 10.89 4.58
C VAL A 172 32.52 10.77 3.44
N GLY A 173 32.77 11.85 2.72
CA GLY A 173 33.75 11.77 1.65
C GLY A 173 34.15 13.13 1.13
N THR A 174 35.09 13.11 0.21
CA THR A 174 35.53 14.27 -0.55
C THR A 174 34.99 14.16 -1.97
N VAL A 175 34.73 15.31 -2.60
CA VAL A 175 34.11 15.37 -3.92
C VAL A 175 34.76 16.49 -4.72
N GLY A 176 34.53 16.47 -6.03
CA GLY A 176 34.99 17.57 -6.85
C GLY A 176 34.34 18.88 -6.44
N LYS A 177 35.10 19.97 -6.60
CA LYS A 177 34.67 21.28 -6.13
C LYS A 177 33.27 21.63 -6.64
N LYS A 178 33.02 21.40 -7.93
CA LYS A 178 31.74 21.75 -8.51
C LYS A 178 30.79 20.56 -8.60
N ASN A 179 31.13 19.44 -7.97
CA ASN A 179 30.17 18.34 -7.83
C ASN A 179 29.33 18.67 -6.60
N THR A 180 28.17 19.25 -6.83
CA THR A 180 27.29 19.71 -5.77
C THR A 180 25.92 19.09 -5.95
N GLY A 181 25.19 19.00 -4.86
CA GLY A 181 23.83 18.53 -4.93
C GLY A 181 23.32 18.16 -3.56
N THR A 182 22.02 17.90 -3.52
CA THR A 182 21.31 17.46 -2.33
C THR A 182 20.64 16.15 -2.66
N ARG A 183 20.76 15.19 -1.75
CA ARG A 183 20.10 13.90 -1.89
C ARG A 183 19.40 13.61 -0.58
N LEU A 184 18.08 13.49 -0.61
CA LEU A 184 17.27 13.33 0.58
C LEU A 184 16.42 12.09 0.42
N ARG A 185 16.42 11.24 1.45
CA ARG A 185 15.65 10.01 1.44
C ARG A 185 14.85 9.94 2.73
N PHE A 186 13.54 9.75 2.60
CA PHE A 186 12.66 9.78 3.76
C PHE A 186 11.78 8.54 3.78
N TRP A 187 11.47 8.10 5.00
CA TRP A 187 10.62 6.93 5.25
C TRP A 187 9.37 7.44 5.94
N ALA A 188 8.29 7.62 5.16
CA ALA A 188 7.08 8.19 5.71
C ALA A 188 6.51 7.33 6.83
N ASP A 189 6.21 7.96 7.96
CA ASP A 189 5.59 7.27 9.09
C ASP A 189 4.17 6.88 8.73
N PRO A 190 3.85 5.58 8.69
CA PRO A 190 2.49 5.19 8.25
C PRO A 190 1.39 5.63 9.20
N LYS A 191 1.72 6.07 10.42
CA LYS A 191 0.69 6.44 11.37
C LYS A 191 -0.06 7.71 10.98
N TYR A 192 0.54 8.56 10.14
CA TYR A 192 -0.07 9.82 9.73
C TYR A 192 -0.89 9.72 8.46
N PHE A 193 -0.92 8.56 7.80
CA PHE A 193 -1.50 8.46 6.46
C PHE A 193 -2.53 7.35 6.38
N ASP A 194 -3.58 7.60 5.60
CA ASP A 194 -4.57 6.56 5.33
C ASP A 194 -3.91 5.32 4.75
N THR A 195 -2.93 5.51 3.87
CA THR A 195 -2.12 4.41 3.35
C THR A 195 -0.71 4.93 3.13
N PRO A 196 0.32 4.15 3.46
CA PRO A 196 1.69 4.56 3.18
C PRO A 196 2.14 4.31 1.76
N LYS A 197 1.28 3.75 0.91
CA LYS A 197 1.66 3.38 -0.44
C LYS A 197 1.64 4.62 -1.34
N PHE A 198 2.65 4.74 -2.19
CA PHE A 198 2.74 5.82 -3.15
C PHE A 198 1.86 5.53 -4.36
N ASN A 199 1.27 6.58 -4.93
CA ASN A 199 0.54 6.47 -6.19
C ASN A 199 1.55 6.72 -7.31
N VAL A 200 2.06 5.64 -7.89
CA VAL A 200 3.18 5.76 -8.83
C VAL A 200 2.75 6.46 -10.11
N ARG A 201 1.57 6.12 -10.65
CA ARG A 201 1.07 6.78 -11.85
C ARG A 201 1.01 8.29 -11.65
N ALA A 202 0.49 8.73 -10.50
CA ALA A 202 0.40 10.17 -10.24
C ALA A 202 1.77 10.79 -10.12
N LEU A 203 2.69 10.13 -9.40
CA LEU A 203 4.04 10.66 -9.27
C LEU A 203 4.79 10.59 -10.58
N ARG A 204 4.51 9.59 -11.41
CA ARG A 204 5.09 9.53 -12.75
C ARG A 204 4.60 10.69 -13.60
N HIS A 205 3.28 10.90 -13.63
CA HIS A 205 2.73 12.03 -14.38
C HIS A 205 3.28 13.36 -13.88
N LEU A 206 3.34 13.53 -12.56
CA LEU A 206 3.85 14.76 -11.97
C LEU A 206 5.28 15.03 -12.43
N LEU A 207 6.15 14.02 -12.34
CA LEU A 207 7.56 14.22 -12.63
C LEU A 207 7.80 14.56 -14.10
N ARG A 208 7.05 13.96 -15.03
CA ARG A 208 7.27 14.26 -16.44
C ARG A 208 6.92 15.71 -16.75
N ALA A 209 5.83 16.22 -16.15
CA ALA A 209 5.45 17.60 -16.39
C ALA A 209 6.53 18.57 -15.89
N LYS A 210 7.26 18.19 -14.85
CA LYS A 210 8.36 19.03 -14.38
C LYS A 210 9.45 19.15 -15.42
N ALA A 211 9.70 18.09 -16.19
CA ALA A 211 10.66 18.17 -17.27
C ALA A 211 10.13 19.00 -18.43
N VAL A 212 8.82 18.95 -18.68
CA VAL A 212 8.22 19.74 -19.75
C VAL A 212 8.26 21.22 -19.41
N LEU A 213 7.99 21.57 -18.15
CA LEU A 213 7.83 22.95 -17.74
C LEU A 213 9.15 23.63 -17.34
N CYS A 214 10.22 22.87 -17.11
CA CYS A 214 11.53 23.43 -16.82
C CYS A 214 12.48 22.91 -17.90
N PRO A 215 12.48 23.51 -19.08
CA PRO A 215 13.35 23.02 -20.16
C PRO A 215 14.80 22.99 -19.75
N GLY A 216 15.52 21.99 -20.24
CA GLY A 216 16.87 21.73 -19.83
C GLY A 216 17.01 20.82 -18.62
N LEU A 217 15.93 20.58 -17.90
CA LEU A 217 15.96 19.72 -16.72
C LEU A 217 15.70 18.28 -17.10
N THR A 218 16.61 17.39 -16.70
CA THR A 218 16.48 15.96 -16.93
C THR A 218 15.90 15.32 -15.66
N VAL A 219 14.77 14.62 -15.79
CA VAL A 219 14.07 14.05 -14.66
C VAL A 219 13.96 12.54 -14.85
N LYS A 220 14.34 11.77 -13.83
CA LYS A 220 14.33 10.32 -13.87
C LYS A 220 13.54 9.76 -12.70
N LEU A 221 12.76 8.71 -12.95
CA LEU A 221 12.04 8.00 -11.89
C LEU A 221 12.37 6.51 -11.96
N HIS A 222 12.55 5.89 -10.79
CA HIS A 222 12.94 4.49 -10.69
C HIS A 222 12.15 3.86 -9.54
N ASP A 223 11.14 3.07 -9.90
CA ASP A 223 10.37 2.32 -8.92
C ASP A 223 11.04 0.97 -8.77
N GLU A 224 11.86 0.83 -7.72
CA GLU A 224 12.58 -0.41 -7.50
C GLU A 224 11.65 -1.56 -7.15
N ALA A 225 10.38 -1.27 -6.92
CA ALA A 225 9.48 -2.37 -6.66
C ALA A 225 9.06 -3.08 -7.95
N THR A 226 8.86 -2.31 -9.04
CA THR A 226 8.46 -2.90 -10.31
C THR A 226 9.54 -2.86 -11.37
N GLY A 227 10.73 -2.41 -11.05
CA GLY A 227 11.68 -2.26 -12.10
C GLY A 227 11.43 -1.09 -13.05
N GLU A 228 10.44 -0.21 -12.81
CA GLU A 228 10.22 0.92 -13.73
C GLU A 228 11.36 1.88 -13.71
N GLN A 229 11.68 2.32 -14.91
CA GLN A 229 12.54 3.44 -15.13
C GLN A 229 11.87 4.33 -16.16
N ASP A 230 11.99 5.63 -15.94
CA ASP A 230 11.53 6.66 -16.85
C ASP A 230 12.56 7.77 -16.81
N SER A 231 12.69 8.49 -17.92
CA SER A 231 13.66 9.57 -18.03
C SER A 231 13.15 10.59 -19.04
N TRP A 232 13.05 11.85 -18.62
CA TRP A 232 12.46 12.89 -19.42
C TRP A 232 13.39 14.08 -19.59
N TYR A 233 13.38 14.66 -20.79
CA TYR A 233 14.06 15.92 -21.08
C TYR A 233 13.37 16.53 -22.29
N PHE A 234 12.87 17.76 -22.13
CA PHE A 234 12.18 18.47 -23.19
C PHE A 234 12.61 19.92 -23.14
N GLU A 235 13.06 20.46 -24.28
CA GLU A 235 13.44 21.86 -24.36
C GLU A 235 12.30 22.80 -24.74
N ASN A 236 11.43 22.38 -25.67
CA ASN A 236 10.28 23.21 -26.03
C ASN A 236 9.16 22.22 -26.36
N GLY A 237 8.41 21.84 -25.31
CA GLY A 237 7.48 20.74 -25.48
C GLY A 237 6.08 20.90 -24.90
N LEU A 238 5.65 22.12 -24.59
CA LEU A 238 4.32 22.27 -24.02
C LEU A 238 3.24 21.88 -25.02
N ARG A 239 3.37 22.34 -26.26
CA ARG A 239 2.44 21.94 -27.30
C ARG A 239 2.41 20.42 -27.47
N ASP A 240 3.58 19.81 -27.70
CA ASP A 240 3.62 18.37 -27.88
C ASP A 240 3.23 17.61 -26.62
N TYR A 241 3.43 18.21 -25.44
CA TYR A 241 3.00 17.55 -24.21
C TYR A 241 1.48 17.40 -24.18
N LEU A 242 0.76 18.50 -24.45
CA LEU A 242 -0.70 18.43 -24.43
C LEU A 242 -1.23 17.67 -25.64
N LYS A 243 -0.56 17.77 -26.78
CA LYS A 243 -0.95 16.96 -27.93
C LYS A 243 -0.83 15.47 -27.60
N GLY A 244 0.22 15.10 -26.87
CA GLY A 244 0.41 13.70 -26.52
C GLY A 244 -0.63 13.19 -25.53
N GLU A 245 -1.09 14.07 -24.62
CA GLU A 245 -2.05 13.63 -23.62
C GLU A 245 -3.46 13.46 -24.17
N MET A 246 -3.75 14.02 -25.33
CA MET A 246 -5.04 13.84 -25.99
C MET A 246 -4.87 13.35 -27.41
N ALA A 247 -3.87 12.51 -27.66
CA ALA A 247 -3.65 12.03 -29.02
C ALA A 247 -4.82 11.20 -29.54
N GLU A 248 -5.73 10.77 -28.67
CA GLU A 248 -6.77 9.87 -29.12
C GLU A 248 -7.97 10.62 -29.63
N HIS A 249 -8.01 11.91 -29.32
CA HIS A 249 -9.16 12.75 -29.48
C HIS A 249 -8.82 13.82 -30.49
N GLU A 250 -9.86 14.44 -31.03
CA GLU A 250 -9.70 15.40 -32.12
C GLU A 250 -9.87 16.80 -31.54
N MET A 251 -8.78 17.56 -31.52
CA MET A 251 -8.82 18.92 -30.99
C MET A 251 -8.87 19.92 -32.12
N LEU A 252 -9.10 21.15 -31.75
CA LEU A 252 -9.19 22.06 -32.86
C LEU A 252 -8.77 23.34 -32.19
N PRO A 253 -7.70 24.04 -32.59
CA PRO A 253 -6.84 23.72 -33.73
C PRO A 253 -6.17 22.38 -33.51
N ALA A 254 -6.15 21.57 -34.57
CA ALA A 254 -5.54 20.26 -34.48
C ALA A 254 -4.15 20.34 -33.86
N ASP A 255 -3.47 21.46 -34.03
CA ASP A 255 -2.14 21.68 -33.51
C ASP A 255 -2.09 22.59 -32.27
N LEU A 256 -3.22 22.79 -31.58
CA LEU A 256 -3.17 23.35 -30.23
C LEU A 256 -2.64 24.79 -30.09
N PHE A 257 -3.51 25.80 -30.24
CA PHE A 257 -3.16 27.19 -29.99
C PHE A 257 -2.30 27.34 -28.73
N VAL A 258 -1.09 27.89 -28.91
CA VAL A 258 -0.12 28.13 -27.85
C VAL A 258 0.19 29.62 -27.79
N GLY A 259 0.50 30.11 -26.59
CA GLY A 259 0.90 31.48 -26.39
C GLY A 259 1.94 31.62 -25.31
N SER A 260 2.40 32.87 -25.12
CA SER A 260 3.41 33.17 -24.12
C SER A 260 3.47 34.66 -23.89
N LEU A 261 3.93 35.03 -22.69
CA LEU A 261 4.21 36.43 -22.37
C LEU A 261 5.21 36.51 -21.22
N LYS A 262 6.30 37.29 -21.38
CA LYS A 262 7.32 37.56 -20.36
C LYS A 262 7.34 38.99 -19.85
N LYS A 263 7.50 39.08 -18.54
CA LYS A 263 7.63 40.37 -17.89
C LYS A 263 8.61 40.35 -16.72
N ASP A 264 9.53 39.37 -16.60
CA ASP A 264 10.61 39.35 -15.62
C ASP A 264 10.13 39.48 -14.18
N THR A 265 8.82 39.51 -13.98
CA THR A 265 8.16 39.35 -12.69
C THR A 265 7.02 38.35 -12.81
N GLU A 266 6.53 38.13 -14.03
CA GLU A 266 5.48 37.18 -14.34
C GLU A 266 5.77 36.62 -15.72
N ILE A 267 5.69 35.30 -15.84
CA ILE A 267 5.74 34.63 -17.14
C ILE A 267 4.55 33.69 -17.20
N VAL A 268 3.91 33.62 -18.36
CA VAL A 268 2.77 32.73 -18.57
C VAL A 268 2.97 31.99 -19.89
N ASP A 269 2.74 30.69 -19.86
CA ASP A 269 2.72 29.87 -21.06
C ASP A 269 1.48 28.98 -21.00
N TRP A 270 0.90 28.71 -22.16
CA TRP A 270 -0.29 27.88 -22.19
C TRP A 270 -0.43 27.25 -23.56
N ALA A 271 -1.04 26.07 -23.58
CA ALA A 271 -1.52 25.43 -24.79
C ALA A 271 -2.97 25.05 -24.57
N ALA A 272 -3.83 25.39 -25.52
CA ALA A 272 -5.26 25.19 -25.37
C ALA A 272 -5.85 24.64 -26.65
N GLY A 273 -6.88 23.81 -26.48
CA GLY A 273 -7.63 23.29 -27.62
C GLY A 273 -9.06 23.05 -27.23
N TRP A 274 -9.91 22.89 -28.24
CA TRP A 274 -11.32 22.59 -28.04
C TRP A 274 -11.64 21.26 -28.68
N VAL A 275 -12.32 20.39 -27.94
CA VAL A 275 -12.56 19.01 -28.34
C VAL A 275 -14.06 18.79 -28.45
N PRO A 276 -14.57 18.35 -29.60
CA PRO A 276 -16.01 18.05 -29.67
C PRO A 276 -16.41 16.84 -28.85
N GLU A 277 -15.50 15.88 -28.62
CA GLU A 277 -15.80 14.62 -27.96
C GLU A 277 -14.60 14.15 -27.14
N GLY A 278 -14.86 13.55 -26.00
CA GLY A 278 -13.84 12.90 -25.19
C GLY A 278 -13.57 13.65 -23.90
N GLU A 279 -12.62 13.11 -23.13
CA GLU A 279 -12.37 13.62 -21.80
C GLU A 279 -11.22 14.61 -21.82
N LEU A 280 -11.33 15.63 -20.96
CA LEU A 280 -10.54 16.86 -21.07
C LEU A 280 -9.35 16.87 -20.13
N VAL A 281 -8.16 17.07 -20.69
CA VAL A 281 -6.97 17.35 -19.89
C VAL A 281 -6.99 18.83 -19.50
N GLN A 282 -6.97 19.12 -18.19
CA GLN A 282 -6.99 20.49 -17.69
C GLN A 282 -5.98 20.60 -16.54
N GLU A 283 -4.73 20.91 -16.89
CA GLU A 283 -3.65 21.05 -15.91
C GLU A 283 -3.20 22.51 -15.82
N SER A 284 -2.99 22.99 -14.59
CA SER A 284 -2.50 24.33 -14.37
C SER A 284 -1.36 24.30 -13.35
N TYR A 285 -0.45 25.27 -13.49
CA TYR A 285 0.80 25.27 -12.73
C TYR A 285 1.19 26.68 -12.31
N VAL A 286 1.82 26.79 -11.14
CA VAL A 286 2.34 28.04 -10.62
C VAL A 286 3.74 27.78 -10.07
N ASN A 287 4.75 28.43 -10.65
CA ASN A 287 6.16 28.09 -10.42
C ASN A 287 6.37 26.58 -10.40
N LEU A 288 5.78 25.94 -11.41
CA LEU A 288 5.90 24.50 -11.68
C LEU A 288 5.23 23.64 -10.62
N ILE A 289 4.46 24.24 -9.72
CA ILE A 289 3.69 23.49 -8.73
C ILE A 289 2.27 23.29 -9.27
N PRO A 290 1.77 22.06 -9.34
CA PRO A 290 0.42 21.85 -9.88
C PRO A 290 -0.64 22.37 -8.92
N THR A 291 -1.66 23.02 -9.49
CA THR A 291 -2.77 23.59 -8.75
C THR A 291 -4.04 22.84 -9.14
N ALA A 292 -4.43 21.86 -8.33
CA ALA A 292 -5.53 20.97 -8.70
C ALA A 292 -6.88 21.69 -8.73
N GLN A 293 -7.08 22.71 -7.89
CA GLN A 293 -8.35 23.43 -7.88
C GLN A 293 -8.26 24.75 -8.64
N HIS A 294 -7.16 24.96 -9.34
CA HIS A 294 -6.86 25.94 -10.39
C HIS A 294 -6.76 27.41 -10.02
N GLY A 295 -7.57 27.92 -9.10
CA GLY A 295 -7.25 29.32 -8.81
C GLY A 295 -7.51 30.37 -9.91
N THR A 296 -6.88 31.54 -9.69
CA THR A 296 -7.13 32.75 -10.48
C THR A 296 -6.43 32.77 -11.83
N HIS A 297 -5.25 32.15 -11.94
CA HIS A 297 -4.54 32.15 -13.21
C HIS A 297 -5.34 31.42 -14.28
N VAL A 298 -6.06 30.36 -13.89
CA VAL A 298 -6.96 29.69 -14.83
C VAL A 298 -8.14 30.60 -15.15
N ASN A 299 -8.59 31.38 -14.17
CA ASN A 299 -9.70 32.31 -14.41
C ASN A 299 -9.34 33.33 -15.49
N GLY A 300 -8.12 33.87 -15.43
CA GLY A 300 -7.70 34.82 -16.45
C GLY A 300 -7.65 34.22 -17.84
N LEU A 301 -7.14 32.98 -17.95
CA LEU A 301 -7.10 32.33 -19.25
C LEU A 301 -8.49 32.17 -19.84
N ARG A 302 -9.47 31.83 -19.01
CA ARG A 302 -10.83 31.69 -19.49
C ARG A 302 -11.41 33.02 -19.94
N SER A 303 -11.23 34.07 -19.14
CA SER A 303 -11.76 35.38 -19.52
C SER A 303 -11.12 35.88 -20.80
N GLY A 304 -9.79 35.77 -20.91
CA GLY A 304 -9.10 36.24 -22.09
C GLY A 304 -9.52 35.50 -23.35
N LEU A 305 -9.57 34.17 -23.29
CA LEU A 305 -9.99 33.40 -24.44
C LEU A 305 -11.45 33.68 -24.77
N THR A 306 -12.26 33.91 -23.74
CA THR A 306 -13.68 34.13 -23.95
C THR A 306 -13.88 35.48 -24.66
N ASP A 307 -13.18 36.52 -24.17
CA ASP A 307 -13.21 37.86 -24.78
C ASP A 307 -12.81 37.83 -26.25
N ALA A 308 -11.74 37.10 -26.56
CA ALA A 308 -11.25 37.05 -27.92
C ALA A 308 -12.22 36.26 -28.78
N LEU A 309 -12.92 35.31 -28.17
CA LEU A 309 -13.88 34.52 -28.93
C LEU A 309 -15.24 35.22 -29.02
N ARG A 310 -15.70 35.96 -28.02
CA ARG A 310 -16.96 36.63 -28.29
C ARG A 310 -16.72 37.87 -29.22
N GLU A 311 -15.51 38.47 -29.23
CA GLU A 311 -15.21 39.52 -30.22
C GLU A 311 -15.00 38.99 -31.65
N PHE A 312 -14.76 37.69 -31.81
CA PHE A 312 -14.57 37.09 -33.12
C PHE A 312 -15.89 36.61 -33.68
N CYS A 313 -16.80 36.19 -32.80
CA CYS A 313 -18.15 35.83 -33.21
C CYS A 313 -18.95 37.06 -33.62
N ASP A 314 -18.66 38.23 -33.04
CA ASP A 314 -19.40 39.44 -33.37
C ASP A 314 -18.82 40.18 -34.58
N PHE A 315 -17.50 40.31 -34.65
CA PHE A 315 -16.85 40.94 -35.78
C PHE A 315 -17.06 40.13 -37.05
N ARG A 316 -17.39 38.85 -36.94
CA ARG A 316 -17.74 38.05 -38.09
C ARG A 316 -19.18 37.59 -38.12
N ASN A 317 -20.03 37.95 -37.14
CA ASN A 317 -21.41 37.46 -37.16
C ASN A 317 -21.52 35.96 -37.36
N LEU A 318 -20.74 35.23 -36.57
CA LEU A 318 -20.94 33.79 -36.44
C LEU A 318 -22.04 33.48 -35.44
N LEU A 319 -22.53 34.48 -34.72
CA LEU A 319 -23.42 34.26 -33.59
C LEU A 319 -24.86 34.35 -34.04
N PRO A 320 -25.65 33.27 -33.93
CA PRO A 320 -27.08 33.40 -34.22
C PRO A 320 -27.65 34.48 -33.31
N ARG A 321 -28.85 34.94 -33.61
CA ARG A 321 -29.42 36.00 -32.79
C ARG A 321 -30.29 35.42 -31.69
N GLY A 322 -30.19 36.04 -30.51
CA GLY A 322 -30.69 35.45 -29.29
C GLY A 322 -29.67 34.64 -28.50
N VAL A 323 -28.53 34.27 -29.09
CA VAL A 323 -27.50 33.51 -28.39
C VAL A 323 -26.36 34.44 -28.06
N LYS A 324 -25.86 34.31 -26.85
CA LYS A 324 -24.74 35.10 -26.40
C LYS A 324 -23.80 34.09 -25.75
N LEU A 325 -22.49 34.26 -25.91
CA LEU A 325 -21.55 33.25 -25.39
C LEU A 325 -21.17 33.53 -23.95
N ALA A 326 -21.46 32.58 -23.07
CA ALA A 326 -20.94 32.77 -21.71
C ALA A 326 -19.59 32.06 -21.60
N PRO A 327 -18.73 32.50 -20.67
CA PRO A 327 -17.42 31.84 -20.53
C PRO A 327 -17.56 30.34 -20.34
N GLU A 328 -18.62 29.93 -19.65
CA GLU A 328 -18.92 28.51 -19.47
C GLU A 328 -18.98 27.78 -20.81
N ASP A 329 -19.54 28.41 -21.84
CA ASP A 329 -19.64 27.76 -23.14
C ASP A 329 -18.26 27.63 -23.79
N VAL A 330 -17.45 28.68 -23.69
CA VAL A 330 -16.06 28.61 -24.14
C VAL A 330 -15.33 27.47 -23.44
N TRP A 331 -15.49 27.35 -22.13
CA TRP A 331 -14.68 26.42 -21.35
C TRP A 331 -15.21 25.01 -21.28
N ASP A 332 -16.46 24.75 -21.68
CA ASP A 332 -17.01 23.43 -21.43
C ASP A 332 -16.21 22.36 -22.17
N ARG A 333 -15.60 22.71 -23.29
CA ARG A 333 -14.94 21.70 -24.10
C ARG A 333 -13.48 22.06 -24.37
N VAL A 334 -12.85 22.81 -23.47
CA VAL A 334 -11.45 23.18 -23.60
C VAL A 334 -10.56 22.14 -22.94
N THR A 335 -9.39 21.91 -23.54
CA THR A 335 -8.29 21.18 -22.91
C THR A 335 -7.07 22.10 -22.92
N PHE A 336 -6.57 22.44 -21.73
CA PHE A 336 -5.48 23.39 -21.60
C PHE A 336 -4.39 22.84 -20.69
N VAL A 337 -3.20 23.43 -20.83
CA VAL A 337 -2.10 23.28 -19.89
C VAL A 337 -1.54 24.67 -19.64
N LEU A 338 -1.71 25.19 -18.44
CA LEU A 338 -1.32 26.53 -18.09
C LEU A 338 -0.16 26.49 -17.10
N SER A 339 0.93 27.18 -17.43
CA SER A 339 2.11 27.23 -16.57
C SER A 339 2.43 28.70 -16.33
N LEU A 340 2.05 29.20 -15.16
CA LEU A 340 2.38 30.55 -14.75
C LEU A 340 3.60 30.53 -13.85
N LYS A 341 4.48 31.51 -14.03
CA LYS A 341 5.61 31.73 -13.15
C LYS A 341 5.57 33.17 -12.70
N MET A 342 5.54 33.38 -11.38
CA MET A 342 5.51 34.73 -10.85
C MET A 342 6.31 34.75 -9.55
N THR A 343 6.94 35.89 -9.30
CA THR A 343 7.53 36.12 -7.98
C THR A 343 6.42 36.33 -6.97
N ASP A 344 6.48 35.60 -5.86
CA ASP A 344 5.52 35.70 -4.78
C ASP A 344 4.11 35.36 -5.22
N PRO A 345 3.82 34.10 -5.51
CA PRO A 345 2.42 33.69 -5.67
C PRO A 345 1.76 33.60 -4.31
N GLN A 346 0.45 33.38 -4.32
CA GLN A 346 -0.33 33.25 -3.09
C GLN A 346 -1.21 32.02 -3.20
N PHE A 347 -0.87 30.98 -2.44
CA PHE A 347 -1.64 29.75 -2.40
C PHE A 347 -2.49 29.72 -1.14
N SER A 348 -3.54 28.91 -1.19
CA SER A 348 -4.51 28.78 -0.11
C SER A 348 -4.09 27.78 0.96
N GLY A 349 -3.00 27.05 0.77
CA GLY A 349 -2.60 26.04 1.72
C GLY A 349 -1.23 25.50 1.35
N GLN A 350 -0.69 24.70 2.26
CA GLN A 350 0.64 24.14 2.04
C GLN A 350 0.66 23.21 0.82
N THR A 351 -0.42 22.46 0.60
CA THR A 351 -0.49 21.59 -0.58
C THR A 351 -0.63 22.37 -1.87
N LYS A 352 -0.94 23.67 -1.80
CA LYS A 352 -0.94 24.57 -2.94
C LYS A 352 -1.82 24.06 -4.09
N GLU A 353 -3.13 23.97 -3.79
CA GLU A 353 -4.09 23.45 -4.74
C GLU A 353 -4.78 24.54 -5.56
N ARG A 354 -5.00 25.73 -5.01
CA ARG A 354 -5.49 26.84 -5.82
C ARG A 354 -4.66 28.08 -5.55
N LEU A 355 -4.53 28.88 -6.60
CA LEU A 355 -3.78 30.12 -6.58
C LEU A 355 -4.76 31.28 -6.39
N SER A 356 -4.53 32.08 -5.35
CA SER A 356 -5.41 33.19 -5.04
C SER A 356 -4.76 34.54 -5.30
N SER A 357 -3.59 34.57 -5.91
CA SER A 357 -3.01 35.85 -6.28
C SER A 357 -3.94 36.55 -7.27
N ARG A 358 -4.41 37.74 -6.88
CA ARG A 358 -5.32 38.55 -7.69
C ARG A 358 -4.62 39.25 -8.86
N GLN A 359 -3.29 39.38 -8.80
CA GLN A 359 -2.48 39.90 -9.91
C GLN A 359 -2.67 39.05 -11.15
N ALA A 360 -2.54 37.74 -10.96
CA ALA A 360 -2.50 36.71 -12.00
C ALA A 360 -3.73 36.69 -12.92
N ALA A 361 -4.90 36.99 -12.39
CA ALA A 361 -6.11 36.92 -13.21
C ALA A 361 -6.02 37.91 -14.36
N GLY A 362 -5.65 39.16 -14.06
CA GLY A 362 -5.57 40.16 -15.11
C GLY A 362 -4.43 39.91 -16.09
N PHE A 363 -3.24 39.59 -15.56
CA PHE A 363 -2.07 39.40 -16.40
C PHE A 363 -2.31 38.33 -17.46
N ILE A 364 -2.90 37.20 -17.07
CA ILE A 364 -3.14 36.13 -18.03
C ILE A 364 -4.33 36.48 -18.93
N GLU A 365 -5.34 37.15 -18.39
CA GLU A 365 -6.49 37.52 -19.22
C GLU A 365 -6.05 38.43 -20.36
N GLY A 366 -5.25 39.46 -20.04
CA GLY A 366 -4.73 40.33 -21.09
C GLY A 366 -3.85 39.59 -22.08
N ALA A 367 -2.87 38.85 -21.56
CA ALA A 367 -1.95 38.09 -22.41
C ALA A 367 -2.72 37.18 -23.38
N ALA A 368 -3.68 36.42 -22.84
CA ALA A 368 -4.45 35.50 -23.67
C ALA A 368 -5.40 36.23 -24.61
N HIS A 369 -5.98 37.34 -24.15
CA HIS A 369 -6.94 38.06 -24.98
C HIS A 369 -6.27 38.63 -26.22
N ASP A 370 -5.09 39.23 -26.06
CA ASP A 370 -4.33 39.72 -27.20
C ASP A 370 -3.87 38.58 -28.10
N ALA A 371 -3.25 37.55 -27.52
CA ALA A 371 -2.64 36.49 -28.33
C ALA A 371 -3.66 35.64 -29.05
N PHE A 372 -4.85 35.43 -28.47
CA PHE A 372 -5.87 34.65 -29.14
C PHE A 372 -6.59 35.46 -30.21
N SER A 373 -6.80 36.76 -29.97
CA SER A 373 -7.39 37.63 -30.99
C SER A 373 -6.55 37.67 -32.25
N LEU A 374 -5.23 37.77 -32.10
CA LEU A 374 -4.34 37.72 -33.26
C LEU A 374 -4.44 36.38 -33.96
N TYR A 375 -4.46 35.29 -33.19
CA TYR A 375 -4.58 33.96 -33.79
C TYR A 375 -5.85 33.83 -34.61
N LEU A 376 -6.98 34.32 -34.09
CA LEU A 376 -8.25 34.13 -34.78
C LEU A 376 -8.31 34.94 -36.06
N ASN A 377 -7.91 36.21 -36.01
CA ASN A 377 -7.96 37.05 -37.21
C ASN A 377 -6.90 36.64 -38.23
N GLN A 378 -5.92 35.83 -37.83
CA GLN A 378 -4.94 35.27 -38.75
C GLN A 378 -5.34 33.90 -39.28
N ASN A 379 -6.23 33.20 -38.59
CA ASN A 379 -6.60 31.81 -38.86
C ASN A 379 -8.13 31.68 -38.86
N VAL A 380 -8.78 32.41 -39.78
CA VAL A 380 -10.20 32.70 -39.66
C VAL A 380 -11.05 31.43 -39.68
N GLU A 381 -10.72 30.51 -40.58
CA GLU A 381 -11.51 29.28 -40.74
C GLU A 381 -11.42 28.38 -39.54
N ILE A 382 -10.26 28.32 -38.92
CA ILE A 382 -10.11 27.55 -37.71
C ILE A 382 -10.92 28.20 -36.58
N GLY A 383 -10.79 29.52 -36.43
CA GLY A 383 -11.51 30.22 -35.37
C GLY A 383 -13.02 30.05 -35.46
N GLU A 384 -13.55 30.06 -36.69
CA GLU A 384 -14.96 29.74 -36.90
C GLU A 384 -15.29 28.37 -36.32
N LYS A 385 -14.51 27.36 -36.71
CA LYS A 385 -14.75 26.01 -36.21
C LYS A 385 -14.62 25.95 -34.69
N ILE A 386 -13.70 26.75 -34.10
CA ILE A 386 -13.70 26.91 -32.65
C ILE A 386 -15.01 27.51 -32.18
N ALA A 387 -15.39 28.64 -32.79
CA ALA A 387 -16.56 29.38 -32.34
C ALA A 387 -17.83 28.53 -32.39
N GLN A 388 -17.95 27.67 -33.40
CA GLN A 388 -19.15 26.83 -33.49
C GLN A 388 -19.27 25.88 -32.30
N ILE A 389 -18.14 25.35 -31.80
CA ILE A 389 -18.21 24.50 -30.62
C ILE A 389 -18.75 25.28 -29.42
N ALA A 390 -18.29 26.51 -29.25
CA ALA A 390 -18.81 27.35 -28.16
C ALA A 390 -20.26 27.73 -28.41
N ILE A 391 -20.61 28.01 -29.66
CA ILE A 391 -21.99 28.40 -29.97
C ILE A 391 -22.93 27.22 -29.74
N ASP A 392 -22.47 26.01 -30.08
CA ASP A 392 -23.26 24.81 -29.83
C ASP A 392 -23.45 24.56 -28.34
N ARG A 393 -22.46 24.93 -27.52
CA ARG A 393 -22.62 24.76 -26.08
C ARG A 393 -23.57 25.80 -25.50
N ALA A 394 -23.52 27.02 -26.03
CA ALA A 394 -24.37 28.08 -25.50
C ALA A 394 -25.82 27.85 -25.87
N SER A 395 -26.08 27.52 -27.14
CA SER A 395 -27.43 27.16 -27.58
C SER A 395 -28.01 26.05 -26.71
N ALA A 396 -27.17 25.10 -26.28
CA ALA A 396 -27.63 23.97 -25.48
C ALA A 396 -27.82 24.40 -24.03
N ARG B 23 26.37 34.14 -3.38
CA ARG B 23 25.85 32.87 -2.91
C ARG B 23 24.85 32.66 -1.80
N TYR B 24 25.06 31.53 -1.14
CA TYR B 24 23.98 30.75 -0.60
C TYR B 24 24.54 29.90 0.52
N ASN B 25 24.42 30.40 1.72
CA ASN B 25 24.90 29.72 2.89
C ASN B 25 23.80 29.83 3.93
N ALA B 26 24.09 29.28 5.11
CA ALA B 26 23.12 29.23 6.20
C ALA B 26 22.54 30.60 6.53
N ALA B 27 23.35 31.66 6.44
CA ALA B 27 22.83 32.99 6.74
C ALA B 27 21.67 33.36 5.81
N ASP B 28 21.66 32.83 4.59
CA ASP B 28 20.59 33.09 3.65
C ASP B 28 19.30 32.35 3.99
N ILE B 29 19.32 31.51 5.02
CA ILE B 29 18.12 30.84 5.50
C ILE B 29 17.50 31.72 6.57
N GLU B 30 16.35 32.30 6.29
CA GLU B 30 15.71 33.18 7.25
C GLU B 30 14.70 32.39 8.08
N VAL B 31 14.58 32.76 9.34
CA VAL B 31 13.65 32.13 10.26
C VAL B 31 12.64 33.19 10.65
N LEU B 32 11.39 33.01 10.21
CA LEU B 32 10.31 33.90 10.60
C LEU B 32 9.69 33.40 11.89
N SER B 33 9.54 34.31 12.85
CA SER B 33 9.05 33.99 14.19
C SER B 33 7.92 34.95 14.55
N GLY B 34 7.24 34.63 15.65
CA GLY B 34 6.11 35.44 16.06
C GLY B 34 4.97 35.25 15.08
N LEU B 35 4.41 36.36 14.61
CA LEU B 35 3.36 36.35 13.60
C LEU B 35 3.90 36.61 12.21
N ASP B 36 5.22 36.75 12.05
CA ASP B 36 5.80 37.07 10.76
C ASP B 36 5.42 36.11 9.63
N PRO B 37 5.34 34.79 9.83
CA PRO B 37 4.86 33.93 8.73
C PRO B 37 3.50 34.32 8.19
N VAL B 38 2.59 34.77 9.05
CA VAL B 38 1.25 35.15 8.60
C VAL B 38 1.31 36.42 7.76
N LYS B 39 2.12 37.40 8.17
CA LYS B 39 2.20 38.65 7.43
C LYS B 39 2.87 38.48 6.08
N ARG B 40 3.85 37.58 5.96
CA ARG B 40 4.56 37.45 4.69
C ARG B 40 3.81 36.60 3.69
N ARG B 41 3.08 35.58 4.15
CA ARG B 41 2.29 34.71 3.27
C ARG B 41 0.93 34.45 3.89
N PRO B 42 0.07 35.48 3.91
CA PRO B 42 -1.26 35.31 4.52
C PRO B 42 -2.17 34.36 3.77
N GLY B 43 -1.88 34.08 2.50
CA GLY B 43 -2.75 33.22 1.72
C GLY B 43 -2.92 31.83 2.29
N MET B 44 -1.91 31.33 3.00
CA MET B 44 -2.01 29.99 3.57
C MET B 44 -2.77 29.97 4.90
N TYR B 45 -3.04 31.13 5.49
CA TYR B 45 -3.73 31.18 6.78
C TYR B 45 -5.14 31.72 6.70
N THR B 46 -5.54 32.34 5.59
CA THR B 46 -6.88 32.87 5.46
C THR B 46 -7.24 32.99 3.99
N ASP B 47 -8.52 33.26 3.74
CA ASP B 47 -9.00 33.64 2.42
C ASP B 47 -8.77 35.13 2.28
N THR B 48 -7.80 35.51 1.45
CA THR B 48 -7.45 36.91 1.28
C THR B 48 -8.32 37.62 0.25
N ALA B 49 -9.40 37.00 -0.21
CA ALA B 49 -10.30 37.68 -1.13
C ALA B 49 -11.09 38.76 -0.40
N ARG B 50 -11.50 38.49 0.83
CA ARG B 50 -12.19 39.46 1.68
C ARG B 50 -11.97 39.05 3.12
N PRO B 51 -12.11 39.98 4.07
CA PRO B 51 -11.83 39.67 5.48
C PRO B 51 -12.89 38.85 6.18
N ASN B 52 -13.82 38.23 5.42
CA ASN B 52 -14.86 37.41 6.02
C ASN B 52 -14.27 36.31 6.90
N HIS B 53 -13.26 35.59 6.38
CA HIS B 53 -12.70 34.48 7.12
C HIS B 53 -11.96 34.93 8.38
N LEU B 54 -11.51 36.18 8.43
CA LEU B 54 -10.98 36.71 9.68
C LEU B 54 -12.07 36.74 10.76
N ALA B 55 -13.25 37.26 10.40
CA ALA B 55 -14.37 37.25 11.33
C ALA B 55 -14.72 35.83 11.74
N GLN B 56 -14.75 34.90 10.77
CA GLN B 56 -15.07 33.51 11.06
C GLN B 56 -14.22 32.94 12.19
N GLU B 57 -12.90 33.20 12.15
CA GLU B 57 -12.02 32.72 13.20
C GLU B 57 -12.48 33.19 14.58
N VAL B 58 -12.93 34.45 14.66
CA VAL B 58 -13.43 34.97 15.93
C VAL B 58 -14.79 34.38 16.25
N ILE B 59 -15.66 34.24 15.24
CA ILE B 59 -16.94 33.57 15.44
C ILE B 59 -16.73 32.17 15.98
N ASP B 60 -15.81 31.42 15.34
CA ASP B 60 -15.58 30.02 15.69
C ASP B 60 -15.18 29.86 17.15
N ASN B 61 -14.30 30.73 17.63
CA ASN B 61 -13.87 30.64 19.02
C ASN B 61 -15.01 30.92 19.98
N SER B 62 -15.95 31.76 19.59
CA SER B 62 -17.13 32.02 20.42
C SER B 62 -18.10 30.84 20.37
N VAL B 63 -18.33 30.28 19.18
CA VAL B 63 -19.19 29.11 19.05
C VAL B 63 -18.64 27.94 19.85
N ASP B 64 -17.31 27.81 19.91
CA ASP B 64 -16.73 26.71 20.69
C ASP B 64 -17.02 26.87 22.17
N GLU B 65 -16.97 28.11 22.68
CA GLU B 65 -17.45 28.36 24.03
C GLU B 65 -18.91 27.96 24.19
N ALA B 66 -19.73 28.25 23.17
CA ALA B 66 -21.13 27.85 23.22
C ALA B 66 -21.27 26.33 23.19
N LEU B 67 -20.53 25.67 22.28
CA LEU B 67 -20.58 24.22 22.18
C LEU B 67 -20.14 23.54 23.47
N ALA B 68 -19.35 24.22 24.31
CA ALA B 68 -18.94 23.68 25.60
C ALA B 68 -19.89 24.07 26.72
N GLY B 69 -21.08 24.57 26.38
CA GLY B 69 -22.09 24.88 27.37
C GLY B 69 -21.76 26.03 28.30
N HIS B 70 -21.01 27.03 27.83
CA HIS B 70 -20.66 28.17 28.65
C HIS B 70 -21.11 29.50 28.07
N ALA B 71 -21.46 29.57 26.79
CA ALA B 71 -21.95 30.77 26.15
C ALA B 71 -23.31 30.50 25.56
N LYS B 72 -24.17 31.53 25.67
CA LYS B 72 -25.54 31.51 25.16
C LYS B 72 -25.90 32.61 24.18
N GLN B 73 -24.96 33.50 23.85
CA GLN B 73 -25.22 34.55 22.87
C GLN B 73 -23.93 35.08 22.28
N ILE B 74 -23.85 35.08 20.95
CA ILE B 74 -22.77 35.70 20.20
C ILE B 74 -23.37 36.88 19.46
N GLU B 75 -22.71 38.04 19.54
CA GLU B 75 -23.18 39.25 18.88
C GLU B 75 -22.09 39.75 17.94
N VAL B 76 -22.40 39.83 16.65
CA VAL B 76 -21.47 40.27 15.62
C VAL B 76 -21.93 41.61 15.10
N THR B 77 -21.03 42.59 15.11
CA THR B 77 -21.33 43.93 14.61
C THR B 77 -20.30 44.27 13.54
N LEU B 78 -20.79 44.60 12.35
CA LEU B 78 -19.94 45.04 11.25
C LEU B 78 -20.04 46.55 11.21
N TYR B 79 -19.02 47.24 11.72
CA TYR B 79 -19.09 48.68 11.82
C TYR B 79 -18.83 49.33 10.47
N LYS B 80 -19.35 50.54 10.30
CA LYS B 80 -19.21 51.25 9.04
C LYS B 80 -17.77 51.61 8.73
N ASP B 81 -16.89 51.65 9.74
CA ASP B 81 -15.49 51.96 9.53
C ASP B 81 -14.69 50.76 9.02
N GLY B 82 -15.36 49.69 8.61
CA GLY B 82 -14.72 48.50 8.10
C GLY B 82 -14.35 47.46 9.13
N SER B 83 -14.39 47.80 10.42
CA SER B 83 -14.03 46.85 11.46
C SER B 83 -15.19 45.92 11.80
N CYS B 84 -14.87 44.81 12.46
CA CYS B 84 -15.86 43.85 12.94
C CYS B 84 -15.57 43.50 14.39
N GLU B 85 -16.64 43.25 15.15
CA GLU B 85 -16.52 42.93 16.56
C GLU B 85 -17.43 41.75 16.90
N VAL B 86 -16.91 40.84 17.71
CA VAL B 86 -17.62 39.62 18.11
C VAL B 86 -17.54 39.51 19.63
N SER B 87 -18.71 39.42 20.26
CA SER B 87 -18.81 39.35 21.71
C SER B 87 -19.59 38.11 22.11
N ASP B 88 -19.07 37.37 23.09
CA ASP B 88 -19.77 36.23 23.66
C ASP B 88 -19.83 36.39 25.18
N ASP B 89 -20.76 35.65 25.79
CA ASP B 89 -20.87 35.57 27.24
C ASP B 89 -20.29 34.26 27.78
N GLY B 90 -19.23 33.77 27.15
CA GLY B 90 -18.58 32.55 27.57
C GLY B 90 -17.64 32.76 28.75
N ARG B 91 -16.70 31.82 28.88
CA ARG B 91 -15.80 31.82 30.03
C ARG B 91 -14.81 32.98 30.01
N GLY B 92 -14.60 33.61 28.85
CA GLY B 92 -13.63 34.68 28.71
C GLY B 92 -12.24 34.11 28.53
N MET B 93 -11.44 34.67 27.61
CA MET B 93 -10.13 34.03 27.49
C MET B 93 -9.24 34.39 28.67
N PRO B 94 -8.38 33.45 29.09
CA PRO B 94 -7.60 33.64 30.32
C PRO B 94 -6.80 34.93 30.36
N VAL B 95 -6.80 35.57 31.52
CA VAL B 95 -6.05 36.80 31.75
C VAL B 95 -4.85 36.57 32.65
N ASP B 96 -4.80 35.46 33.36
CA ASP B 96 -3.61 35.20 34.13
C ASP B 96 -2.40 34.92 33.21
N ILE B 97 -1.15 35.06 33.83
CA ILE B 97 0.17 34.73 33.28
C ILE B 97 0.31 33.24 33.04
N HIS B 98 0.82 32.89 31.84
CA HIS B 98 1.11 31.49 31.48
C HIS B 98 2.30 30.96 32.29
N PRO B 99 2.22 29.77 32.88
CA PRO B 99 3.31 29.33 33.77
C PRO B 99 4.68 29.19 33.07
N GLU B 100 4.71 28.88 31.76
CA GLU B 100 5.95 28.57 31.04
C GLU B 100 6.20 29.53 29.88
N GLU B 101 5.28 30.47 29.66
CA GLU B 101 5.45 31.49 28.61
C GLU B 101 5.53 32.92 29.17
N LYS B 102 5.24 33.13 30.46
CA LYS B 102 5.45 34.39 31.20
C LYS B 102 4.51 35.55 30.87
N ILE B 103 3.71 35.46 29.82
CA ILE B 103 2.84 36.58 29.46
C ILE B 103 1.39 36.22 29.77
N PRO B 104 0.46 37.17 29.91
CA PRO B 104 -0.93 36.78 30.19
C PRO B 104 -1.52 35.94 29.06
N GLY B 105 -2.51 35.12 29.43
CA GLY B 105 -3.08 34.19 28.46
C GLY B 105 -3.52 34.88 27.19
N VAL B 106 -4.26 35.99 27.32
CA VAL B 106 -4.74 36.70 26.15
C VAL B 106 -3.57 37.12 25.26
N GLU B 107 -2.50 37.65 25.88
CA GLU B 107 -1.31 38.01 25.11
C GLU B 107 -0.77 36.82 24.34
N LEU B 108 -0.64 35.67 25.01
CA LEU B 108 -0.17 34.47 24.32
C LEU B 108 -1.10 34.09 23.18
N ILE B 109 -2.41 34.07 23.45
CA ILE B 109 -3.41 33.67 22.45
C ILE B 109 -3.26 34.50 21.19
N LEU B 110 -3.18 35.81 21.35
CA LEU B 110 -3.21 36.75 20.23
C LEU B 110 -1.88 36.78 19.47
N THR B 111 -0.79 36.42 20.12
CA THR B 111 0.55 36.71 19.62
C THR B 111 1.32 35.51 19.10
N ARG B 112 0.98 34.29 19.53
CA ARG B 112 1.76 33.12 19.20
C ARG B 112 0.97 32.16 18.32
N LEU B 113 1.64 31.58 17.34
CA LEU B 113 1.04 30.53 16.52
C LEU B 113 1.07 29.21 17.28
N HIS B 114 0.09 28.36 17.00
CA HIS B 114 0.01 27.02 17.57
C HIS B 114 -0.06 27.06 19.10
N ALA B 115 -0.86 27.98 19.62
CA ALA B 115 -1.12 28.08 21.06
C ALA B 115 -2.62 28.12 21.28
N GLY B 116 -3.15 27.10 21.95
CA GLY B 116 -4.58 27.02 22.15
C GLY B 116 -4.93 25.97 23.18
N GLY B 117 -6.19 26.00 23.59
CA GLY B 117 -6.76 25.05 24.52
C GLY B 117 -7.44 23.88 23.86
N LYS B 118 -7.26 23.72 22.54
CA LYS B 118 -8.03 22.78 21.74
C LYS B 118 -7.16 21.67 21.14
N PHE B 119 -5.95 21.49 21.66
CA PHE B 119 -5.13 20.35 21.27
C PHE B 119 -5.56 19.07 21.99
N ASN B 120 -6.38 19.17 23.03
CA ASN B 120 -6.96 18.01 23.70
C ASN B 120 -8.48 18.16 23.70
N ASN B 121 -9.17 17.27 24.41
CA ASN B 121 -10.61 17.40 24.66
C ASN B 121 -10.88 17.66 26.15
N ARG B 122 -10.03 18.46 26.78
CA ARG B 122 -10.16 18.87 28.17
C ARG B 122 -11.02 20.11 28.38
N ASN B 123 -10.63 21.24 27.76
CA ASN B 123 -11.31 22.51 27.93
C ASN B 123 -12.48 22.72 26.97
N TYR B 124 -12.45 22.04 25.82
CA TYR B 124 -13.53 22.04 24.85
C TYR B 124 -13.64 20.61 24.32
N THR B 125 -14.84 20.05 24.33
CA THR B 125 -14.98 18.69 23.80
C THR B 125 -15.11 18.69 22.29
N PHE B 126 -16.16 19.32 21.76
CA PHE B 126 -16.40 19.38 20.32
C PHE B 126 -16.19 20.83 19.85
N SER B 127 -14.93 21.16 19.58
CA SER B 127 -14.57 22.51 19.15
C SER B 127 -14.32 22.56 17.65
N GLY B 128 -14.71 23.68 17.03
CA GLY B 128 -14.33 23.92 15.65
C GLY B 128 -12.85 24.23 15.50
N GLY B 129 -12.27 24.90 16.48
CA GLY B 129 -10.86 25.23 16.43
C GLY B 129 -9.99 24.04 16.81
N LEU B 130 -8.92 23.84 16.02
CA LEU B 130 -7.99 22.76 16.33
C LEU B 130 -6.52 23.12 16.15
N HIS B 131 -6.16 24.17 15.42
CA HIS B 131 -4.75 24.43 15.09
C HIS B 131 -4.07 25.38 16.07
N GLY B 132 -4.85 26.13 16.85
CA GLY B 132 -4.28 27.16 17.71
C GLY B 132 -3.71 28.35 16.96
N VAL B 133 -4.33 28.71 15.84
CA VAL B 133 -3.75 29.69 14.91
C VAL B 133 -4.74 30.80 14.61
N GLY B 134 -6.03 30.50 14.71
CA GLY B 134 -7.11 31.38 14.27
C GLY B 134 -7.04 32.83 14.69
N VAL B 135 -7.13 33.09 16.00
CA VAL B 135 -7.11 34.47 16.49
C VAL B 135 -5.82 35.17 16.09
N SER B 136 -4.69 34.45 16.16
CA SER B 136 -3.40 35.04 15.78
C SER B 136 -3.40 35.52 14.34
N VAL B 137 -4.07 34.79 13.44
CA VAL B 137 -4.17 35.22 12.05
C VAL B 137 -4.96 36.50 11.93
N VAL B 138 -6.11 36.58 12.61
CA VAL B 138 -6.94 37.78 12.58
C VAL B 138 -6.12 39.01 12.98
N ASN B 139 -5.43 38.94 14.11
CA ASN B 139 -4.66 40.07 14.60
C ASN B 139 -3.46 40.35 13.71
N ALA B 140 -2.74 39.31 13.32
CA ALA B 140 -1.54 39.48 12.49
C ALA B 140 -1.85 40.24 11.22
N LEU B 141 -3.09 40.14 10.72
CA LEU B 141 -3.48 40.79 9.48
C LEU B 141 -4.39 41.99 9.74
N SER B 142 -4.33 42.57 10.93
CA SER B 142 -5.16 43.72 11.28
C SER B 142 -4.27 44.86 11.74
N THR B 143 -4.54 46.05 11.23
CA THR B 143 -3.85 47.25 11.70
C THR B 143 -4.12 47.52 13.17
N LYS B 144 -5.28 47.11 13.67
CA LYS B 144 -5.66 47.35 15.06
C LYS B 144 -6.56 46.23 15.53
N VAL B 145 -6.35 45.77 16.77
CA VAL B 145 -7.23 44.81 17.43
C VAL B 145 -7.42 45.26 18.88
N GLU B 146 -8.68 45.32 19.31
CA GLU B 146 -9.03 45.73 20.66
C GLU B 146 -9.99 44.71 21.27
N LEU B 147 -9.67 44.18 22.44
CA LEU B 147 -10.49 43.16 23.07
C LEU B 147 -10.77 43.44 24.55
N PHE B 148 -11.95 42.99 24.99
CA PHE B 148 -12.41 43.09 26.37
C PHE B 148 -12.74 41.70 26.88
N ILE B 149 -12.14 41.33 28.01
CA ILE B 149 -12.44 40.06 28.67
C ILE B 149 -13.10 40.33 30.02
N LYS B 150 -14.10 39.52 30.35
CA LYS B 150 -14.78 39.58 31.64
C LYS B 150 -14.52 38.26 32.37
N ARG B 151 -13.66 38.30 33.38
CA ARG B 151 -13.38 37.15 34.23
C ARG B 151 -13.09 37.63 35.64
N GLU B 152 -13.38 36.77 36.63
CA GLU B 152 -12.97 36.98 38.02
C GLU B 152 -13.45 38.31 38.60
N GLY B 153 -14.64 38.75 38.22
CA GLY B 153 -15.19 39.95 38.82
C GLY B 153 -14.58 41.25 38.34
N SER B 154 -13.52 41.18 37.57
CA SER B 154 -12.82 42.35 37.04
C SER B 154 -12.87 42.29 35.52
N GLU B 155 -12.99 43.45 34.88
CA GLU B 155 -12.98 43.54 33.43
C GLU B 155 -11.62 44.01 32.93
N HIS B 156 -11.04 43.26 31.99
CA HIS B 156 -9.73 43.57 31.44
C HIS B 156 -9.86 44.00 29.98
N ARG B 157 -8.86 44.74 29.53
CA ARG B 157 -8.80 45.27 28.17
C ARG B 157 -7.36 45.24 27.68
N MET B 158 -7.18 44.87 26.41
CA MET B 158 -5.87 44.92 25.77
C MET B 158 -6.04 45.26 24.29
N GLU B 159 -5.08 46.03 23.76
CA GLU B 159 -5.08 46.56 22.41
C GLU B 159 -3.81 46.14 21.68
N PHE B 160 -3.93 45.90 20.38
CA PHE B 160 -2.81 45.47 19.54
C PHE B 160 -2.69 46.40 18.33
N ARG B 161 -1.47 46.54 17.79
CA ARG B 161 -1.37 47.32 16.55
C ARG B 161 -0.49 46.47 15.64
N ASP B 162 -0.89 46.31 14.38
CA ASP B 162 -0.18 45.49 13.41
C ASP B 162 0.31 44.17 14.00
N GLY B 163 -0.52 43.58 14.86
CA GLY B 163 -0.20 42.32 15.48
C GLY B 163 0.62 42.42 16.74
N ASN B 164 1.31 43.53 16.96
CA ASN B 164 2.15 43.69 18.14
C ASN B 164 1.32 44.24 19.30
N ALA B 165 1.69 43.85 20.51
CA ALA B 165 0.99 44.32 21.70
C ALA B 165 1.17 45.83 21.85
N ALA B 166 0.06 46.55 21.83
CA ALA B 166 0.06 48.01 21.85
C ALA B 166 -0.36 48.61 23.17
N SER B 167 -0.74 47.78 24.13
CA SER B 167 -1.15 48.26 25.44
C SER B 167 -0.84 47.14 26.41
N LYS B 168 -1.14 47.38 27.68
CA LYS B 168 -0.99 46.33 28.67
C LYS B 168 -2.35 45.80 29.07
N LEU B 169 -2.36 44.77 29.90
CA LEU B 169 -3.61 44.13 30.29
C LEU B 169 -4.17 45.00 31.41
N GLU B 170 -5.02 45.93 31.01
CA GLU B 170 -5.56 46.93 31.91
C GLU B 170 -6.82 46.41 32.59
N VAL B 171 -6.99 46.78 33.85
CA VAL B 171 -8.23 46.51 34.56
C VAL B 171 -9.06 47.78 34.41
N VAL B 172 -10.08 47.71 33.55
CA VAL B 172 -10.86 48.88 33.20
C VAL B 172 -12.16 49.00 34.00
N GLY B 173 -12.65 47.93 34.61
CA GLY B 173 -13.86 48.02 35.39
C GLY B 173 -14.07 46.82 36.30
N THR B 174 -15.13 46.90 37.09
CA THR B 174 -15.58 45.81 37.92
C THR B 174 -16.89 45.24 37.39
N VAL B 175 -17.07 43.94 37.59
CA VAL B 175 -18.23 43.22 37.08
C VAL B 175 -18.66 42.16 38.10
N GLY B 176 -19.92 41.73 37.98
CA GLY B 176 -20.43 40.63 38.79
C GLY B 176 -19.75 39.31 38.52
N LYS B 177 -19.72 38.46 39.55
CA LYS B 177 -19.03 37.16 39.46
C LYS B 177 -19.44 36.36 38.23
N LYS B 178 -20.73 36.32 37.92
CA LYS B 178 -21.22 35.54 36.79
C LYS B 178 -21.41 36.29 35.49
N ASN B 179 -21.01 37.53 35.42
CA ASN B 179 -20.92 38.13 34.10
C ASN B 179 -19.52 37.85 33.54
N THR B 180 -19.41 36.85 32.65
CA THR B 180 -18.14 36.50 32.04
C THR B 180 -18.32 36.53 30.53
N GLY B 181 -17.24 36.77 29.80
CA GLY B 181 -17.32 36.75 28.35
C GLY B 181 -16.11 37.35 27.69
N THR B 182 -16.09 37.22 26.38
CA THR B 182 -15.03 37.71 25.51
C THR B 182 -15.62 38.63 24.45
N ARG B 183 -14.97 39.77 24.23
CA ARG B 183 -15.35 40.71 23.18
C ARG B 183 -14.10 41.15 22.44
N LEU B 184 -14.07 40.90 21.13
CA LEU B 184 -12.90 41.20 20.31
C LEU B 184 -13.33 42.04 19.11
N ARG B 185 -12.61 43.12 18.85
CA ARG B 185 -12.87 44.00 17.72
C ARG B 185 -11.58 44.20 16.95
N PHE B 186 -11.61 43.93 15.64
CA PHE B 186 -10.40 43.98 14.83
C PHE B 186 -10.61 44.85 13.61
N TRP B 187 -9.54 45.52 13.20
CA TRP B 187 -9.52 46.40 12.02
C TRP B 187 -8.60 45.77 10.98
N ALA B 188 -9.21 45.05 10.03
CA ALA B 188 -8.42 44.33 9.03
C ALA B 188 -7.58 45.29 8.21
N ASP B 189 -6.29 44.97 8.08
CA ASP B 189 -5.38 45.76 7.26
C ASP B 189 -5.76 45.61 5.79
N PRO B 190 -6.11 46.68 5.09
CA PRO B 190 -6.59 46.54 3.71
C PRO B 190 -5.55 46.04 2.72
N LYS B 191 -4.25 46.09 3.06
CA LYS B 191 -3.23 45.67 2.10
C LYS B 191 -3.20 44.16 1.89
N TYR B 192 -3.73 43.38 2.83
CA TYR B 192 -3.69 41.93 2.73
C TYR B 192 -4.88 41.32 2.00
N PHE B 193 -5.86 42.13 1.59
CA PHE B 193 -7.12 41.59 1.09
C PHE B 193 -7.46 42.16 -0.28
N ASP B 194 -8.04 41.32 -1.14
CA ASP B 194 -8.49 41.76 -2.45
C ASP B 194 -9.52 42.89 -2.33
N THR B 195 -10.40 42.80 -1.32
CA THR B 195 -11.34 43.88 -1.02
C THR B 195 -11.53 43.93 0.49
N PRO B 196 -11.60 45.14 1.07
CA PRO B 196 -11.82 45.23 2.52
C PRO B 196 -13.28 45.14 2.98
N LYS B 197 -14.25 45.13 2.07
CA LYS B 197 -15.65 45.08 2.47
C LYS B 197 -16.08 43.64 2.75
N PHE B 198 -16.86 43.46 3.83
CA PHE B 198 -17.34 42.16 4.21
C PHE B 198 -18.51 41.77 3.31
N ASN B 199 -18.63 40.46 3.06
CA ASN B 199 -19.78 39.93 2.31
C ASN B 199 -20.87 39.62 3.33
N VAL B 200 -21.81 40.55 3.47
CA VAL B 200 -22.83 40.44 4.49
C VAL B 200 -23.75 39.27 4.21
N ARG B 201 -24.16 39.09 2.95
CA ARG B 201 -24.97 37.92 2.60
C ARG B 201 -24.35 36.62 3.07
N ALA B 202 -23.03 36.46 2.85
CA ALA B 202 -22.35 35.25 3.29
C ALA B 202 -22.27 35.16 4.82
N LEU B 203 -21.90 36.27 5.47
CA LEU B 203 -21.79 36.24 6.92
C LEU B 203 -23.16 36.13 7.59
N ARG B 204 -24.19 36.68 6.95
CA ARG B 204 -25.55 36.51 7.46
C ARG B 204 -25.96 35.03 7.43
N HIS B 205 -25.79 34.39 6.27
CA HIS B 205 -26.12 32.97 6.16
C HIS B 205 -25.32 32.14 7.15
N LEU B 206 -24.04 32.44 7.30
CA LEU B 206 -23.18 31.70 8.22
C LEU B 206 -23.70 31.79 9.65
N LEU B 207 -24.00 33.01 10.11
CA LEU B 207 -24.36 33.19 11.51
C LEU B 207 -25.67 32.48 11.86
N ARG B 208 -26.61 32.42 10.91
CA ARG B 208 -27.86 31.71 11.18
C ARG B 208 -27.61 30.23 11.41
N ALA B 209 -26.68 29.64 10.65
CA ALA B 209 -26.37 28.22 10.84
C ALA B 209 -25.81 27.93 12.21
N LYS B 210 -25.07 28.89 12.81
CA LYS B 210 -24.55 28.67 14.15
C LYS B 210 -25.67 28.59 15.18
N ALA B 211 -26.72 29.39 15.00
CA ALA B 211 -27.87 29.28 15.88
C ALA B 211 -28.70 28.04 15.58
N VAL B 212 -28.76 27.64 14.31
CA VAL B 212 -29.51 26.44 13.95
C VAL B 212 -28.82 25.19 14.47
N LEU B 213 -27.49 25.15 14.39
CA LEU B 213 -26.75 23.94 14.72
C LEU B 213 -26.36 23.86 16.19
N CYS B 214 -26.45 24.96 16.94
CA CYS B 214 -26.23 24.98 18.38
C CYS B 214 -27.50 25.50 19.04
N PRO B 215 -28.51 24.64 19.23
CA PRO B 215 -29.79 25.11 19.78
C PRO B 215 -29.62 25.79 21.14
N GLY B 216 -30.46 26.80 21.37
CA GLY B 216 -30.38 27.63 22.54
C GLY B 216 -29.43 28.79 22.42
N LEU B 217 -28.58 28.81 21.39
CA LEU B 217 -27.62 29.88 21.20
C LEU B 217 -28.29 31.01 20.43
N THR B 218 -28.21 32.22 20.98
CA THR B 218 -28.74 33.42 20.35
C THR B 218 -27.62 34.11 19.60
N VAL B 219 -27.81 34.33 18.30
CA VAL B 219 -26.78 34.91 17.46
C VAL B 219 -27.33 36.21 16.88
N LYS B 220 -26.56 37.28 17.00
CA LYS B 220 -26.98 38.60 16.57
C LYS B 220 -25.99 39.15 15.55
N LEU B 221 -26.52 39.74 14.49
CA LEU B 221 -25.70 40.43 13.51
C LEU B 221 -26.25 41.84 13.33
N HIS B 222 -25.34 42.82 13.25
CA HIS B 222 -25.72 44.22 13.12
C HIS B 222 -24.73 44.85 12.16
N ASP B 223 -25.13 45.03 10.91
CA ASP B 223 -24.28 45.73 9.96
C ASP B 223 -24.69 47.19 9.98
N GLU B 224 -23.87 48.01 10.65
CA GLU B 224 -24.19 49.42 10.87
C GLU B 224 -24.17 50.21 9.57
N ALA B 225 -23.63 49.63 8.50
CA ALA B 225 -23.68 50.24 7.18
C ALA B 225 -24.96 49.87 6.42
N THR B 226 -25.58 48.70 6.67
CA THR B 226 -26.73 48.35 5.85
C THR B 226 -28.02 48.65 6.56
N GLY B 227 -27.95 49.22 7.76
CA GLY B 227 -29.09 49.36 8.59
C GLY B 227 -29.67 48.03 9.04
N GLU B 228 -29.07 46.92 8.61
CA GLU B 228 -29.56 45.58 8.90
C GLU B 228 -29.37 45.22 10.36
N GLN B 229 -30.36 44.57 10.94
CA GLN B 229 -30.22 43.93 12.24
C GLN B 229 -30.77 42.52 12.13
N ASP B 230 -30.11 41.58 12.78
CA ASP B 230 -30.54 40.19 12.77
C ASP B 230 -30.34 39.59 14.15
N SER B 231 -31.20 38.62 14.46
CA SER B 231 -31.14 37.92 15.74
C SER B 231 -31.70 36.53 15.50
N TRP B 232 -30.92 35.50 15.81
CA TRP B 232 -31.30 34.13 15.49
C TRP B 232 -31.34 33.31 16.76
N TYR B 233 -32.38 32.48 16.87
CA TYR B 233 -32.52 31.54 17.97
C TYR B 233 -33.48 30.46 17.54
N PHE B 234 -33.06 29.20 17.63
CA PHE B 234 -33.87 28.07 17.23
C PHE B 234 -33.70 26.99 18.30
N GLU B 235 -34.82 26.49 18.82
CA GLU B 235 -34.73 25.40 19.77
C GLU B 235 -34.65 24.07 19.05
N ASN B 236 -35.12 24.02 17.80
CA ASN B 236 -34.97 22.86 16.93
C ASN B 236 -35.19 23.40 15.53
N GLY B 237 -34.13 23.54 14.76
CA GLY B 237 -34.33 24.15 13.46
C GLY B 237 -33.68 23.49 12.27
N LEU B 238 -33.18 22.26 12.39
CA LEU B 238 -32.48 21.66 11.24
C LEU B 238 -33.44 21.31 10.11
N ARG B 239 -34.50 20.56 10.41
CA ARG B 239 -35.51 20.26 9.40
C ARG B 239 -36.12 21.53 8.85
N ASP B 240 -36.54 22.43 9.74
CA ASP B 240 -37.15 23.69 9.31
C ASP B 240 -36.15 24.56 8.55
N TYR B 241 -34.86 24.46 8.85
CA TYR B 241 -33.85 25.25 8.14
C TYR B 241 -33.78 24.88 6.67
N LEU B 242 -33.66 23.58 6.38
CA LEU B 242 -33.54 23.15 5.00
C LEU B 242 -34.85 23.30 4.24
N LYS B 243 -35.97 23.13 4.93
CA LYS B 243 -37.27 23.38 4.29
C LYS B 243 -37.37 24.81 3.81
N GLY B 244 -36.91 25.77 4.62
CA GLY B 244 -37.02 27.17 4.25
C GLY B 244 -36.12 27.53 3.08
N GLU B 245 -34.91 26.97 3.05
CA GLU B 245 -33.95 27.25 1.98
C GLU B 245 -34.33 26.49 0.70
N MET B 246 -35.16 25.45 0.79
CA MET B 246 -35.68 24.79 -0.41
C MET B 246 -37.20 24.83 -0.48
N ALA B 247 -37.79 25.84 0.15
CA ALA B 247 -39.22 26.10 0.01
C ALA B 247 -39.53 26.56 -1.40
N GLU B 248 -38.50 26.97 -2.15
CA GLU B 248 -38.63 27.47 -3.51
C GLU B 248 -38.73 26.37 -4.56
N HIS B 249 -38.58 25.11 -4.14
CA HIS B 249 -38.58 23.93 -5.00
C HIS B 249 -39.33 22.82 -4.26
N GLU B 250 -39.70 21.74 -4.95
CA GLU B 250 -40.54 20.77 -4.27
C GLU B 250 -39.66 19.54 -4.02
N MET B 251 -39.44 19.23 -2.75
CA MET B 251 -38.55 18.13 -2.39
C MET B 251 -39.38 16.89 -2.13
N LEU B 252 -38.67 15.80 -1.99
CA LEU B 252 -39.28 14.49 -1.83
C LEU B 252 -38.31 13.62 -1.02
N PRO B 253 -38.68 13.20 0.20
CA PRO B 253 -39.97 13.43 0.87
C PRO B 253 -40.28 14.90 1.13
N ALA B 254 -41.54 15.27 0.87
CA ALA B 254 -41.98 16.65 1.09
C ALA B 254 -41.62 17.13 2.49
N ASP B 255 -41.56 16.23 3.46
CA ASP B 255 -41.25 16.58 4.85
C ASP B 255 -39.83 16.22 5.27
N LEU B 256 -38.91 16.03 4.32
CA LEU B 256 -37.49 16.06 4.65
C LEU B 256 -36.97 14.97 5.60
N PHE B 257 -36.66 13.79 5.07
CA PHE B 257 -35.97 12.74 5.83
C PHE B 257 -34.79 13.28 6.64
N VAL B 258 -34.83 13.09 7.97
CA VAL B 258 -33.77 13.49 8.90
C VAL B 258 -33.30 12.29 9.71
N GLY B 259 -32.03 12.34 10.15
CA GLY B 259 -31.48 11.32 11.04
C GLY B 259 -30.51 11.91 12.06
N SER B 260 -30.01 11.03 12.96
CA SER B 260 -29.08 11.43 14.02
C SER B 260 -28.46 10.18 14.66
N LEU B 261 -27.25 10.34 15.21
CA LEU B 261 -26.54 9.26 15.92
C LEU B 261 -25.42 9.81 16.80
N LYS B 262 -25.32 9.31 18.05
CA LYS B 262 -24.32 9.76 19.02
C LYS B 262 -23.43 8.61 19.51
N LYS B 263 -22.11 8.83 19.67
CA LYS B 263 -21.35 7.71 20.21
C LYS B 263 -20.30 8.19 21.24
N ASP B 264 -20.52 9.33 21.91
CA ASP B 264 -19.62 9.91 22.92
C ASP B 264 -18.26 10.32 22.37
N THR B 265 -18.06 10.20 21.07
CA THR B 265 -16.89 10.74 20.36
C THR B 265 -17.30 11.46 19.09
N GLU B 266 -18.44 11.14 18.50
CA GLU B 266 -18.91 11.77 17.28
C GLU B 266 -20.43 11.78 17.27
N ILE B 267 -20.99 12.89 16.83
CA ILE B 267 -22.43 13.05 16.64
C ILE B 267 -22.66 13.50 15.20
N VAL B 268 -23.72 12.99 14.58
CA VAL B 268 -24.07 13.34 13.22
C VAL B 268 -25.56 13.69 13.16
N ASP B 269 -25.89 14.78 12.49
CA ASP B 269 -27.27 15.16 12.21
C ASP B 269 -27.38 15.59 10.75
N TRP B 270 -28.53 15.28 10.15
CA TRP B 270 -28.71 15.61 8.74
C TRP B 270 -30.19 15.70 8.42
N ALA B 271 -30.50 16.52 7.40
CA ALA B 271 -31.79 16.51 6.73
C ALA B 271 -31.50 16.38 5.24
N ALA B 272 -32.21 15.47 4.57
CA ALA B 272 -31.93 15.21 3.16
C ALA B 272 -33.23 15.07 2.39
N GLY B 273 -33.20 15.54 1.15
CA GLY B 273 -34.33 15.43 0.24
C GLY B 273 -33.86 15.33 -1.19
N TRP B 274 -34.78 14.93 -2.06
CA TRP B 274 -34.52 14.81 -3.48
C TRP B 274 -35.42 15.77 -4.24
N VAL B 275 -34.83 16.54 -5.15
CA VAL B 275 -35.52 17.62 -5.83
C VAL B 275 -35.55 17.35 -7.32
N PRO B 276 -36.73 17.16 -7.93
CA PRO B 276 -36.76 16.97 -9.39
C PRO B 276 -36.43 18.24 -10.16
N GLU B 277 -36.70 19.41 -9.61
CA GLU B 277 -36.51 20.67 -10.33
C GLU B 277 -35.99 21.73 -9.37
N GLY B 278 -35.06 22.54 -9.84
CA GLY B 278 -34.60 23.65 -9.05
C GLY B 278 -33.18 23.47 -8.60
N GLU B 279 -32.73 24.38 -7.74
CA GLU B 279 -31.31 24.34 -7.48
C GLU B 279 -31.05 23.85 -6.08
N LEU B 280 -29.97 23.08 -5.90
CA LEU B 280 -29.82 22.21 -4.74
C LEU B 280 -28.94 22.86 -3.67
N VAL B 281 -29.52 23.05 -2.48
CA VAL B 281 -28.78 23.48 -1.31
C VAL B 281 -28.05 22.27 -0.71
N GLN B 282 -26.73 22.37 -0.58
CA GLN B 282 -25.89 21.27 -0.05
C GLN B 282 -24.90 21.86 0.95
N GLU B 283 -25.29 21.92 2.22
CA GLU B 283 -24.45 22.47 3.28
C GLU B 283 -23.94 21.36 4.18
N SER B 284 -22.64 21.41 4.52
CA SER B 284 -22.02 20.46 5.44
C SER B 284 -21.18 21.18 6.47
N TYR B 285 -21.09 20.60 7.66
CA TYR B 285 -20.48 21.24 8.82
C TYR B 285 -19.75 20.20 9.66
N VAL B 286 -18.66 20.64 10.30
CA VAL B 286 -17.88 19.81 11.23
C VAL B 286 -17.56 20.65 12.45
N ASN B 287 -18.05 20.22 13.62
CA ASN B 287 -18.06 21.05 14.82
C ASN B 287 -18.48 22.47 14.50
N LEU B 288 -19.55 22.59 13.72
CA LEU B 288 -20.21 23.85 13.36
C LEU B 288 -19.38 24.76 12.46
N ILE B 289 -18.25 24.28 11.95
CA ILE B 289 -17.45 25.05 10.98
C ILE B 289 -17.84 24.61 9.57
N PRO B 290 -18.23 25.53 8.69
CA PRO B 290 -18.68 25.12 7.35
C PRO B 290 -17.53 24.60 6.50
N THR B 291 -17.77 23.49 5.82
CA THR B 291 -16.79 22.83 4.95
C THR B 291 -17.34 22.91 3.53
N ALA B 292 -16.90 23.93 2.78
CA ALA B 292 -17.50 24.18 1.46
C ALA B 292 -17.15 23.10 0.45
N GLN B 293 -15.96 22.52 0.51
CA GLN B 293 -15.55 21.44 -0.40
C GLN B 293 -15.62 20.11 0.34
N HIS B 294 -16.84 19.61 0.47
CA HIS B 294 -17.31 18.94 1.68
C HIS B 294 -16.32 17.97 2.35
N GLY B 295 -15.95 16.88 1.69
CA GLY B 295 -15.04 15.95 2.33
C GLY B 295 -15.68 14.64 2.76
N THR B 296 -15.00 13.97 3.69
CA THR B 296 -15.31 12.57 4.00
C THR B 296 -16.64 12.41 4.73
N HIS B 297 -17.05 13.40 5.53
CA HIS B 297 -18.33 13.27 6.21
C HIS B 297 -19.48 13.25 5.21
N VAL B 298 -19.41 14.05 4.14
CA VAL B 298 -20.44 14.00 3.11
C VAL B 298 -20.32 12.73 2.28
N ASN B 299 -19.09 12.26 2.04
CA ASN B 299 -18.91 11.03 1.27
C ASN B 299 -19.58 9.85 1.96
N GLY B 300 -19.42 9.75 3.29
CA GLY B 300 -20.08 8.68 4.03
C GLY B 300 -21.60 8.79 3.97
N LEU B 301 -22.13 10.00 4.13
CA LEU B 301 -23.58 10.19 4.02
C LEU B 301 -24.09 9.76 2.65
N ARG B 302 -23.34 10.09 1.60
CA ARG B 302 -23.74 9.69 0.25
C ARG B 302 -23.69 8.17 0.12
N SER B 303 -22.65 7.53 0.65
CA SER B 303 -22.54 6.07 0.57
C SER B 303 -23.68 5.40 1.32
N GLY B 304 -23.96 5.85 2.54
CA GLY B 304 -25.04 5.24 3.31
C GLY B 304 -26.40 5.38 2.65
N LEU B 305 -26.71 6.59 2.16
CA LEU B 305 -28.01 6.80 1.52
C LEU B 305 -28.13 6.02 0.22
N THR B 306 -27.05 5.95 -0.56
CA THR B 306 -27.08 5.18 -1.81
C THR B 306 -27.19 3.69 -1.54
N ASP B 307 -26.36 3.18 -0.65
CA ASP B 307 -26.43 1.76 -0.28
C ASP B 307 -27.82 1.38 0.20
N ALA B 308 -28.44 2.25 0.98
CA ALA B 308 -29.78 1.97 1.50
C ALA B 308 -30.85 2.02 0.41
N LEU B 309 -30.62 2.79 -0.66
CA LEU B 309 -31.65 2.93 -1.69
C LEU B 309 -31.68 1.75 -2.65
N ARG B 310 -30.53 1.13 -2.94
CA ARG B 310 -30.52 -0.06 -3.77
C ARG B 310 -30.99 -1.30 -3.03
N GLU B 311 -30.76 -1.34 -1.72
CA GLU B 311 -31.29 -2.43 -0.90
C GLU B 311 -32.79 -2.34 -0.79
N PHE B 312 -33.32 -1.22 -1.29
CA PHE B 312 -34.72 -0.90 -1.47
C PHE B 312 -35.18 -0.99 -2.91
N CYS B 313 -34.38 -0.58 -3.89
CA CYS B 313 -34.79 -0.73 -5.29
C CYS B 313 -34.72 -2.17 -5.75
N ASP B 314 -33.82 -2.95 -5.17
CA ASP B 314 -33.65 -4.34 -5.54
C ASP B 314 -34.63 -5.23 -4.75
N PHE B 315 -34.84 -4.93 -3.46
CA PHE B 315 -35.82 -5.73 -2.71
C PHE B 315 -37.23 -5.50 -3.20
N ARG B 316 -37.49 -4.37 -3.81
CA ARG B 316 -38.83 -4.12 -4.26
C ARG B 316 -38.86 -4.16 -5.81
N ASN B 317 -37.70 -4.47 -6.40
CA ASN B 317 -37.50 -4.67 -7.84
C ASN B 317 -37.99 -3.49 -8.65
N LEU B 318 -37.59 -2.32 -8.21
CA LEU B 318 -37.99 -1.13 -8.92
C LEU B 318 -36.93 -0.67 -9.92
N LEU B 319 -35.78 -1.33 -9.89
CA LEU B 319 -34.62 -0.97 -10.66
C LEU B 319 -34.54 -1.83 -11.92
N PRO B 320 -34.62 -1.26 -13.13
CA PRO B 320 -34.40 -2.09 -14.30
C PRO B 320 -33.02 -2.73 -14.20
N ARG B 321 -32.89 -3.90 -14.79
CA ARG B 321 -31.63 -4.62 -14.69
C ARG B 321 -30.81 -4.44 -15.97
N GLY B 322 -29.49 -4.35 -15.78
CA GLY B 322 -28.59 -3.80 -16.74
C GLY B 322 -28.32 -2.33 -16.50
N VAL B 323 -29.17 -1.67 -15.73
CA VAL B 323 -28.90 -0.36 -15.15
C VAL B 323 -28.69 -0.61 -13.66
N LYS B 324 -27.68 0.04 -13.09
CA LYS B 324 -27.33 -0.09 -11.68
C LYS B 324 -27.25 1.29 -11.06
N LEU B 325 -27.58 1.37 -9.78
CA LEU B 325 -27.58 2.65 -9.09
C LEU B 325 -26.18 2.93 -8.55
N ALA B 326 -25.56 3.96 -9.08
CA ALA B 326 -24.30 4.49 -8.60
C ALA B 326 -24.54 5.68 -7.68
N PRO B 327 -23.59 6.00 -6.79
CA PRO B 327 -23.81 7.13 -5.88
C PRO B 327 -24.12 8.44 -6.58
N GLU B 328 -23.49 8.70 -7.72
CA GLU B 328 -23.79 9.92 -8.49
C GLU B 328 -25.28 10.02 -8.83
N ASP B 329 -25.92 8.91 -9.15
CA ASP B 329 -27.33 8.96 -9.53
C ASP B 329 -28.21 9.35 -8.35
N VAL B 330 -27.97 8.74 -7.18
CA VAL B 330 -28.65 9.16 -5.96
C VAL B 330 -28.35 10.62 -5.66
N TRP B 331 -27.07 10.99 -5.74
CA TRP B 331 -26.61 12.29 -5.29
C TRP B 331 -26.88 13.39 -6.29
N ASP B 332 -27.32 13.05 -7.50
CA ASP B 332 -27.39 14.05 -8.56
C ASP B 332 -28.31 15.20 -8.19
N ARG B 333 -29.39 14.93 -7.46
CA ARG B 333 -30.36 15.97 -7.14
C ARG B 333 -30.74 15.93 -5.65
N VAL B 334 -29.76 15.65 -4.78
CA VAL B 334 -29.98 15.63 -3.34
C VAL B 334 -29.85 17.06 -2.81
N THR B 335 -30.65 17.39 -1.78
CA THR B 335 -30.43 18.59 -0.99
C THR B 335 -30.30 18.20 0.47
N PHE B 336 -29.13 18.49 1.06
CA PHE B 336 -28.87 18.09 2.43
C PHE B 336 -28.28 19.24 3.23
N VAL B 337 -28.39 19.11 4.55
CA VAL B 337 -27.65 19.92 5.51
C VAL B 337 -27.11 18.94 6.54
N LEU B 338 -25.80 18.74 6.54
CA LEU B 338 -25.14 17.73 7.37
C LEU B 338 -24.28 18.40 8.44
N SER B 339 -24.46 17.98 9.69
CA SER B 339 -23.72 18.51 10.83
C SER B 339 -23.05 17.37 11.59
N LEU B 340 -21.73 17.23 11.41
CA LEU B 340 -20.93 16.29 12.17
C LEU B 340 -20.23 16.99 13.32
N LYS B 341 -20.18 16.34 14.48
CA LYS B 341 -19.40 16.81 15.62
C LYS B 341 -18.51 15.67 16.08
N MET B 342 -17.20 15.90 16.14
CA MET B 342 -16.31 14.85 16.59
C MET B 342 -15.11 15.42 17.32
N THR B 343 -14.61 14.65 18.27
CA THR B 343 -13.30 14.94 18.86
C THR B 343 -12.21 14.67 17.84
N ASP B 344 -11.32 15.63 17.67
CA ASP B 344 -10.17 15.54 16.78
C ASP B 344 -10.57 15.34 15.32
N PRO B 345 -11.15 16.32 14.66
CA PRO B 345 -11.30 16.26 13.21
C PRO B 345 -9.98 16.61 12.53
N GLN B 346 -9.94 16.42 11.21
CA GLN B 346 -8.74 16.73 10.44
C GLN B 346 -9.16 17.51 9.20
N PHE B 347 -8.82 18.79 9.15
CA PHE B 347 -9.11 19.64 8.01
C PHE B 347 -7.86 19.83 7.18
N SER B 348 -8.07 20.19 5.90
CA SER B 348 -6.98 20.31 4.94
C SER B 348 -6.30 21.67 4.97
N GLY B 349 -6.81 22.63 5.74
CA GLY B 349 -6.24 23.97 5.75
C GLY B 349 -6.89 24.79 6.84
N GLN B 350 -6.32 25.98 7.05
CA GLN B 350 -6.84 26.87 8.09
C GLN B 350 -8.28 27.26 7.79
N THR B 351 -8.62 27.46 6.51
CA THR B 351 -9.98 27.82 6.16
C THR B 351 -10.97 26.68 6.37
N LYS B 352 -10.48 25.46 6.54
CA LYS B 352 -11.32 24.31 6.86
C LYS B 352 -12.46 24.16 5.85
N GLU B 353 -12.04 23.89 4.60
CA GLU B 353 -12.97 23.75 3.49
C GLU B 353 -13.33 22.30 3.21
N ARG B 354 -12.42 21.37 3.47
CA ARG B 354 -12.65 19.94 3.30
C ARG B 354 -12.25 19.21 4.58
N LEU B 355 -13.04 18.19 4.95
CA LEU B 355 -12.74 17.33 6.08
C LEU B 355 -12.15 16.05 5.51
N SER B 356 -10.94 15.69 5.95
CA SER B 356 -10.23 14.53 5.42
C SER B 356 -10.14 13.38 6.42
N SER B 357 -10.81 13.48 7.57
CA SER B 357 -10.83 12.36 8.51
C SER B 357 -11.54 11.18 7.88
N ARG B 358 -10.81 10.05 7.72
CA ARG B 358 -11.42 8.91 7.04
C ARG B 358 -12.33 8.14 7.99
N GLN B 359 -12.10 8.30 9.29
CA GLN B 359 -12.99 7.77 10.31
C GLN B 359 -14.42 8.28 10.12
N ALA B 360 -14.59 9.60 9.92
CA ALA B 360 -15.93 10.17 9.82
C ALA B 360 -16.73 9.55 8.68
N ALA B 361 -16.05 9.15 7.59
CA ALA B 361 -16.76 8.60 6.43
C ALA B 361 -17.53 7.35 6.81
N GLY B 362 -16.89 6.43 7.54
CA GLY B 362 -17.58 5.23 7.95
C GLY B 362 -18.68 5.51 8.94
N PHE B 363 -18.40 6.36 9.94
CA PHE B 363 -19.36 6.64 11.00
C PHE B 363 -20.69 7.13 10.44
N ILE B 364 -20.64 8.07 9.49
CA ILE B 364 -21.88 8.61 8.94
C ILE B 364 -22.53 7.61 7.99
N GLU B 365 -21.72 6.82 7.28
CA GLU B 365 -22.28 5.83 6.36
C GLU B 365 -23.18 4.85 7.09
N GLY B 366 -22.72 4.33 8.22
CA GLY B 366 -23.55 3.42 9.00
C GLY B 366 -24.81 4.10 9.50
N ALA B 367 -24.65 5.27 10.15
CA ALA B 367 -25.80 6.03 10.65
C ALA B 367 -26.82 6.29 9.54
N ALA B 368 -26.34 6.78 8.39
CA ALA B 368 -27.24 7.10 7.30
C ALA B 368 -27.83 5.85 6.67
N HIS B 369 -27.04 4.78 6.57
CA HIS B 369 -27.51 3.56 5.91
C HIS B 369 -28.65 2.91 6.70
N ASP B 370 -28.47 2.77 8.01
CA ASP B 370 -29.52 2.20 8.85
C ASP B 370 -30.75 3.10 8.87
N ALA B 371 -30.56 4.40 9.11
CA ALA B 371 -31.69 5.31 9.29
C ALA B 371 -32.47 5.50 8.00
N PHE B 372 -31.80 5.45 6.84
CA PHE B 372 -32.51 5.62 5.58
C PHE B 372 -33.29 4.37 5.18
N SER B 373 -32.75 3.19 5.51
CA SER B 373 -33.46 1.95 5.24
C SER B 373 -34.81 1.91 5.95
N LEU B 374 -34.84 2.36 7.22
CA LEU B 374 -36.08 2.39 7.97
C LEU B 374 -37.10 3.32 7.36
N TYR B 375 -36.68 4.55 7.00
CA TYR B 375 -37.63 5.51 6.44
C TYR B 375 -38.29 4.96 5.19
N LEU B 376 -37.51 4.30 4.33
CA LEU B 376 -38.06 3.80 3.08
C LEU B 376 -39.07 2.68 3.33
N ASN B 377 -38.75 1.76 4.25
CA ASN B 377 -39.61 0.60 4.52
C ASN B 377 -40.90 0.95 5.24
N GLN B 378 -40.99 2.13 5.85
CA GLN B 378 -42.23 2.62 6.47
C GLN B 378 -43.06 3.50 5.54
N ASN B 379 -42.41 4.20 4.60
CA ASN B 379 -43.03 5.31 3.85
C ASN B 379 -42.81 5.10 2.37
N VAL B 380 -43.25 3.93 1.95
CA VAL B 380 -42.74 3.39 0.70
C VAL B 380 -43.22 4.16 -0.51
N GLU B 381 -44.44 4.60 -0.50
CA GLU B 381 -44.91 5.37 -1.64
C GLU B 381 -44.04 6.61 -1.86
N ILE B 382 -43.56 7.21 -0.78
CA ILE B 382 -42.54 8.25 -0.88
C ILE B 382 -41.21 7.65 -1.29
N GLY B 383 -40.80 6.57 -0.62
CA GLY B 383 -39.52 5.97 -0.92
C GLY B 383 -39.42 5.61 -2.38
N GLU B 384 -40.54 5.22 -2.96
CA GLU B 384 -40.53 4.91 -4.37
C GLU B 384 -40.26 6.11 -5.25
N LYS B 385 -41.01 7.18 -5.04
CA LYS B 385 -40.81 8.37 -5.83
C LYS B 385 -39.38 8.87 -5.70
N ILE B 386 -38.75 8.66 -4.54
CA ILE B 386 -37.32 8.94 -4.41
C ILE B 386 -36.54 8.11 -5.42
N ALA B 387 -36.77 6.80 -5.40
CA ALA B 387 -36.04 5.89 -6.28
C ALA B 387 -36.23 6.28 -7.74
N GLN B 388 -37.40 6.75 -8.10
CA GLN B 388 -37.63 7.16 -9.48
C GLN B 388 -36.70 8.28 -9.88
N ILE B 389 -36.46 9.22 -8.97
CA ILE B 389 -35.50 10.30 -9.25
C ILE B 389 -34.11 9.71 -9.46
N ALA B 390 -33.72 8.78 -8.59
CA ALA B 390 -32.37 8.20 -8.71
C ALA B 390 -32.22 7.32 -9.95
N ILE B 391 -33.21 6.50 -10.26
CA ILE B 391 -33.08 5.59 -11.39
C ILE B 391 -33.23 6.28 -12.72
N ASP B 392 -34.12 7.24 -12.83
CA ASP B 392 -34.30 7.98 -14.09
C ASP B 392 -33.03 8.70 -14.44
N ARG B 393 -32.28 9.07 -13.40
CA ARG B 393 -31.08 9.88 -13.49
C ARG B 393 -29.94 9.03 -14.02
N ALA B 394 -30.02 7.73 -13.65
CA ALA B 394 -29.18 6.65 -14.12
C ALA B 394 -29.51 6.24 -15.56
N SER B 395 -30.78 6.37 -15.96
CA SER B 395 -31.17 6.08 -17.34
C SER B 395 -30.26 6.79 -18.35
N ALA B 396 -29.82 8.00 -18.02
CA ALA B 396 -28.99 8.78 -18.93
C ALA B 396 -27.54 8.31 -18.87
N ARG C 23 35.58 -5.18 -1.33
CA ARG C 23 36.31 -6.42 -1.49
C ARG C 23 35.57 -7.10 -0.30
N TYR C 24 35.99 -8.26 0.24
CA TYR C 24 35.01 -9.09 0.96
C TYR C 24 35.63 -9.83 2.17
N ASN C 25 35.33 -9.35 3.40
CA ASN C 25 35.60 -9.99 4.69
C ASN C 25 34.42 -9.95 5.64
N ALA C 26 34.70 -10.40 6.87
CA ALA C 26 33.69 -10.69 7.89
C ALA C 26 32.76 -9.50 8.14
N ALA C 27 33.30 -8.28 8.09
CA ALA C 27 32.44 -7.11 8.23
C ALA C 27 31.35 -7.09 7.16
N ASP C 28 31.63 -7.65 5.99
CA ASP C 28 30.67 -7.66 4.88
C ASP C 28 29.54 -8.68 5.00
N ILE C 29 29.58 -9.61 5.96
CA ILE C 29 28.47 -10.54 6.17
C ILE C 29 27.59 -9.98 7.28
N GLU C 30 26.35 -9.63 6.95
CA GLU C 30 25.44 -9.02 7.89
C GLU C 30 24.52 -10.04 8.56
N VAL C 31 24.14 -9.75 9.80
CA VAL C 31 23.29 -10.61 10.60
C VAL C 31 21.96 -9.88 10.81
N LEU C 32 20.88 -10.43 10.24
CA LEU C 32 19.54 -9.93 10.49
C LEU C 32 18.96 -10.62 11.73
N SER C 33 18.39 -9.83 12.64
CA SER C 33 17.87 -10.35 13.89
C SER C 33 16.47 -9.80 14.12
N GLY C 34 15.78 -10.39 15.09
CA GLY C 34 14.42 -9.98 15.39
C GLY C 34 13.47 -10.37 14.28
N LEU C 35 12.66 -9.42 13.84
CA LEU C 35 11.71 -9.64 12.74
C LEU C 35 12.25 -9.16 11.40
N ASP C 36 13.47 -8.64 11.36
CA ASP C 36 14.05 -8.19 10.09
C ASP C 36 14.12 -9.28 9.02
N PRO C 37 14.47 -10.54 9.31
CA PRO C 37 14.43 -11.57 8.25
C PRO C 37 13.11 -11.65 7.53
N VAL C 38 12.00 -11.47 8.25
CA VAL C 38 10.69 -11.49 7.61
C VAL C 38 10.50 -10.25 6.76
N LYS C 39 10.94 -9.08 7.24
CA LYS C 39 10.79 -7.85 6.49
C LYS C 39 11.68 -7.83 5.25
N ARG C 40 12.87 -8.43 5.34
CA ARG C 40 13.80 -8.38 4.22
C ARG C 40 13.48 -9.43 3.16
N ARG C 41 12.95 -10.59 3.57
CA ARG C 41 12.59 -11.66 2.65
C ARG C 41 11.19 -12.15 3.00
N PRO C 42 10.16 -11.33 2.72
CA PRO C 42 8.78 -11.73 3.05
C PRO C 42 8.27 -12.89 2.20
N GLY C 43 8.82 -13.08 1.00
CA GLY C 43 8.38 -14.19 0.16
C GLY C 43 8.58 -15.53 0.83
N MET C 44 9.56 -15.62 1.73
CA MET C 44 9.87 -16.86 2.42
C MET C 44 8.95 -17.13 3.61
N TYR C 45 8.21 -16.12 4.09
CA TYR C 45 7.36 -16.29 5.25
C TYR C 45 5.87 -16.18 4.98
N THR C 46 5.45 -15.67 3.82
CA THR C 46 4.04 -15.54 3.52
C THR C 46 3.85 -15.49 2.01
N ASP C 47 2.58 -15.56 1.60
CA ASP C 47 2.19 -15.34 0.21
C ASP C 47 2.10 -13.84 -0.03
N THR C 48 3.07 -13.30 -0.77
CA THR C 48 3.15 -11.86 -1.01
C THR C 48 2.28 -11.39 -2.16
N ALA C 49 1.41 -12.26 -2.69
CA ALA C 49 0.49 -11.82 -3.74
C ALA C 49 -0.59 -10.92 -3.16
N ARG C 50 -1.07 -11.26 -1.97
CA ARG C 50 -2.08 -10.49 -1.24
C ARG C 50 -1.89 -10.80 0.24
N PRO C 51 -2.43 -9.96 1.13
CA PRO C 51 -2.31 -10.26 2.57
C PRO C 51 -3.26 -11.37 3.03
N ASN C 52 -3.84 -12.13 2.11
CA ASN C 52 -4.76 -13.19 2.49
C ASN C 52 -4.12 -14.19 3.44
N HIS C 53 -2.93 -14.66 3.13
CA HIS C 53 -2.29 -15.66 3.97
C HIS C 53 -1.88 -15.12 5.33
N LEU C 54 -1.67 -13.81 5.44
CA LEU C 54 -1.46 -13.20 6.75
C LEU C 54 -2.69 -13.35 7.63
N ALA C 55 -3.86 -13.04 7.09
CA ALA C 55 -5.10 -13.26 7.82
C ALA C 55 -5.26 -14.73 8.18
N GLN C 56 -4.93 -15.62 7.24
CA GLN C 56 -4.98 -17.05 7.50
C GLN C 56 -4.20 -17.43 8.75
N GLU C 57 -3.00 -16.87 8.92
CA GLU C 57 -2.20 -17.16 10.10
C GLU C 57 -2.97 -16.82 11.37
N VAL C 58 -3.69 -15.69 11.37
CA VAL C 58 -4.47 -15.32 12.54
C VAL C 58 -5.68 -16.23 12.68
N ILE C 59 -6.35 -16.54 11.56
CA ILE C 59 -7.46 -17.49 11.59
C ILE C 59 -6.98 -18.84 12.11
N ASP C 60 -5.83 -19.32 11.62
CA ASP C 60 -5.34 -20.63 12.02
C ASP C 60 -5.18 -20.73 13.53
N ASN C 61 -4.65 -19.68 14.15
CA ASN C 61 -4.48 -19.69 15.60
C ASN C 61 -5.81 -19.75 16.33
N SER C 62 -6.86 -19.17 15.75
CA SER C 62 -8.18 -19.24 16.37
C SER C 62 -8.80 -20.62 16.21
N VAL C 63 -8.70 -21.21 15.01
CA VAL C 63 -9.19 -22.56 14.80
C VAL C 63 -8.46 -23.54 15.69
N ASP C 64 -7.17 -23.31 15.95
CA ASP C 64 -6.43 -24.21 16.83
C ASP C 64 -6.98 -24.17 18.25
N GLU C 65 -7.35 -22.98 18.73
CA GLU C 65 -8.10 -22.88 19.97
C GLU C 65 -9.42 -23.63 19.89
N ALA C 66 -10.11 -23.51 18.76
CA ALA C 66 -11.38 -24.23 18.58
C ALA C 66 -11.16 -25.74 18.57
N LEU C 67 -10.16 -26.20 17.82
CA LEU C 67 -9.86 -27.62 17.77
C LEU C 67 -9.50 -28.18 19.14
N ALA C 68 -9.06 -27.34 20.07
CA ALA C 68 -8.77 -27.77 21.43
C ALA C 68 -9.97 -27.64 22.35
N GLY C 69 -11.16 -27.43 21.79
CA GLY C 69 -12.37 -27.39 22.60
C GLY C 69 -12.47 -26.21 23.53
N HIS C 70 -11.91 -25.06 23.16
CA HIS C 70 -11.99 -23.86 23.99
C HIS C 70 -12.71 -22.70 23.32
N ALA C 71 -12.89 -22.72 22.00
CA ALA C 71 -13.56 -21.66 21.28
C ALA C 71 -14.70 -22.26 20.46
N LYS C 72 -15.81 -21.51 20.35
CA LYS C 72 -16.93 -21.89 19.49
C LYS C 72 -17.30 -20.81 18.49
N GLN C 73 -16.57 -19.70 18.44
CA GLN C 73 -16.95 -18.64 17.50
C GLN C 73 -15.72 -17.84 17.10
N ILE C 74 -15.46 -17.81 15.80
CA ILE C 74 -14.43 -16.97 15.19
C ILE C 74 -15.14 -15.99 14.26
N GLU C 75 -14.85 -14.70 14.43
CA GLU C 75 -15.48 -13.66 13.65
C GLU C 75 -14.41 -12.85 12.94
N VAL C 76 -14.46 -12.86 11.61
CA VAL C 76 -13.48 -12.18 10.77
C VAL C 76 -14.15 -10.97 10.15
N THR C 77 -13.54 -9.80 10.34
CA THR C 77 -14.07 -8.54 9.84
C THR C 77 -13.04 -7.90 8.92
N LEU C 78 -13.44 -7.63 7.68
CA LEU C 78 -12.58 -6.97 6.70
C LEU C 78 -12.99 -5.51 6.63
N TYR C 79 -12.20 -4.63 7.26
CA TYR C 79 -12.54 -3.23 7.34
C TYR C 79 -12.22 -2.50 6.04
N LYS C 80 -12.93 -1.40 5.81
CA LYS C 80 -12.77 -0.61 4.59
C LYS C 80 -11.40 0.05 4.48
N ASP C 81 -10.71 0.25 5.61
CA ASP C 81 -9.39 0.86 5.63
C ASP C 81 -8.28 -0.10 5.26
N GLY C 82 -8.61 -1.27 4.70
CA GLY C 82 -7.61 -2.26 4.34
C GLY C 82 -7.27 -3.22 5.45
N SER C 83 -7.71 -2.96 6.67
CA SER C 83 -7.40 -3.79 7.81
C SER C 83 -8.30 -5.02 7.88
N CYS C 84 -7.84 -6.01 8.64
CA CYS C 84 -8.58 -7.25 8.90
C CYS C 84 -8.49 -7.59 10.38
N GLU C 85 -9.57 -8.16 10.93
CA GLU C 85 -9.60 -8.51 12.33
C GLU C 85 -10.24 -9.87 12.54
N VAL C 86 -9.67 -10.66 13.47
CA VAL C 86 -10.13 -12.00 13.80
C VAL C 86 -10.31 -12.11 15.30
N SER C 87 -11.48 -12.56 15.73
CA SER C 87 -11.85 -12.66 17.13
C SER C 87 -12.18 -14.11 17.51
N ASP C 88 -11.67 -14.54 18.65
CA ASP C 88 -12.01 -15.85 19.20
C ASP C 88 -12.54 -15.70 20.62
N ASP C 89 -13.30 -16.70 21.06
CA ASP C 89 -13.68 -16.82 22.46
C ASP C 89 -12.91 -17.94 23.14
N GLY C 90 -11.66 -18.13 22.71
CA GLY C 90 -10.81 -19.17 23.26
C GLY C 90 -10.20 -18.74 24.58
N ARG C 91 -9.10 -19.42 24.94
CA ARG C 91 -8.48 -19.20 26.23
C ARG C 91 -7.81 -17.84 26.33
N GLY C 92 -7.55 -17.17 25.21
CA GLY C 92 -6.81 -15.92 25.25
C GLY C 92 -5.31 -16.11 25.24
N MET C 93 -4.60 -15.22 24.56
CA MET C 93 -3.16 -15.34 24.50
C MET C 93 -2.59 -15.06 25.89
N PRO C 94 -1.59 -15.82 26.33
CA PRO C 94 -1.06 -15.61 27.68
C PRO C 94 -0.58 -14.17 27.85
N VAL C 95 -0.97 -13.55 28.96
CA VAL C 95 -0.60 -12.17 29.24
C VAL C 95 0.38 -12.04 30.39
N ASP C 96 0.55 -13.08 31.21
CA ASP C 96 1.51 -13.02 32.30
C ASP C 96 2.94 -12.93 31.75
N ILE C 97 3.87 -12.61 32.64
CA ILE C 97 5.25 -12.35 32.27
C ILE C 97 5.97 -13.67 32.04
N HIS C 98 6.72 -13.75 30.94
CA HIS C 98 7.41 -14.97 30.60
C HIS C 98 8.54 -15.19 31.61
N PRO C 99 8.60 -16.36 32.22
CA PRO C 99 9.62 -16.64 33.26
C PRO C 99 11.04 -16.56 32.76
N GLU C 100 11.29 -16.77 31.47
CA GLU C 100 12.64 -16.69 30.92
C GLU C 100 12.86 -15.45 30.08
N GLU C 101 11.87 -15.02 29.32
CA GLU C 101 12.03 -13.87 28.46
C GLU C 101 11.58 -12.56 29.11
N LYS C 102 10.93 -12.61 30.27
CA LYS C 102 10.67 -11.44 31.11
C LYS C 102 9.63 -10.48 30.52
N ILE C 103 9.19 -10.70 29.29
CA ILE C 103 8.19 -9.82 28.70
C ILE C 103 6.86 -10.57 28.79
N PRO C 104 5.71 -9.87 28.75
CA PRO C 104 4.43 -10.60 28.77
C PRO C 104 4.28 -11.51 27.57
N GLY C 105 3.49 -12.56 27.76
CA GLY C 105 3.34 -13.58 26.72
C GLY C 105 3.01 -13.01 25.36
N VAL C 106 2.07 -12.07 25.32
CA VAL C 106 1.65 -11.48 24.05
C VAL C 106 2.83 -10.87 23.31
N GLU C 107 3.64 -10.08 24.03
CA GLU C 107 4.80 -9.45 23.42
C GLU C 107 5.74 -10.50 22.81
N LEU C 108 6.00 -11.56 23.56
CA LEU C 108 6.85 -12.65 23.04
C LEU C 108 6.25 -13.24 21.77
N ILE C 109 4.96 -13.57 21.79
CA ILE C 109 4.31 -14.16 20.63
C ILE C 109 4.46 -13.24 19.41
N LEU C 110 4.15 -11.95 19.60
CA LEU C 110 4.06 -11.03 18.48
C LEU C 110 5.42 -10.63 17.92
N THR C 111 6.47 -10.66 18.74
CA THR C 111 7.74 -10.05 18.37
C THR C 111 8.86 -11.06 18.12
N ARG C 112 8.73 -12.30 18.58
CA ARG C 112 9.80 -13.27 18.45
C ARG C 112 9.40 -14.40 17.50
N LEU C 113 10.34 -14.78 16.64
CA LEU C 113 10.17 -15.94 15.78
C LEU C 113 10.48 -17.21 16.55
N HIS C 114 9.83 -18.30 16.15
CA HIS C 114 10.06 -19.62 16.76
C HIS C 114 9.72 -19.60 18.24
N ALA C 115 8.64 -18.91 18.58
CA ALA C 115 8.08 -18.90 19.93
C ALA C 115 6.61 -19.22 19.81
N GLY C 116 6.19 -20.33 20.40
CA GLY C 116 4.83 -20.76 20.20
C GLY C 116 4.39 -21.79 21.20
N GLY C 117 3.09 -22.06 21.22
CA GLY C 117 2.63 -23.08 22.14
C GLY C 117 2.49 -24.47 21.57
N LYS C 118 2.98 -24.73 20.35
CA LYS C 118 2.66 -25.94 19.63
C LYS C 118 3.89 -26.78 19.29
N PHE C 119 5.02 -26.55 19.95
CA PHE C 119 6.15 -27.46 19.80
C PHE C 119 5.96 -28.78 20.56
N ASN C 120 4.96 -28.90 21.48
CA ASN C 120 4.65 -30.10 22.21
C ASN C 120 3.34 -30.59 21.66
N ASN C 121 2.75 -31.48 22.46
CA ASN C 121 1.32 -31.68 22.51
C ASN C 121 0.69 -31.43 23.89
N ARG C 122 1.14 -30.43 24.66
CA ARG C 122 0.53 -30.09 25.94
C ARG C 122 -0.66 -29.13 25.78
N ASN C 123 -0.42 -27.99 25.15
CA ASN C 123 -1.42 -26.94 25.03
C ASN C 123 -2.36 -27.13 23.83
N TYR C 124 -1.93 -27.85 22.78
CA TYR C 124 -2.78 -28.20 21.65
C TYR C 124 -2.42 -29.58 21.16
N THR C 125 -3.42 -30.45 20.95
CA THR C 125 -3.15 -31.76 20.37
C THR C 125 -3.10 -31.71 18.84
N PHE C 126 -4.20 -31.33 18.20
CA PHE C 126 -4.29 -31.26 16.74
C PHE C 126 -4.37 -29.80 16.32
N SER C 127 -3.22 -29.15 16.21
CA SER C 127 -3.14 -27.75 15.83
C SER C 127 -2.65 -27.60 14.40
N GLY C 128 -3.17 -26.58 13.71
CA GLY C 128 -2.62 -26.21 12.43
C GLY C 128 -1.25 -25.57 12.55
N GLY C 129 -1.03 -24.78 13.60
CA GLY C 129 0.25 -24.13 13.78
C GLY C 129 1.28 -25.09 14.37
N LEU C 130 2.50 -25.03 13.83
CA LEU C 130 3.60 -25.83 14.36
C LEU C 130 4.94 -25.10 14.39
N HIS C 131 5.11 -23.98 13.70
CA HIS C 131 6.42 -23.36 13.55
C HIS C 131 6.70 -22.27 14.57
N GLY C 132 5.67 -21.73 15.22
CA GLY C 132 5.85 -20.61 16.12
C GLY C 132 6.24 -19.35 15.39
N VAL C 133 5.72 -19.14 14.18
CA VAL C 133 6.20 -18.09 13.30
C VAL C 133 5.06 -17.20 12.81
N GLY C 134 3.85 -17.76 12.74
CA GLY C 134 2.71 -17.11 12.10
C GLY C 134 2.41 -15.68 12.47
N VAL C 135 2.01 -15.45 13.73
CA VAL C 135 1.62 -14.12 14.18
C VAL C 135 2.76 -13.13 14.01
N SER C 136 4.00 -13.55 14.30
CA SER C 136 5.14 -12.65 14.18
C SER C 136 5.30 -12.14 12.74
N VAL C 137 5.03 -12.99 11.76
CA VAL C 137 5.05 -12.54 10.36
C VAL C 137 3.94 -11.54 10.13
N VAL C 138 2.74 -11.82 10.67
CA VAL C 138 1.64 -10.86 10.65
C VAL C 138 2.13 -9.51 11.18
N ASN C 139 2.76 -9.55 12.35
CA ASN C 139 3.21 -8.33 13.00
C ASN C 139 4.33 -7.66 12.21
N ALA C 140 5.34 -8.44 11.80
CA ALA C 140 6.51 -7.88 11.10
C ALA C 140 6.15 -7.15 9.82
N LEU C 141 5.11 -7.60 9.12
CA LEU C 141 4.73 -7.02 7.84
C LEU C 141 3.46 -6.18 7.91
N SER C 142 3.15 -5.66 9.10
CA SER C 142 1.99 -4.80 9.30
C SER C 142 2.42 -3.46 9.87
N THR C 143 1.87 -2.39 9.30
CA THR C 143 2.12 -1.06 9.84
C THR C 143 1.59 -0.93 11.27
N LYS C 144 0.53 -1.66 11.60
CA LYS C 144 -0.07 -1.59 12.92
C LYS C 144 -0.76 -2.91 13.24
N VAL C 145 -0.64 -3.37 14.49
CA VAL C 145 -1.42 -4.48 15.00
C VAL C 145 -1.92 -4.11 16.39
N GLU C 146 -3.24 -4.27 16.60
CA GLU C 146 -3.88 -3.97 17.87
C GLU C 146 -4.65 -5.21 18.29
N LEU C 147 -4.40 -5.70 19.50
CA LEU C 147 -5.08 -6.90 19.97
C LEU C 147 -5.65 -6.69 21.37
N PHE C 148 -6.76 -7.38 21.62
CA PHE C 148 -7.44 -7.37 22.91
C PHE C 148 -7.56 -8.81 23.39
N ILE C 149 -7.01 -9.10 24.57
CA ILE C 149 -7.10 -10.43 25.18
C ILE C 149 -7.91 -10.34 26.46
N LYS C 150 -8.75 -11.34 26.69
CA LYS C 150 -9.56 -11.45 27.90
C LYS C 150 -9.12 -12.71 28.64
N ARG C 151 -8.42 -12.51 29.75
CA ARG C 151 -7.98 -13.59 30.63
C ARG C 151 -8.05 -13.09 32.06
N GLU C 152 -8.26 -14.03 32.98
CA GLU C 152 -8.12 -13.75 34.41
C GLU C 152 -9.02 -12.60 34.86
N GLY C 153 -10.21 -12.52 34.25
CA GLY C 153 -11.18 -11.50 34.62
C GLY C 153 -10.92 -10.13 34.04
N SER C 154 -9.81 -9.93 33.35
CA SER C 154 -9.45 -8.62 32.82
C SER C 154 -9.35 -8.68 31.29
N GLU C 155 -9.67 -7.55 30.65
CA GLU C 155 -9.44 -7.37 29.22
C GLU C 155 -8.19 -6.52 29.05
N HIS C 156 -7.25 -7.02 28.24
CA HIS C 156 -5.99 -6.34 28.03
C HIS C 156 -5.90 -5.83 26.61
N ARG C 157 -5.02 -4.85 26.41
CA ARG C 157 -4.78 -4.27 25.09
C ARG C 157 -3.29 -4.03 24.93
N MET C 158 -2.78 -4.35 23.74
CA MET C 158 -1.41 -4.02 23.39
C MET C 158 -1.37 -3.70 21.90
N GLU C 159 -0.53 -2.74 21.53
CA GLU C 159 -0.47 -2.26 20.16
C GLU C 159 0.96 -2.38 19.66
N PHE C 160 1.09 -2.75 18.38
CA PHE C 160 2.38 -2.85 17.71
C PHE C 160 2.30 -2.06 16.42
N ARG C 161 3.40 -1.44 16.01
CA ARG C 161 3.50 -0.84 14.68
C ARG C 161 4.86 -1.06 14.07
N ASP C 162 4.89 -1.39 12.78
CA ASP C 162 6.10 -1.83 12.08
C ASP C 162 6.86 -2.90 12.88
N GLY C 163 6.11 -3.78 13.53
CA GLY C 163 6.67 -4.91 14.24
C GLY C 163 7.12 -4.65 15.66
N ASN C 164 7.35 -3.38 16.02
CA ASN C 164 7.79 -3.04 17.36
C ASN C 164 6.60 -2.79 18.29
N ALA C 165 6.79 -3.10 19.57
CA ALA C 165 5.77 -2.83 20.57
C ALA C 165 5.60 -1.33 20.73
N ALA C 166 4.38 -0.85 20.52
CA ALA C 166 4.09 0.58 20.55
C ALA C 166 3.37 1.03 21.81
N SER C 167 3.09 0.12 22.73
CA SER C 167 2.41 0.46 23.98
C SER C 167 2.82 -0.55 25.04
N LYS C 168 2.27 -0.40 26.23
CA LYS C 168 2.49 -1.37 27.31
C LYS C 168 1.27 -2.30 27.33
N LEU C 169 1.32 -3.31 28.19
CA LEU C 169 0.19 -4.23 28.30
C LEU C 169 -0.81 -3.59 29.24
N GLU C 170 -1.79 -2.88 28.66
CA GLU C 170 -2.74 -2.12 29.45
C GLU C 170 -3.93 -3.00 29.81
N VAL C 171 -4.46 -2.78 31.01
CA VAL C 171 -5.69 -3.42 31.45
C VAL C 171 -6.82 -2.43 31.15
N VAL C 172 -7.66 -2.76 30.17
CA VAL C 172 -8.65 -1.80 29.68
C VAL C 172 -9.99 -1.94 30.40
N GLY C 173 -10.29 -3.11 30.96
CA GLY C 173 -11.55 -3.26 31.68
C GLY C 173 -11.54 -4.53 32.50
N THR C 174 -12.61 -4.69 33.26
CA THR C 174 -12.86 -5.92 33.99
C THR C 174 -14.01 -6.65 33.31
N VAL C 175 -13.95 -7.98 33.33
CA VAL C 175 -14.90 -8.83 32.63
C VAL C 175 -15.15 -10.07 33.48
N GLY C 176 -16.19 -10.81 33.10
CA GLY C 176 -16.47 -12.06 33.77
C GLY C 176 -15.32 -13.04 33.65
N LYS C 177 -15.17 -13.85 34.71
CA LYS C 177 -14.05 -14.78 34.84
C LYS C 177 -13.95 -15.70 33.62
N LYS C 178 -15.08 -16.25 33.18
CA LYS C 178 -15.09 -17.20 32.07
C LYS C 178 -15.37 -16.51 30.74
N ASN C 179 -15.37 -15.18 30.72
CA ASN C 179 -15.40 -14.41 29.49
C ASN C 179 -13.96 -14.26 29.05
N THR C 180 -13.54 -15.14 28.13
CA THR C 180 -12.16 -15.20 27.67
C THR C 180 -12.13 -15.12 26.16
N GLY C 181 -10.99 -14.68 25.63
CA GLY C 181 -10.81 -14.68 24.19
C GLY C 181 -9.65 -13.82 23.75
N THR C 182 -9.36 -13.94 22.46
CA THR C 182 -8.32 -13.17 21.78
C THR C 182 -8.96 -12.46 20.60
N ARG C 183 -8.63 -11.19 20.45
CA ARG C 183 -9.15 -10.37 19.36
C ARG C 183 -7.98 -9.60 18.77
N LEU C 184 -7.71 -9.81 17.47
CA LEU C 184 -6.51 -9.27 16.83
C LEU C 184 -6.86 -8.54 15.55
N ARG C 185 -6.28 -7.35 15.38
CA ARG C 185 -6.52 -6.49 14.21
C ARG C 185 -5.17 -6.02 13.65
N PHE C 186 -4.95 -6.25 12.36
CA PHE C 186 -3.67 -5.88 11.73
C PHE C 186 -3.90 -5.10 10.44
N TRP C 187 -2.97 -4.18 10.16
CA TRP C 187 -2.97 -3.35 8.96
C TRP C 187 -1.73 -3.72 8.14
N ALA C 188 -1.91 -4.59 7.15
CA ALA C 188 -0.79 -5.07 6.35
C ALA C 188 -0.10 -3.91 5.64
N ASP C 189 1.21 -3.84 5.77
CA ASP C 189 1.97 -2.83 5.03
C ASP C 189 1.95 -3.19 3.55
N PRO C 190 1.42 -2.32 2.68
CA PRO C 190 1.32 -2.67 1.25
C PRO C 190 2.67 -2.83 0.56
N LYS C 191 3.76 -2.38 1.18
CA LYS C 191 5.06 -2.45 0.52
C LYS C 191 5.55 -3.88 0.36
N TYR C 192 5.02 -4.81 1.14
CA TYR C 192 5.43 -6.21 1.07
C TYR C 192 4.56 -7.04 0.13
N PHE C 193 3.50 -6.47 -0.44
CA PHE C 193 2.51 -7.25 -1.17
C PHE C 193 2.28 -6.68 -2.56
N ASP C 194 2.03 -7.58 -3.51
CA ASP C 194 1.68 -7.18 -4.86
C ASP C 194 0.47 -6.26 -4.89
N THR C 195 -0.51 -6.54 -4.03
CA THR C 195 -1.67 -5.70 -3.87
C THR C 195 -2.05 -5.73 -2.39
N PRO C 196 -2.45 -4.60 -1.83
CA PRO C 196 -2.91 -4.58 -0.43
C PRO C 196 -4.33 -5.07 -0.26
N LYS C 197 -4.99 -5.43 -1.37
CA LYS C 197 -6.38 -5.84 -1.35
C LYS C 197 -6.52 -7.28 -0.89
N PHE C 198 -7.55 -7.54 -0.08
CA PHE C 198 -7.89 -8.91 0.30
C PHE C 198 -8.78 -9.52 -0.79
N ASN C 199 -8.61 -10.82 -1.05
CA ASN C 199 -9.52 -11.55 -1.93
C ASN C 199 -10.61 -12.16 -1.06
N VAL C 200 -11.76 -11.47 -0.99
CA VAL C 200 -12.83 -11.89 -0.08
C VAL C 200 -13.45 -13.19 -0.56
N ARG C 201 -13.63 -13.34 -1.87
CA ARG C 201 -14.09 -14.59 -2.45
C ARG C 201 -13.31 -15.79 -1.92
N ALA C 202 -11.99 -15.70 -1.93
CA ALA C 202 -11.18 -16.81 -1.45
C ALA C 202 -11.28 -16.97 0.05
N LEU C 203 -11.20 -15.87 0.79
CA LEU C 203 -11.23 -15.96 2.25
C LEU C 203 -12.59 -16.40 2.77
N ARG C 204 -13.67 -16.05 2.07
CA ARG C 204 -14.99 -16.54 2.45
C ARG C 204 -15.06 -18.05 2.35
N HIS C 205 -14.64 -18.61 1.22
CA HIS C 205 -14.60 -20.05 1.06
C HIS C 205 -13.73 -20.70 2.14
N LEU C 206 -12.57 -20.10 2.42
CA LEU C 206 -11.68 -20.62 3.43
C LEU C 206 -12.37 -20.72 4.79
N LEU C 207 -13.06 -19.65 5.20
CA LEU C 207 -13.63 -19.58 6.54
C LEU C 207 -14.75 -20.59 6.74
N ARG C 208 -15.58 -20.79 5.71
CA ARG C 208 -16.68 -21.75 5.84
C ARG C 208 -16.13 -23.17 5.99
N ALA C 209 -15.06 -23.49 5.27
CA ALA C 209 -14.49 -24.83 5.37
C ALA C 209 -14.00 -25.10 6.78
N LYS C 210 -13.58 -24.06 7.50
CA LYS C 210 -13.24 -24.24 8.91
C LYS C 210 -14.46 -24.61 9.72
N ALA C 211 -15.64 -24.06 9.36
CA ALA C 211 -16.87 -24.44 10.04
C ALA C 211 -17.32 -25.84 9.63
N VAL C 212 -17.09 -26.22 8.38
CA VAL C 212 -17.46 -27.56 7.94
C VAL C 212 -16.57 -28.61 8.58
N LEU C 213 -15.28 -28.32 8.71
CA LEU C 213 -14.31 -29.31 9.18
C LEU C 213 -14.20 -29.35 10.70
N CYS C 214 -14.71 -28.34 11.40
CA CYS C 214 -14.74 -28.32 12.86
C CYS C 214 -16.19 -28.18 13.31
N PRO C 215 -16.94 -29.28 13.34
CA PRO C 215 -18.36 -29.21 13.70
C PRO C 215 -18.56 -28.57 15.07
N GLY C 216 -19.67 -27.83 15.19
CA GLY C 216 -19.95 -27.06 16.38
C GLY C 216 -19.35 -25.67 16.40
N LEU C 217 -18.43 -25.36 15.49
CA LEU C 217 -17.78 -24.06 15.43
C LEU C 217 -18.60 -23.11 14.57
N THR C 218 -18.90 -21.94 15.12
CA THR C 218 -19.61 -20.88 14.41
C THR C 218 -18.60 -19.89 13.84
N VAL C 219 -18.65 -19.66 12.54
CA VAL C 219 -17.69 -18.81 11.86
C VAL C 219 -18.43 -17.67 11.17
N LYS C 220 -17.98 -16.44 11.40
CA LYS C 220 -18.59 -15.24 10.83
C LYS C 220 -17.57 -14.45 10.03
N LEU C 221 -18.00 -13.94 8.87
CA LEU C 221 -17.22 -13.03 8.05
C LEU C 221 -18.07 -11.79 7.80
N HIS C 222 -17.44 -10.62 7.83
CA HIS C 222 -18.13 -9.34 7.69
C HIS C 222 -17.26 -8.45 6.82
N ASP C 223 -17.63 -8.34 5.53
CA ASP C 223 -16.94 -7.43 4.63
C ASP C 223 -17.68 -6.10 4.68
N GLU C 224 -17.18 -5.19 5.51
CA GLU C 224 -17.78 -3.90 5.73
C GLU C 224 -17.60 -2.95 4.55
N ALA C 225 -16.84 -3.33 3.50
CA ALA C 225 -16.74 -2.48 2.32
C ALA C 225 -17.96 -2.65 1.41
N THR C 226 -18.50 -3.84 1.35
CA THR C 226 -19.72 -4.08 0.64
C THR C 226 -20.88 -4.36 1.58
N GLY C 227 -20.64 -4.24 2.91
CA GLY C 227 -21.61 -4.55 3.96
C GLY C 227 -21.96 -6.01 4.10
N GLU C 228 -21.29 -6.86 3.37
CA GLU C 228 -21.74 -8.24 3.28
C GLU C 228 -21.44 -8.97 4.57
N GLN C 229 -22.29 -9.90 4.88
CA GLN C 229 -22.25 -10.56 6.17
C GLN C 229 -22.31 -12.07 5.92
N ASP C 230 -21.57 -12.86 6.72
CA ASP C 230 -21.69 -14.31 6.57
C ASP C 230 -21.55 -15.02 7.91
N SER C 231 -22.21 -16.17 8.03
CA SER C 231 -22.23 -16.93 9.29
C SER C 231 -22.42 -18.41 8.98
N TRP C 232 -21.52 -19.26 9.47
CA TRP C 232 -21.54 -20.69 9.17
C TRP C 232 -21.55 -21.53 10.45
N TYR C 233 -22.34 -22.61 10.42
CA TYR C 233 -22.35 -23.60 11.49
C TYR C 233 -22.91 -24.89 10.92
N PHE C 234 -22.18 -25.99 11.10
CA PHE C 234 -22.64 -27.29 10.61
C PHE C 234 -22.27 -28.36 11.63
N GLU C 235 -23.28 -29.11 12.08
CA GLU C 235 -23.04 -30.30 12.89
C GLU C 235 -22.95 -31.44 11.89
N ASN C 236 -21.73 -31.91 11.62
CA ASN C 236 -21.52 -33.00 10.68
C ASN C 236 -22.00 -32.62 9.28
N GLY C 237 -21.18 -31.85 8.56
CA GLY C 237 -21.59 -31.33 7.27
C GLY C 237 -20.59 -31.54 6.15
N LEU C 238 -19.66 -32.48 6.33
CA LEU C 238 -18.64 -32.72 5.32
C LEU C 238 -19.26 -33.29 4.04
N ARG C 239 -20.11 -34.30 4.17
CA ARG C 239 -20.84 -34.83 3.02
C ARG C 239 -21.67 -33.75 2.35
N ASP C 240 -22.47 -33.01 3.14
CA ASP C 240 -23.30 -31.96 2.57
C ASP C 240 -22.45 -30.85 1.95
N TYR C 241 -21.24 -30.64 2.47
CA TYR C 241 -20.36 -29.63 1.91
C TYR C 241 -19.93 -29.97 0.49
N LEU C 242 -19.46 -31.20 0.28
CA LEU C 242 -18.94 -31.56 -1.03
C LEU C 242 -20.03 -31.71 -2.08
N LYS C 243 -21.19 -32.28 -1.71
CA LYS C 243 -22.28 -32.36 -2.69
C LYS C 243 -22.78 -30.97 -3.08
N GLY C 244 -22.84 -30.06 -2.11
CA GLY C 244 -23.29 -28.71 -2.42
C GLY C 244 -22.33 -27.97 -3.33
N GLU C 245 -21.03 -28.23 -3.20
CA GLU C 245 -20.07 -27.55 -4.06
C GLU C 245 -20.06 -28.08 -5.48
N MET C 246 -20.66 -29.25 -5.70
CA MET C 246 -20.81 -29.86 -7.01
C MET C 246 -22.28 -30.15 -7.28
N ALA C 247 -23.15 -29.21 -6.86
CA ALA C 247 -24.58 -29.45 -6.90
C ALA C 247 -25.16 -29.69 -8.29
N GLU C 248 -24.56 -29.24 -9.39
CA GLU C 248 -25.20 -29.63 -10.63
C GLU C 248 -24.58 -30.82 -11.36
N HIS C 249 -23.54 -31.47 -10.84
CA HIS C 249 -22.91 -32.53 -11.63
C HIS C 249 -23.34 -33.90 -11.13
N GLU C 250 -23.03 -34.90 -11.92
CA GLU C 250 -23.46 -36.28 -11.66
C GLU C 250 -22.28 -37.03 -11.07
N MET C 251 -22.27 -37.28 -9.77
CA MET C 251 -21.16 -38.07 -9.25
C MET C 251 -21.70 -39.45 -8.85
N LEU C 252 -20.78 -40.28 -8.43
CA LEU C 252 -21.02 -41.67 -8.24
C LEU C 252 -20.12 -42.18 -7.13
N PRO C 253 -20.67 -42.57 -5.98
CA PRO C 253 -22.09 -42.58 -5.62
C PRO C 253 -22.71 -41.18 -5.61
N ALA C 254 -23.92 -41.05 -6.14
CA ALA C 254 -24.59 -39.75 -6.14
C ALA C 254 -24.57 -39.12 -4.75
N ASP C 255 -24.56 -39.94 -3.70
CA ASP C 255 -24.55 -39.48 -2.32
C ASP C 255 -23.18 -39.62 -1.66
N LEU C 256 -22.09 -39.66 -2.43
CA LEU C 256 -20.78 -39.40 -1.85
C LEU C 256 -20.22 -40.41 -0.84
N PHE C 257 -19.57 -41.48 -1.31
CA PHE C 257 -18.82 -42.35 -0.39
C PHE C 257 -17.99 -41.52 0.58
N VAL C 258 -18.28 -41.67 1.87
CA VAL C 258 -17.60 -40.98 2.95
C VAL C 258 -16.97 -42.02 3.86
N GLY C 259 -15.83 -41.66 4.46
CA GLY C 259 -15.18 -42.51 5.43
C GLY C 259 -14.53 -41.69 6.54
N SER C 260 -13.97 -42.40 7.52
CA SER C 260 -13.31 -41.79 8.65
C SER C 260 -12.54 -42.86 9.40
N LEU C 261 -11.50 -42.43 10.11
CA LEU C 261 -10.74 -43.33 10.96
C LEU C 261 -10.03 -42.51 12.03
N LYS C 262 -10.17 -42.96 13.28
CA LYS C 262 -9.60 -42.29 14.44
C LYS C 262 -8.57 -43.22 15.06
N LYS C 263 -7.43 -42.65 15.43
CA LYS C 263 -6.25 -43.34 15.96
C LYS C 263 -5.60 -42.66 17.17
N ASP C 264 -6.27 -41.74 17.85
CA ASP C 264 -5.75 -41.15 19.09
C ASP C 264 -4.38 -40.50 18.89
N THR C 265 -3.92 -40.45 17.64
CA THR C 265 -2.73 -39.73 17.21
C THR C 265 -2.94 -38.91 15.97
N GLU C 266 -3.88 -39.33 15.13
CA GLU C 266 -4.30 -38.91 13.79
C GLU C 266 -5.74 -39.32 13.45
N ILE C 267 -6.49 -38.37 12.89
CA ILE C 267 -7.85 -38.61 12.44
C ILE C 267 -7.95 -38.22 10.98
N VAL C 268 -8.71 -39.00 10.22
CA VAL C 268 -8.93 -38.75 8.81
C VAL C 268 -10.41 -38.80 8.54
N ASP C 269 -10.90 -37.83 7.77
CA ASP C 269 -12.25 -37.80 7.27
C ASP C 269 -12.19 -37.44 5.80
N TRP C 270 -13.10 -38.01 5.01
CA TRP C 270 -13.07 -37.72 3.58
C TRP C 270 -14.45 -37.97 2.99
N ALA C 271 -14.75 -37.22 1.93
CA ALA C 271 -15.89 -37.48 1.08
C ALA C 271 -15.38 -37.60 -0.34
N ALA C 272 -15.80 -38.64 -1.06
CA ALA C 272 -15.26 -38.92 -2.38
C ALA C 272 -16.36 -39.31 -3.35
N GLY C 273 -16.18 -38.92 -4.61
CA GLY C 273 -17.08 -39.30 -5.68
C GLY C 273 -16.32 -39.38 -6.99
N TRP C 274 -16.96 -40.01 -7.97
CA TRP C 274 -16.40 -40.11 -9.32
C TRP C 274 -17.34 -39.45 -10.30
N VAL C 275 -16.81 -38.55 -11.13
CA VAL C 275 -17.62 -37.73 -12.02
C VAL C 275 -17.17 -37.92 -13.46
N PRO C 276 -18.04 -38.39 -14.35
CA PRO C 276 -17.70 -38.41 -15.78
C PRO C 276 -17.52 -37.03 -16.39
N GLU C 277 -17.86 -35.97 -15.65
CA GLU C 277 -18.01 -34.65 -16.22
C GLU C 277 -17.29 -33.63 -15.31
N GLY C 278 -16.58 -32.70 -15.94
CA GLY C 278 -16.56 -31.36 -15.38
C GLY C 278 -15.39 -31.12 -14.42
N GLU C 279 -15.47 -29.95 -13.78
CA GLU C 279 -14.42 -29.54 -12.88
C GLU C 279 -14.62 -30.22 -11.52
N LEU C 280 -13.53 -30.78 -11.01
CA LEU C 280 -13.56 -31.68 -9.87
C LEU C 280 -13.08 -30.87 -8.67
N VAL C 281 -13.91 -30.78 -7.64
CA VAL C 281 -13.48 -30.14 -6.42
C VAL C 281 -12.54 -31.10 -5.71
N GLN C 282 -11.30 -30.65 -5.49
CA GLN C 282 -10.27 -31.48 -4.86
C GLN C 282 -9.60 -30.63 -3.79
N GLU C 283 -10.17 -30.67 -2.60
CA GLU C 283 -9.66 -29.93 -1.45
C GLU C 283 -9.09 -30.90 -0.44
N SER C 284 -7.91 -30.59 0.09
CA SER C 284 -7.29 -31.40 1.12
C SER C 284 -6.82 -30.49 2.25
N TYR C 285 -6.82 -31.04 3.47
CA TYR C 285 -6.58 -30.25 4.67
C TYR C 285 -5.78 -31.07 5.65
N VAL C 286 -4.93 -30.39 6.41
CA VAL C 286 -4.13 -30.99 7.47
C VAL C 286 -4.27 -30.11 8.71
N ASN C 287 -4.81 -30.67 9.79
CA ASN C 287 -5.28 -29.89 10.94
C ASN C 287 -6.05 -28.66 10.50
N LEU C 288 -6.96 -28.85 9.55
CA LEU C 288 -7.87 -27.84 9.04
C LEU C 288 -7.16 -26.72 8.29
N ILE C 289 -5.87 -26.89 8.00
CA ILE C 289 -5.12 -25.96 7.18
C ILE C 289 -5.16 -26.44 5.74
N PRO C 290 -5.59 -25.62 4.79
CA PRO C 290 -5.66 -26.08 3.40
C PRO C 290 -4.27 -26.27 2.81
N THR C 291 -4.10 -27.38 2.09
CA THR C 291 -2.85 -27.72 1.42
C THR C 291 -3.13 -27.74 -0.08
N ALA C 292 -2.82 -26.63 -0.75
CA ALA C 292 -3.18 -26.49 -2.17
C ALA C 292 -2.40 -27.46 -3.06
N GLN C 293 -1.19 -27.85 -2.67
CA GLN C 293 -0.40 -28.80 -3.46
C GLN C 293 -0.48 -30.22 -2.90
N HIS C 294 -1.37 -30.43 -1.95
CA HIS C 294 -1.91 -31.67 -1.40
C HIS C 294 -0.97 -32.59 -0.63
N GLY C 295 0.26 -32.80 -1.06
CA GLY C 295 1.07 -33.66 -0.20
C GLY C 295 0.70 -35.16 -0.16
N THR C 296 1.25 -35.82 0.88
CA THR C 296 1.22 -37.28 1.01
C THR C 296 -0.12 -37.82 1.50
N HIS C 297 -0.89 -37.05 2.30
CA HIS C 297 -2.18 -37.55 2.75
C HIS C 297 -3.10 -37.82 1.57
N VAL C 298 -3.00 -37.00 0.52
CA VAL C 298 -3.74 -37.28 -0.71
C VAL C 298 -3.15 -38.51 -1.41
N ASN C 299 -1.83 -38.69 -1.34
CA ASN C 299 -1.21 -39.88 -1.92
C ASN C 299 -1.75 -41.14 -1.28
N GLY C 300 -1.88 -41.15 0.05
CA GLY C 300 -2.44 -42.30 0.73
C GLY C 300 -3.88 -42.56 0.34
N LEU C 301 -4.68 -41.50 0.25
CA LEU C 301 -6.05 -41.66 -0.20
C LEU C 301 -6.10 -42.25 -1.60
N ARG C 302 -5.18 -41.85 -2.48
CA ARG C 302 -5.24 -42.33 -3.86
C ARG C 302 -4.92 -43.81 -3.93
N SER C 303 -3.82 -44.22 -3.28
CA SER C 303 -3.40 -45.61 -3.33
C SER C 303 -4.42 -46.52 -2.67
N GLY C 304 -4.92 -46.11 -1.49
CA GLY C 304 -5.91 -46.93 -0.81
C GLY C 304 -7.18 -47.11 -1.63
N LEU C 305 -7.70 -46.02 -2.19
CA LEU C 305 -8.89 -46.12 -3.01
C LEU C 305 -8.61 -46.94 -4.27
N THR C 306 -7.41 -46.81 -4.82
CA THR C 306 -7.04 -47.57 -6.01
C THR C 306 -6.92 -49.06 -5.70
N ASP C 307 -6.20 -49.41 -4.64
CA ASP C 307 -6.03 -50.81 -4.27
C ASP C 307 -7.38 -51.51 -4.07
N ALA C 308 -8.34 -50.82 -3.45
CA ALA C 308 -9.65 -51.42 -3.21
C ALA C 308 -10.45 -51.56 -4.50
N LEU C 309 -10.22 -50.67 -5.47
CA LEU C 309 -11.01 -50.73 -6.69
C LEU C 309 -10.47 -51.76 -7.68
N ARG C 310 -9.15 -51.96 -7.73
CA ARG C 310 -8.66 -53.02 -8.60
C ARG C 310 -8.91 -54.39 -7.98
N GLU C 311 -8.97 -54.49 -6.65
CA GLU C 311 -9.39 -55.73 -6.02
C GLU C 311 -10.87 -55.99 -6.22
N PHE C 312 -11.63 -54.98 -6.62
CA PHE C 312 -13.04 -55.14 -6.89
C PHE C 312 -13.24 -55.54 -8.34
N CYS C 313 -12.38 -55.03 -9.23
CA CYS C 313 -12.39 -55.45 -10.62
C CYS C 313 -11.80 -56.82 -10.82
N ASP C 314 -10.89 -57.21 -9.94
CA ASP C 314 -10.12 -58.42 -10.21
C ASP C 314 -10.82 -59.66 -9.66
N PHE C 315 -11.33 -59.56 -8.42
CA PHE C 315 -12.09 -60.59 -7.69
C PHE C 315 -13.47 -60.69 -8.31
N ARG C 316 -13.53 -60.21 -9.54
CA ARG C 316 -14.68 -60.13 -10.39
C ARG C 316 -14.44 -60.40 -11.86
N ASN C 317 -13.17 -60.34 -12.26
CA ASN C 317 -12.76 -60.40 -13.66
C ASN C 317 -13.61 -59.44 -14.48
N LEU C 318 -13.79 -58.23 -13.95
CA LEU C 318 -14.41 -57.09 -14.61
C LEU C 318 -13.41 -56.38 -15.52
N LEU C 319 -12.16 -56.85 -15.53
CA LEU C 319 -11.05 -56.19 -16.18
C LEU C 319 -10.97 -56.68 -17.61
N PRO C 320 -11.16 -55.80 -18.60
CA PRO C 320 -11.09 -56.19 -20.01
C PRO C 320 -9.75 -56.82 -20.37
N ARG C 321 -9.69 -57.21 -21.62
CA ARG C 321 -8.80 -58.27 -22.03
C ARG C 321 -7.52 -57.49 -22.39
N GLY C 322 -6.38 -57.83 -21.79
CA GLY C 322 -5.18 -57.04 -22.00
C GLY C 322 -4.96 -55.81 -21.10
N VAL C 323 -5.96 -55.40 -20.32
CA VAL C 323 -5.99 -54.10 -19.65
C VAL C 323 -5.69 -54.20 -18.16
N LYS C 324 -4.95 -53.22 -17.65
CA LYS C 324 -4.61 -53.05 -16.24
C LYS C 324 -4.95 -51.65 -15.76
N LEU C 325 -5.40 -51.56 -14.50
CA LEU C 325 -5.70 -50.30 -13.82
C LEU C 325 -4.55 -49.74 -13.01
N ALA C 326 -4.08 -48.57 -13.43
CA ALA C 326 -3.10 -47.74 -12.79
C ALA C 326 -3.80 -46.64 -12.00
N PRO C 327 -3.12 -46.12 -10.98
CA PRO C 327 -3.72 -45.11 -10.10
C PRO C 327 -4.18 -43.80 -10.76
N GLU C 328 -3.53 -43.31 -11.84
CA GLU C 328 -4.07 -42.14 -12.51
C GLU C 328 -5.51 -42.35 -12.95
N ASP C 329 -5.81 -43.56 -13.44
CA ASP C 329 -7.13 -43.85 -13.99
C ASP C 329 -8.19 -43.81 -12.90
N VAL C 330 -7.89 -44.38 -11.73
CA VAL C 330 -8.80 -44.22 -10.59
C VAL C 330 -9.01 -42.74 -10.29
N TRP C 331 -7.92 -41.99 -10.24
CA TRP C 331 -7.95 -40.61 -9.75
C TRP C 331 -8.35 -39.58 -10.79
N ASP C 332 -8.40 -39.93 -12.07
CA ASP C 332 -8.62 -38.93 -13.10
C ASP C 332 -9.97 -38.23 -12.97
N ARG C 333 -10.98 -38.89 -12.37
CA ARG C 333 -12.31 -38.32 -12.27
C ARG C 333 -12.80 -38.27 -10.83
N VAL C 334 -11.88 -38.17 -9.87
CA VAL C 334 -12.25 -38.10 -8.46
C VAL C 334 -12.46 -36.65 -8.08
N THR C 335 -13.45 -36.45 -7.22
CA THR C 335 -13.59 -35.20 -6.48
C THR C 335 -13.64 -35.57 -5.01
N PHE C 336 -12.67 -35.07 -4.27
CA PHE C 336 -12.54 -35.45 -2.88
C PHE C 336 -12.46 -34.20 -2.02
N VAL C 337 -12.79 -34.39 -0.75
CA VAL C 337 -12.52 -33.41 0.29
C VAL C 337 -11.93 -34.21 1.44
N LEU C 338 -10.62 -34.07 1.65
CA LEU C 338 -9.90 -34.86 2.62
C LEU C 338 -9.43 -33.98 3.75
N SER C 339 -9.78 -34.36 4.98
CA SER C 339 -9.41 -33.61 6.18
C SER C 339 -8.67 -34.56 7.09
N LEU C 340 -7.35 -34.43 7.11
CA LEU C 340 -6.50 -35.18 8.01
C LEU C 340 -6.15 -34.32 9.21
N LYS C 341 -6.15 -34.93 10.38
CA LYS C 341 -5.70 -34.28 11.61
C LYS C 341 -4.61 -35.18 12.19
N MET C 342 -3.44 -34.60 12.45
CA MET C 342 -2.33 -35.40 12.95
C MET C 342 -1.51 -34.61 13.96
N THR C 343 -0.98 -35.32 14.95
CA THR C 343 0.02 -34.72 15.83
C THR C 343 1.33 -34.59 15.07
N ASP C 344 1.89 -33.38 15.06
CA ASP C 344 3.17 -33.09 14.43
C ASP C 344 3.20 -33.44 12.95
N PRO C 345 2.51 -32.69 12.10
CA PRO C 345 2.70 -32.83 10.66
C PRO C 345 3.97 -32.12 10.21
N GLN C 346 4.31 -32.31 8.93
CA GLN C 346 5.50 -31.70 8.36
C GLN C 346 5.14 -31.06 7.02
N PHE C 347 5.19 -29.73 6.96
CA PHE C 347 4.95 -28.97 5.74
C PHE C 347 6.28 -28.49 5.17
N SER C 348 6.24 -28.15 3.88
CA SER C 348 7.46 -27.73 3.19
C SER C 348 7.75 -26.25 3.39
N GLY C 349 6.85 -25.50 4.03
CA GLY C 349 7.06 -24.07 4.19
C GLY C 349 6.02 -23.47 5.09
N GLN C 350 6.24 -22.20 5.43
CA GLN C 350 5.33 -21.48 6.32
C GLN C 350 3.93 -21.39 5.74
N THR C 351 3.83 -21.29 4.41
CA THR C 351 2.52 -21.23 3.77
C THR C 351 1.76 -22.54 3.84
N LYS C 352 2.45 -23.64 4.16
CA LYS C 352 1.85 -24.96 4.41
C LYS C 352 0.94 -25.40 3.25
N GLU C 353 1.56 -25.54 2.08
CA GLU C 353 0.83 -25.88 0.87
C GLU C 353 0.96 -27.35 0.48
N ARG C 354 2.05 -28.00 0.82
CA ARG C 354 2.23 -29.42 0.57
C ARG C 354 2.59 -30.12 1.87
N LEU C 355 2.03 -31.29 2.07
CA LEU C 355 2.28 -32.11 3.25
C LEU C 355 3.32 -33.16 2.88
N SER C 356 4.45 -33.18 3.58
CA SER C 356 5.53 -34.11 3.24
C SER C 356 5.71 -35.19 4.31
N SER C 357 4.85 -35.24 5.32
CA SER C 357 4.86 -36.34 6.27
C SER C 357 4.59 -37.61 5.50
N ARG C 358 5.55 -38.53 5.42
CA ARG C 358 5.28 -39.65 4.52
C ARG C 358 4.44 -40.59 5.36
N GLN C 359 4.49 -40.35 6.67
CA GLN C 359 3.80 -41.11 7.69
C GLN C 359 2.35 -41.22 7.35
N ALA C 360 1.79 -40.07 6.97
CA ALA C 360 0.40 -39.88 6.61
C ALA C 360 -0.05 -40.77 5.47
N ALA C 361 0.84 -41.08 4.54
CA ALA C 361 0.44 -41.90 3.40
C ALA C 361 -0.04 -43.27 3.87
N GLY C 362 0.69 -43.88 4.80
CA GLY C 362 0.32 -45.19 5.29
C GLY C 362 -0.99 -45.19 6.06
N PHE C 363 -1.17 -44.21 6.95
CA PHE C 363 -2.40 -44.17 7.75
C PHE C 363 -3.63 -44.05 6.87
N ILE C 364 -3.60 -43.15 5.90
CA ILE C 364 -4.76 -42.94 5.04
C ILE C 364 -4.89 -44.05 4.00
N GLU C 365 -3.78 -44.63 3.55
CA GLU C 365 -3.87 -45.74 2.60
C GLU C 365 -4.68 -46.88 3.17
N GLY C 366 -4.39 -47.28 4.40
CA GLY C 366 -5.15 -48.33 5.04
C GLY C 366 -6.60 -47.97 5.26
N ALA C 367 -6.84 -46.80 5.86
CA ALA C 367 -8.21 -46.36 6.15
C ALA C 367 -9.09 -46.35 4.91
N ALA C 368 -8.62 -45.73 3.82
CA ALA C 368 -9.48 -45.58 2.65
C ALA C 368 -9.73 -46.92 1.94
N HIS C 369 -8.70 -47.76 1.86
CA HIS C 369 -8.81 -49.03 1.16
C HIS C 369 -9.73 -49.98 1.92
N ASP C 370 -9.57 -50.09 3.22
CA ASP C 370 -10.46 -50.93 4.01
C ASP C 370 -11.89 -50.42 3.86
N ALA C 371 -12.11 -49.12 4.11
CA ALA C 371 -13.46 -48.60 4.10
C ALA C 371 -14.07 -48.66 2.71
N PHE C 372 -13.27 -48.53 1.65
CA PHE C 372 -13.82 -48.59 0.29
C PHE C 372 -14.12 -50.03 -0.13
N SER C 373 -13.26 -50.98 0.26
CA SER C 373 -13.53 -52.39 -0.02
C SER C 373 -14.83 -52.87 0.61
N LEU C 374 -15.09 -52.42 1.84
CA LEU C 374 -16.35 -52.72 2.51
C LEU C 374 -17.53 -52.05 1.80
N TYR C 375 -17.39 -50.76 1.44
CA TYR C 375 -18.46 -50.09 0.70
C TYR C 375 -18.73 -50.77 -0.63
N LEU C 376 -17.66 -51.17 -1.34
CA LEU C 376 -17.84 -51.75 -2.66
C LEU C 376 -18.58 -53.09 -2.59
N ASN C 377 -18.23 -53.94 -1.62
CA ASN C 377 -18.88 -55.24 -1.52
C ASN C 377 -20.32 -55.14 -1.05
N GLN C 378 -20.73 -54.01 -0.47
CA GLN C 378 -22.13 -53.80 -0.11
C GLN C 378 -22.93 -53.08 -1.18
N ASN C 379 -22.25 -52.36 -2.09
CA ASN C 379 -22.93 -51.54 -3.11
C ASN C 379 -22.30 -51.88 -4.47
N VAL C 380 -22.58 -53.10 -4.95
CA VAL C 380 -21.86 -53.65 -6.09
C VAL C 380 -22.26 -52.93 -7.37
N GLU C 381 -23.57 -52.75 -7.59
CA GLU C 381 -24.03 -52.10 -8.81
C GLU C 381 -23.55 -50.66 -8.88
N ILE C 382 -23.40 -50.00 -7.73
CA ILE C 382 -22.77 -48.69 -7.71
C ILE C 382 -21.29 -48.82 -8.05
N GLY C 383 -20.61 -49.77 -7.38
CA GLY C 383 -19.18 -49.93 -7.57
C GLY C 383 -18.78 -50.27 -9.00
N GLU C 384 -19.58 -51.09 -9.69
CA GLU C 384 -19.33 -51.38 -11.10
C GLU C 384 -19.29 -50.10 -11.93
N LYS C 385 -20.32 -49.27 -11.82
CA LYS C 385 -20.34 -48.03 -12.59
C LYS C 385 -19.16 -47.13 -12.24
N ILE C 386 -18.76 -47.12 -10.97
CA ILE C 386 -17.53 -46.41 -10.59
C ILE C 386 -16.33 -47.02 -11.30
N ALA C 387 -16.17 -48.35 -11.19
CA ALA C 387 -15.03 -49.02 -11.80
C ALA C 387 -14.99 -48.78 -13.31
N GLN C 388 -16.16 -48.68 -13.94
CA GLN C 388 -16.21 -48.43 -15.38
C GLN C 388 -15.55 -47.10 -15.72
N ILE C 389 -15.73 -46.09 -14.88
CA ILE C 389 -15.08 -44.79 -15.10
C ILE C 389 -13.57 -44.96 -15.10
N ALA C 390 -13.05 -45.80 -14.20
CA ALA C 390 -11.61 -46.04 -14.17
C ALA C 390 -11.13 -46.82 -15.38
N ILE C 391 -11.88 -47.84 -15.80
CA ILE C 391 -11.43 -48.65 -16.94
C ILE C 391 -11.55 -47.86 -18.23
N ASP C 392 -12.56 -46.99 -18.34
CA ASP C 392 -12.74 -46.21 -19.55
C ASP C 392 -11.51 -45.35 -19.84
N ARG C 393 -10.82 -44.89 -18.79
CA ARG C 393 -9.59 -44.12 -18.95
C ARG C 393 -8.33 -44.99 -19.10
N ALA C 394 -8.23 -46.13 -18.40
CA ALA C 394 -7.00 -46.92 -18.43
C ALA C 394 -6.79 -47.61 -19.77
N SER C 395 -7.84 -48.25 -20.30
CA SER C 395 -7.77 -48.81 -21.64
C SER C 395 -7.33 -47.73 -22.63
N ALA C 396 -7.71 -46.48 -22.36
CA ALA C 396 -7.42 -45.33 -23.21
C ALA C 396 -5.97 -44.89 -23.03
N ARG D 23 -2.53 -26.08 32.78
CA ARG D 23 -2.92 -24.71 32.46
C ARG D 23 -2.36 -24.27 31.12
N TYR D 24 -2.40 -22.96 30.89
CA TYR D 24 -1.93 -22.38 29.63
C TYR D 24 -1.53 -20.94 29.95
N ASN D 25 -0.23 -20.74 30.18
CA ASN D 25 0.31 -19.45 30.56
C ASN D 25 1.56 -19.16 29.73
N ALA D 26 2.18 -18.02 30.00
CA ALA D 26 3.38 -17.62 29.27
C ALA D 26 4.46 -18.70 29.36
N ALA D 27 4.58 -19.37 30.51
CA ALA D 27 5.57 -20.44 30.65
C ALA D 27 5.34 -21.55 29.63
N ASP D 28 4.09 -21.76 29.21
CA ASP D 28 3.79 -22.75 28.19
C ASP D 28 4.19 -22.32 26.78
N ILE D 29 4.70 -21.10 26.63
CA ILE D 29 5.21 -20.61 25.34
C ILE D 29 6.72 -20.89 25.32
N GLU D 30 7.15 -21.82 24.47
CA GLU D 30 8.55 -22.15 24.36
C GLU D 30 9.20 -21.40 23.21
N VAL D 31 10.47 -21.02 23.40
CA VAL D 31 11.25 -20.25 22.44
C VAL D 31 12.38 -21.13 21.93
N LEU D 32 12.36 -21.44 20.64
CA LEU D 32 13.48 -22.12 20.00
C LEU D 32 14.50 -21.09 19.54
N SER D 33 15.76 -21.32 19.87
CA SER D 33 16.82 -20.37 19.58
C SER D 33 17.98 -21.07 18.90
N GLY D 34 18.87 -20.26 18.33
CA GLY D 34 20.01 -20.82 17.61
C GLY D 34 19.56 -21.53 16.34
N LEU D 35 20.03 -22.75 16.16
CA LEU D 35 19.66 -23.60 15.04
C LEU D 35 18.55 -24.58 15.40
N ASP D 36 18.08 -24.56 16.65
CA ASP D 36 17.03 -25.47 17.06
C ASP D 36 15.77 -25.38 16.20
N PRO D 37 15.30 -24.19 15.76
CA PRO D 37 14.16 -24.17 14.84
C PRO D 37 14.37 -25.06 13.62
N VAL D 38 15.61 -25.12 13.12
CA VAL D 38 15.90 -25.97 11.97
C VAL D 38 15.83 -27.44 12.36
N LYS D 39 16.35 -27.78 13.54
CA LYS D 39 16.33 -29.16 14.00
C LYS D 39 14.92 -29.63 14.29
N ARG D 40 14.07 -28.73 14.80
CA ARG D 40 12.72 -29.13 15.18
C ARG D 40 11.77 -29.17 13.99
N ARG D 41 11.98 -28.32 12.99
CA ARG D 41 11.13 -28.27 11.79
C ARG D 41 12.01 -28.25 10.55
N PRO D 42 12.69 -29.35 10.24
CA PRO D 42 13.53 -29.36 9.03
C PRO D 42 12.73 -29.29 7.75
N GLY D 43 11.45 -29.71 7.78
CA GLY D 43 10.64 -29.65 6.58
C GLY D 43 10.51 -28.24 6.03
N MET D 44 10.58 -27.23 6.91
CA MET D 44 10.46 -25.86 6.48
C MET D 44 11.77 -25.31 5.92
N TYR D 45 12.89 -25.99 6.14
CA TYR D 45 14.18 -25.48 5.72
C TYR D 45 14.85 -26.28 4.60
N THR D 46 14.39 -27.49 4.33
CA THR D 46 15.01 -28.31 3.28
C THR D 46 14.00 -29.35 2.80
N ASP D 47 14.39 -30.07 1.75
CA ASP D 47 13.66 -31.25 1.30
C ASP D 47 14.12 -32.44 2.13
N THR D 48 13.22 -32.97 2.96
CA THR D 48 13.54 -34.06 3.86
C THR D 48 13.45 -35.43 3.19
N ALA D 49 13.25 -35.51 1.87
CA ALA D 49 13.21 -36.82 1.21
C ALA D 49 14.59 -37.46 1.17
N ARG D 50 15.62 -36.67 0.88
CA ARG D 50 17.00 -37.12 0.86
C ARG D 50 17.89 -35.90 1.05
N PRO D 51 19.15 -36.09 1.46
CA PRO D 51 20.02 -34.93 1.72
C PRO D 51 20.54 -34.24 0.47
N ASN D 52 19.93 -34.49 -0.69
CA ASN D 52 20.38 -33.85 -1.92
C ASN D 52 20.40 -32.32 -1.79
N HIS D 53 19.32 -31.75 -1.27
CA HIS D 53 19.23 -30.29 -1.16
C HIS D 53 20.25 -29.72 -0.18
N LEU D 54 20.73 -30.52 0.78
CA LEU D 54 21.84 -30.07 1.61
C LEU D 54 23.08 -29.83 0.75
N ALA D 55 23.38 -30.79 -0.13
CA ALA D 55 24.49 -30.60 -1.07
C ALA D 55 24.24 -29.39 -1.96
N GLN D 56 23.01 -29.23 -2.46
CA GLN D 56 22.67 -28.07 -3.29
C GLN D 56 23.02 -26.77 -2.59
N GLU D 57 22.68 -26.65 -1.30
CA GLU D 57 23.00 -25.44 -0.55
C GLU D 57 24.49 -25.15 -0.54
N VAL D 58 25.32 -26.18 -0.35
CA VAL D 58 26.76 -25.96 -0.34
C VAL D 58 27.26 -25.67 -1.76
N ILE D 59 26.75 -26.42 -2.75
CA ILE D 59 27.09 -26.16 -4.15
C ILE D 59 26.74 -24.72 -4.53
N ASP D 60 25.54 -24.27 -4.16
CA ASP D 60 25.08 -22.96 -4.58
C ASP D 60 26.03 -21.85 -4.14
N ASN D 61 26.53 -21.92 -2.91
CA ASN D 61 27.47 -20.89 -2.44
C ASN D 61 28.75 -20.90 -3.25
N SER D 62 29.18 -22.06 -3.73
CA SER D 62 30.36 -22.11 -4.57
C SER D 62 30.08 -21.54 -5.94
N VAL D 63 28.93 -21.89 -6.52
CA VAL D 63 28.55 -21.39 -7.85
C VAL D 63 28.42 -19.87 -7.86
N ASP D 64 27.91 -19.27 -6.77
CA ASP D 64 27.77 -17.85 -6.71
C ASP D 64 29.14 -17.14 -6.71
N GLU D 65 30.14 -17.73 -6.07
CA GLU D 65 31.51 -17.25 -6.22
C GLU D 65 31.92 -17.24 -7.69
N ALA D 66 31.55 -18.29 -8.42
CA ALA D 66 31.84 -18.33 -9.86
C ALA D 66 31.10 -17.23 -10.61
N LEU D 67 29.81 -17.04 -10.29
CA LEU D 67 29.03 -16.01 -10.96
C LEU D 67 29.60 -14.61 -10.74
N ALA D 68 30.36 -14.41 -9.66
CA ALA D 68 31.02 -13.14 -9.40
C ALA D 68 32.46 -13.12 -9.89
N GLY D 69 32.86 -14.10 -10.70
CA GLY D 69 34.19 -14.09 -11.29
C GLY D 69 35.35 -14.31 -10.34
N HIS D 70 35.16 -15.12 -9.29
CA HIS D 70 36.24 -15.43 -8.36
C HIS D 70 36.61 -16.91 -8.30
N ALA D 71 35.75 -17.80 -8.78
CA ALA D 71 36.04 -19.24 -8.79
C ALA D 71 35.91 -19.80 -10.19
N LYS D 72 36.79 -20.77 -10.52
CA LYS D 72 36.73 -21.47 -11.80
C LYS D 72 36.74 -23.00 -11.65
N GLN D 73 36.62 -23.52 -10.43
CA GLN D 73 36.66 -24.97 -10.24
C GLN D 73 35.80 -25.32 -9.04
N ILE D 74 34.74 -26.08 -9.28
CA ILE D 74 33.92 -26.67 -8.22
C ILE D 74 33.98 -28.19 -8.37
N GLU D 75 34.35 -28.88 -7.31
CA GLU D 75 34.47 -30.34 -7.32
C GLU D 75 33.64 -30.94 -6.18
N VAL D 76 32.70 -31.82 -6.53
CA VAL D 76 31.83 -32.47 -5.55
C VAL D 76 32.24 -33.93 -5.45
N THR D 77 32.47 -34.39 -4.23
CA THR D 77 32.88 -35.77 -3.95
C THR D 77 31.88 -36.42 -3.02
N LEU D 78 31.30 -37.53 -3.45
CA LEU D 78 30.35 -38.29 -2.63
C LEU D 78 31.06 -39.50 -2.05
N TYR D 79 31.40 -39.43 -0.78
CA TYR D 79 32.15 -40.53 -0.16
C TYR D 79 31.23 -41.70 0.20
N LYS D 80 31.81 -42.93 0.32
CA LYS D 80 30.96 -44.06 0.72
C LYS D 80 30.32 -43.92 2.05
N ASP D 81 30.89 -43.16 2.93
CA ASP D 81 30.36 -43.16 4.28
C ASP D 81 29.16 -42.28 4.40
N GLY D 82 28.55 -41.90 3.29
CA GLY D 82 27.38 -41.05 3.29
C GLY D 82 27.67 -39.57 3.25
N SER D 83 28.92 -39.16 3.47
CA SER D 83 29.24 -37.75 3.51
C SER D 83 29.37 -37.18 2.10
N CYS D 84 29.27 -35.85 2.02
CA CYS D 84 29.41 -35.12 0.77
C CYS D 84 30.35 -33.95 0.99
N GLU D 85 31.15 -33.64 -0.04
CA GLU D 85 32.14 -32.58 0.05
C GLU D 85 32.13 -31.75 -1.22
N VAL D 86 32.27 -30.43 -1.05
CA VAL D 86 32.26 -29.48 -2.15
C VAL D 86 33.47 -28.57 -2.02
N SER D 87 34.25 -28.46 -3.10
CA SER D 87 35.46 -27.65 -3.10
C SER D 87 35.36 -26.59 -4.18
N ASP D 88 35.67 -25.34 -3.81
CA ASP D 88 35.75 -24.25 -4.76
C ASP D 88 37.10 -23.54 -4.60
N ASP D 89 37.51 -22.87 -5.68
CA ASP D 89 38.70 -22.02 -5.65
C ASP D 89 38.33 -20.54 -5.65
N GLY D 90 37.25 -20.20 -4.95
CA GLY D 90 36.80 -18.83 -4.82
C GLY D 90 37.56 -18.09 -3.74
N ARG D 91 36.94 -17.03 -3.24
CA ARG D 91 37.59 -16.16 -2.26
C ARG D 91 37.79 -16.82 -0.91
N GLY D 92 37.06 -17.89 -0.62
CA GLY D 92 37.17 -18.46 0.71
C GLY D 92 36.28 -17.76 1.72
N MET D 93 35.73 -18.51 2.66
CA MET D 93 34.84 -17.92 3.66
C MET D 93 35.64 -16.99 4.57
N PRO D 94 35.07 -15.84 4.95
CA PRO D 94 35.81 -14.88 5.78
C PRO D 94 36.28 -15.53 7.08
N VAL D 95 37.53 -15.28 7.45
CA VAL D 95 38.08 -15.85 8.68
C VAL D 95 38.35 -14.82 9.77
N ASP D 96 38.41 -13.53 9.44
CA ASP D 96 38.63 -12.51 10.46
C ASP D 96 37.43 -12.45 11.42
N ILE D 97 37.65 -11.79 12.55
CA ILE D 97 36.65 -11.71 13.61
C ILE D 97 35.62 -10.66 13.26
N HIS D 98 34.35 -11.00 13.46
CA HIS D 98 33.25 -10.10 13.07
C HIS D 98 33.23 -8.86 13.96
N PRO D 99 33.14 -7.66 13.37
CA PRO D 99 33.20 -6.44 14.20
C PRO D 99 32.05 -6.29 15.18
N GLU D 100 30.86 -6.80 14.86
CA GLU D 100 29.73 -6.69 15.78
C GLU D 100 29.32 -8.02 16.39
N GLU D 101 29.87 -9.14 15.92
CA GLU D 101 29.48 -10.46 16.39
C GLU D 101 30.61 -11.25 16.99
N LYS D 102 31.82 -10.77 16.81
CA LYS D 102 32.97 -11.03 17.66
C LYS D 102 33.56 -12.41 17.37
N ILE D 103 32.86 -13.23 16.60
CA ILE D 103 33.32 -14.59 16.32
C ILE D 103 33.90 -14.55 14.92
N PRO D 104 34.78 -15.49 14.53
CA PRO D 104 35.27 -15.48 13.15
C PRO D 104 34.12 -15.65 12.19
N GLY D 105 34.30 -15.09 11.00
CA GLY D 105 33.20 -15.07 10.03
C GLY D 105 32.61 -16.43 9.76
N VAL D 106 33.48 -17.43 9.56
CA VAL D 106 33.03 -18.78 9.25
C VAL D 106 32.12 -19.32 10.34
N GLU D 107 32.51 -19.14 11.61
CA GLU D 107 31.67 -19.58 12.73
C GLU D 107 30.28 -18.96 12.64
N LEU D 108 30.23 -17.65 12.40
CA LEU D 108 28.94 -16.95 12.27
C LEU D 108 28.11 -17.54 11.13
N ILE D 109 28.72 -17.70 9.95
CA ILE D 109 28.01 -18.25 8.80
C ILE D 109 27.44 -19.62 9.12
N LEU D 110 28.24 -20.48 9.73
CA LEU D 110 27.85 -21.88 9.93
C LEU D 110 26.82 -22.05 11.04
N THR D 111 26.77 -21.13 12.01
CA THR D 111 26.01 -21.39 13.23
C THR D 111 24.75 -20.54 13.40
N ARG D 112 24.64 -19.40 12.73
CA ARG D 112 23.49 -18.53 12.92
C ARG D 112 22.67 -18.40 11.63
N LEU D 113 21.35 -18.41 11.78
CA LEU D 113 20.45 -18.19 10.66
C LEU D 113 20.42 -16.71 10.32
N HIS D 114 20.15 -16.43 9.04
CA HIS D 114 20.00 -15.06 8.56
C HIS D 114 21.27 -14.24 8.78
N ALA D 115 22.39 -14.86 8.44
CA ALA D 115 23.70 -14.22 8.42
C ALA D 115 24.32 -14.53 7.07
N GLY D 116 24.58 -13.50 6.27
CA GLY D 116 25.07 -13.78 4.93
C GLY D 116 25.66 -12.58 4.25
N GLY D 117 26.35 -12.86 3.14
CA GLY D 117 26.91 -11.79 2.35
C GLY D 117 26.05 -11.33 1.19
N LYS D 118 24.81 -11.83 1.08
CA LYS D 118 23.98 -11.65 -0.10
C LYS D 118 22.67 -10.93 0.18
N PHE D 119 22.58 -10.22 1.31
CA PHE D 119 21.40 -9.38 1.57
C PHE D 119 21.40 -8.09 0.75
N ASN D 120 22.51 -7.73 0.09
CA ASN D 120 22.63 -6.59 -0.83
C ASN D 120 23.30 -7.13 -2.12
N ASN D 121 23.74 -6.26 -3.04
CA ASN D 121 24.66 -6.70 -4.09
C ASN D 121 26.06 -6.13 -3.95
N ARG D 122 26.58 -6.07 -2.72
CA ARG D 122 27.95 -5.57 -2.64
C ARG D 122 28.93 -6.70 -2.93
N ASN D 123 28.78 -7.87 -2.27
CA ASN D 123 29.69 -9.03 -2.42
C ASN D 123 29.31 -9.98 -3.56
N TYR D 124 28.03 -9.98 -3.96
CA TYR D 124 27.58 -10.76 -5.09
C TYR D 124 26.51 -9.97 -5.82
N THR D 125 26.68 -9.81 -7.14
CA THR D 125 25.68 -9.13 -7.95
C THR D 125 24.54 -10.09 -8.29
N PHE D 126 24.87 -11.18 -8.97
CA PHE D 126 23.88 -12.21 -9.32
C PHE D 126 24.18 -13.48 -8.51
N SER D 127 23.65 -13.53 -7.30
CA SER D 127 23.84 -14.67 -6.40
C SER D 127 22.58 -15.54 -6.36
N GLY D 128 22.80 -16.86 -6.25
CA GLY D 128 21.69 -17.75 -5.99
C GLY D 128 21.19 -17.66 -4.55
N GLY D 129 22.11 -17.48 -3.60
CA GLY D 129 21.73 -17.38 -2.20
C GLY D 129 21.20 -15.99 -1.86
N LEU D 130 20.13 -15.97 -1.07
CA LEU D 130 19.57 -14.70 -0.62
C LEU D 130 19.11 -14.67 0.84
N HIS D 131 18.96 -15.82 1.52
CA HIS D 131 18.36 -15.83 2.85
C HIS D 131 19.38 -15.84 3.99
N GLY D 132 20.63 -16.19 3.73
CA GLY D 132 21.59 -16.34 4.81
C GLY D 132 21.26 -17.51 5.70
N VAL D 133 20.73 -18.58 5.13
CA VAL D 133 20.16 -19.68 5.90
C VAL D 133 20.78 -21.01 5.47
N GLY D 134 21.26 -21.08 4.22
CA GLY D 134 21.70 -22.31 3.60
C GLY D 134 22.67 -23.21 4.36
N VAL D 135 23.92 -22.77 4.54
CA VAL D 135 24.91 -23.61 5.20
C VAL D 135 24.51 -23.90 6.64
N SER D 136 23.95 -22.90 7.33
CA SER D 136 23.53 -23.12 8.71
C SER D 136 22.49 -24.24 8.78
N VAL D 137 21.64 -24.35 7.78
CA VAL D 137 20.70 -25.48 7.71
C VAL D 137 21.48 -26.78 7.48
N VAL D 138 22.42 -26.77 6.53
CA VAL D 138 23.28 -27.93 6.32
C VAL D 138 23.94 -28.35 7.63
N ASN D 139 24.51 -27.38 8.34
CA ASN D 139 25.20 -27.68 9.60
C ASN D 139 24.21 -28.18 10.66
N ALA D 140 23.06 -27.51 10.78
CA ALA D 140 22.06 -27.89 11.78
C ALA D 140 21.58 -29.33 11.63
N LEU D 141 21.59 -29.87 10.41
CA LEU D 141 21.07 -31.20 10.16
C LEU D 141 22.18 -32.20 9.88
N SER D 142 23.40 -31.93 10.32
CA SER D 142 24.54 -32.79 10.06
C SER D 142 25.22 -33.20 11.37
N THR D 143 25.54 -34.48 11.48
CA THR D 143 26.32 -34.97 12.61
C THR D 143 27.70 -34.33 12.65
N LYS D 144 28.25 -33.98 11.48
CA LYS D 144 29.58 -33.43 11.40
C LYS D 144 29.67 -32.52 10.20
N VAL D 145 30.37 -31.40 10.37
CA VAL D 145 30.75 -30.55 9.26
C VAL D 145 32.20 -30.19 9.46
N GLU D 146 33.02 -30.46 8.46
CA GLU D 146 34.44 -30.16 8.48
C GLU D 146 34.73 -29.36 7.24
N LEU D 147 35.25 -28.16 7.42
CA LEU D 147 35.54 -27.32 6.28
C LEU D 147 36.96 -26.81 6.40
N PHE D 148 37.59 -26.66 5.24
CA PHE D 148 38.95 -26.13 5.15
C PHE D 148 38.86 -24.89 4.29
N ILE D 149 39.22 -23.74 4.85
CA ILE D 149 39.23 -22.50 4.10
C ILE D 149 40.66 -22.02 3.97
N LYS D 150 41.05 -21.64 2.75
CA LYS D 150 42.39 -21.16 2.44
C LYS D 150 42.19 -19.76 1.87
N ARG D 151 42.54 -18.76 2.65
CA ARG D 151 42.53 -17.40 2.19
C ARG D 151 43.71 -16.71 2.86
N GLU D 152 44.21 -15.67 2.19
CA GLU D 152 45.22 -14.72 2.71
C GLU D 152 46.47 -15.47 3.14
N GLY D 153 46.84 -16.42 2.31
CA GLY D 153 48.09 -17.14 2.42
C GLY D 153 48.12 -18.25 3.43
N SER D 154 47.07 -18.40 4.24
CA SER D 154 46.99 -19.46 5.22
C SER D 154 45.73 -20.30 5.01
N GLU D 155 45.85 -21.59 5.30
CA GLU D 155 44.73 -22.52 5.27
C GLU D 155 44.21 -22.76 6.69
N HIS D 156 42.91 -22.61 6.86
CA HIS D 156 42.27 -22.77 8.17
C HIS D 156 41.39 -24.01 8.20
N ARG D 157 41.10 -24.50 9.41
CA ARG D 157 40.25 -25.65 9.59
C ARG D 157 39.35 -25.44 10.81
N MET D 158 38.08 -25.81 10.66
CA MET D 158 37.16 -25.82 11.79
C MET D 158 36.16 -26.96 11.58
N GLU D 159 35.75 -27.59 12.68
CA GLU D 159 34.87 -28.73 12.64
C GLU D 159 33.64 -28.42 13.47
N PHE D 160 32.49 -28.91 13.00
CA PHE D 160 31.22 -28.72 13.68
C PHE D 160 30.57 -30.07 13.89
N ARG D 161 29.81 -30.18 14.99
CA ARG D 161 29.02 -31.37 15.23
C ARG D 161 27.64 -30.97 15.71
N ASP D 162 26.62 -31.60 15.12
CA ASP D 162 25.21 -31.28 15.34
C ASP D 162 24.97 -29.76 15.40
N GLY D 163 25.64 -29.03 14.51
CA GLY D 163 25.44 -27.60 14.41
C GLY D 163 26.31 -26.77 15.33
N ASN D 164 26.87 -27.35 16.38
CA ASN D 164 27.70 -26.62 17.31
C ASN D 164 29.16 -26.60 16.86
N ALA D 165 29.86 -25.50 17.17
CA ALA D 165 31.28 -25.42 16.88
C ALA D 165 32.02 -26.42 17.76
N ALA D 166 32.74 -27.36 17.13
CA ALA D 166 33.39 -28.44 17.85
C ALA D 166 34.90 -28.28 17.95
N SER D 167 35.45 -27.24 17.33
CA SER D 167 36.88 -26.95 17.38
C SER D 167 37.01 -25.45 17.23
N LYS D 168 38.24 -24.94 17.32
CA LYS D 168 38.41 -23.52 17.03
C LYS D 168 39.00 -23.39 15.65
N LEU D 169 39.19 -22.14 15.22
CA LEU D 169 39.64 -21.88 13.86
C LEU D 169 41.13 -22.12 13.85
N GLU D 170 41.49 -23.36 13.51
CA GLU D 170 42.87 -23.82 13.53
C GLU D 170 43.52 -23.52 12.19
N VAL D 171 44.78 -23.10 12.22
CA VAL D 171 45.58 -22.93 11.03
C VAL D 171 46.46 -24.17 10.88
N VAL D 172 46.21 -24.95 9.84
CA VAL D 172 46.89 -26.23 9.66
C VAL D 172 48.15 -26.11 8.81
N GLY D 173 48.23 -25.10 7.94
CA GLY D 173 49.40 -24.98 7.09
C GLY D 173 49.47 -23.63 6.43
N THR D 174 50.54 -23.44 5.66
CA THR D 174 50.75 -22.25 4.84
C THR D 174 50.48 -22.57 3.38
N VAL D 175 50.04 -21.55 2.65
CA VAL D 175 49.58 -21.70 1.28
C VAL D 175 50.04 -20.49 0.48
N GLY D 176 50.08 -20.63 -0.85
CA GLY D 176 50.40 -19.50 -1.70
C GLY D 176 49.37 -18.40 -1.56
N LYS D 177 49.85 -17.16 -1.68
CA LYS D 177 48.97 -16.01 -1.45
C LYS D 177 47.72 -16.09 -2.29
N LYS D 178 47.84 -16.42 -3.56
CA LYS D 178 46.61 -16.35 -4.37
C LYS D 178 45.93 -17.71 -4.48
N ASN D 179 46.37 -18.74 -3.74
CA ASN D 179 45.65 -20.02 -3.65
C ASN D 179 44.56 -19.89 -2.59
N THR D 180 43.33 -19.67 -3.04
CA THR D 180 42.21 -19.42 -2.16
C THR D 180 41.06 -20.35 -2.49
N GLY D 181 40.23 -20.60 -1.49
CA GLY D 181 39.02 -21.39 -1.70
C GLY D 181 38.46 -21.90 -0.39
N THR D 182 37.26 -22.47 -0.50
CA THR D 182 36.55 -23.10 0.61
C THR D 182 36.22 -24.53 0.23
N ARG D 183 36.44 -25.46 1.15
CA ARG D 183 36.10 -26.86 0.94
C ARG D 183 35.37 -27.36 2.17
N LEU D 184 34.14 -27.81 2.00
CA LEU D 184 33.25 -28.16 3.09
C LEU D 184 32.71 -29.56 2.90
N ARG D 185 32.76 -30.38 3.94
CA ARG D 185 32.29 -31.76 3.90
C ARG D 185 31.36 -32.01 5.08
N PHE D 186 30.15 -32.52 4.78
CA PHE D 186 29.14 -32.70 5.82
C PHE D 186 28.57 -34.11 5.79
N TRP D 187 28.21 -34.60 6.98
CA TRP D 187 27.65 -35.93 7.20
C TRP D 187 26.20 -35.76 7.63
N ALA D 188 25.26 -35.89 6.70
CA ALA D 188 23.85 -35.66 7.00
C ALA D 188 23.34 -36.64 8.05
N ASP D 189 22.70 -36.11 9.09
CA ASP D 189 22.09 -36.94 10.12
C ASP D 189 20.88 -37.65 9.53
N PRO D 190 20.86 -38.99 9.50
CA PRO D 190 19.74 -39.70 8.85
C PRO D 190 18.40 -39.52 9.53
N LYS D 191 18.35 -39.02 10.77
CA LYS D 191 17.06 -38.92 11.46
C LYS D 191 16.15 -37.85 10.86
N TYR D 192 16.69 -36.90 10.11
CA TYR D 192 15.89 -35.84 9.50
C TYR D 192 15.40 -36.20 8.10
N PHE D 193 15.79 -37.35 7.54
CA PHE D 193 15.54 -37.65 6.14
C PHE D 193 14.85 -38.99 5.97
N ASP D 194 13.96 -39.06 4.98
CA ASP D 194 13.32 -40.32 4.62
C ASP D 194 14.36 -41.39 4.30
N THR D 195 15.44 -40.99 3.61
CA THR D 195 16.59 -41.83 3.33
C THR D 195 17.85 -40.98 3.33
N PRO D 196 18.97 -41.48 3.85
CA PRO D 196 20.23 -40.72 3.80
C PRO D 196 20.98 -40.84 2.48
N LYS D 197 20.48 -41.61 1.50
CA LYS D 197 21.13 -41.75 0.19
C LYS D 197 20.91 -40.56 -0.71
N PHE D 198 22.01 -40.16 -1.33
CA PHE D 198 22.00 -39.12 -2.32
C PHE D 198 21.50 -39.72 -3.61
N ASN D 199 20.74 -38.93 -4.35
CA ASN D 199 20.28 -39.34 -5.66
C ASN D 199 21.36 -38.87 -6.63
N VAL D 200 22.22 -39.81 -7.04
CA VAL D 200 23.40 -39.46 -7.83
C VAL D 200 22.98 -38.93 -9.19
N ARG D 201 22.00 -39.60 -9.82
CA ARG D 201 21.48 -39.14 -11.10
C ARG D 201 21.02 -37.69 -11.01
N ALA D 202 20.33 -37.33 -9.93
CA ALA D 202 19.83 -35.97 -9.79
C ALA D 202 20.98 -34.98 -9.62
N LEU D 203 21.96 -35.32 -8.76
CA LEU D 203 23.10 -34.44 -8.54
C LEU D 203 24.01 -34.40 -9.75
N ARG D 204 24.11 -35.48 -10.52
CA ARG D 204 24.88 -35.44 -11.75
C ARG D 204 24.28 -34.42 -12.72
N HIS D 205 22.97 -34.49 -12.93
CA HIS D 205 22.28 -33.52 -13.77
C HIS D 205 22.47 -32.10 -13.23
N LEU D 206 22.37 -31.94 -11.91
CA LEU D 206 22.52 -30.62 -11.30
C LEU D 206 23.87 -30.00 -11.61
N LEU D 207 24.95 -30.75 -11.39
CA LEU D 207 26.29 -30.19 -11.55
C LEU D 207 26.59 -29.81 -12.99
N ARG D 208 26.12 -30.62 -13.95
CA ARG D 208 26.36 -30.30 -15.35
C ARG D 208 25.65 -29.01 -15.75
N ALA D 209 24.44 -28.80 -15.24
CA ALA D 209 23.70 -27.58 -15.55
C ALA D 209 24.42 -26.33 -15.05
N LYS D 210 25.12 -26.43 -13.92
CA LYS D 210 25.88 -25.29 -13.43
C LYS D 210 27.05 -24.94 -14.36
N ALA D 211 27.67 -25.95 -14.97
CA ALA D 211 28.74 -25.67 -15.93
C ALA D 211 28.19 -25.08 -17.22
N VAL D 212 27.00 -25.53 -17.63
CA VAL D 212 26.36 -24.99 -18.83
C VAL D 212 25.91 -23.56 -18.61
N LEU D 213 25.39 -23.26 -17.41
CA LEU D 213 24.78 -21.96 -17.13
C LEU D 213 25.78 -20.90 -16.69
N CYS D 214 26.98 -21.31 -16.29
CA CYS D 214 28.06 -20.39 -15.93
C CYS D 214 29.24 -20.71 -16.84
N PRO D 215 29.26 -20.18 -18.06
CA PRO D 215 30.33 -20.52 -19.00
C PRO D 215 31.70 -20.23 -18.41
N GLY D 216 32.67 -21.09 -18.74
CA GLY D 216 33.99 -21.01 -18.16
C GLY D 216 34.16 -21.77 -16.86
N LEU D 217 33.08 -22.23 -16.24
CA LEU D 217 33.16 -22.93 -14.97
C LEU D 217 33.39 -24.42 -15.18
N THR D 218 34.43 -24.95 -14.54
CA THR D 218 34.74 -26.36 -14.57
C THR D 218 34.18 -27.04 -13.32
N VAL D 219 33.33 -28.03 -13.51
CA VAL D 219 32.69 -28.74 -12.40
C VAL D 219 33.01 -30.22 -12.51
N LYS D 220 33.43 -30.82 -11.39
CA LYS D 220 33.83 -32.21 -11.33
C LYS D 220 32.94 -32.95 -10.33
N LEU D 221 32.56 -34.17 -10.67
CA LEU D 221 31.81 -35.03 -9.77
C LEU D 221 32.56 -36.34 -9.57
N HIS D 222 32.58 -36.82 -8.33
CA HIS D 222 33.32 -38.01 -7.95
C HIS D 222 32.46 -38.78 -6.94
N ASP D 223 31.76 -39.82 -7.42
CA ASP D 223 30.97 -40.70 -6.55
C ASP D 223 31.85 -41.88 -6.18
N GLU D 224 32.41 -41.84 -4.97
CA GLU D 224 33.32 -42.91 -4.54
C GLU D 224 32.63 -44.23 -4.27
N ALA D 225 31.30 -44.25 -4.23
CA ALA D 225 30.58 -45.51 -4.06
C ALA D 225 30.36 -46.22 -5.39
N THR D 226 30.17 -45.46 -6.47
CA THR D 226 29.96 -46.02 -7.79
C THR D 226 31.18 -45.83 -8.69
N GLY D 227 32.34 -45.46 -8.14
CA GLY D 227 33.53 -45.32 -8.95
C GLY D 227 33.45 -44.24 -9.99
N GLU D 228 32.36 -43.50 -10.03
CA GLU D 228 32.08 -42.51 -11.07
C GLU D 228 33.01 -41.32 -11.03
N GLN D 229 33.39 -40.84 -12.21
CA GLN D 229 34.09 -39.57 -12.38
C GLN D 229 33.38 -38.77 -13.45
N ASP D 230 33.30 -37.46 -13.26
CA ASP D 230 32.74 -36.55 -14.25
C ASP D 230 33.54 -35.25 -14.23
N SER D 231 33.58 -34.58 -15.38
CA SER D 231 34.27 -33.31 -15.51
C SER D 231 33.59 -32.51 -16.61
N TRP D 232 33.07 -31.34 -16.27
CA TRP D 232 32.26 -30.55 -17.19
C TRP D 232 32.85 -29.16 -17.37
N TYR D 233 32.80 -28.69 -18.61
CA TYR D 233 33.23 -27.34 -18.95
C TYR D 233 32.59 -26.96 -20.27
N PHE D 234 31.88 -25.82 -20.31
CA PHE D 234 31.20 -25.42 -21.53
C PHE D 234 31.34 -23.93 -21.80
N GLU D 235 31.81 -23.60 -23.00
CA GLU D 235 31.81 -22.23 -23.52
C GLU D 235 30.57 -22.08 -24.38
N ASN D 236 29.59 -21.31 -23.90
CA ASN D 236 28.38 -21.03 -24.69
C ASN D 236 27.66 -22.31 -25.07
N GLY D 237 26.91 -22.89 -24.14
CA GLY D 237 26.34 -24.19 -24.40
C GLY D 237 24.85 -24.38 -24.13
N LEU D 238 24.08 -23.29 -24.01
CA LEU D 238 22.65 -23.43 -23.72
C LEU D 238 21.92 -24.06 -24.89
N ARG D 239 22.14 -23.53 -26.11
CA ARG D 239 21.57 -24.16 -27.29
C ARG D 239 22.02 -25.61 -27.38
N ASP D 240 23.33 -25.84 -27.20
CA ASP D 240 23.85 -27.21 -27.24
C ASP D 240 23.31 -28.06 -26.10
N TYR D 241 23.02 -27.45 -24.95
CA TYR D 241 22.53 -28.22 -23.80
C TYR D 241 21.17 -28.84 -24.08
N LEU D 242 20.22 -28.03 -24.57
CA LEU D 242 18.89 -28.56 -24.82
C LEU D 242 18.87 -29.45 -26.06
N LYS D 243 19.73 -29.17 -27.04
CA LYS D 243 19.82 -30.04 -28.21
C LYS D 243 20.23 -31.45 -27.81
N GLY D 244 21.19 -31.56 -26.89
CA GLY D 244 21.65 -32.88 -26.45
C GLY D 244 20.62 -33.60 -25.59
N GLU D 245 19.88 -32.86 -24.76
CA GLU D 245 18.94 -33.49 -23.85
C GLU D 245 17.69 -34.01 -24.53
N MET D 246 17.41 -33.53 -25.74
CA MET D 246 16.28 -34.01 -26.54
C MET D 246 16.76 -34.52 -27.90
N ALA D 247 17.93 -35.12 -27.94
CA ALA D 247 18.48 -35.61 -29.20
C ALA D 247 17.70 -36.80 -29.81
N GLU D 248 16.83 -37.46 -29.06
CA GLU D 248 15.97 -38.61 -29.43
C GLU D 248 14.75 -38.14 -30.15
N HIS D 249 14.47 -36.86 -30.02
CA HIS D 249 13.18 -36.28 -30.34
C HIS D 249 13.36 -35.32 -31.50
N GLU D 250 12.25 -35.05 -32.14
CA GLU D 250 12.21 -34.23 -33.34
C GLU D 250 11.71 -32.85 -32.96
N MET D 251 12.60 -31.86 -32.94
CA MET D 251 12.14 -30.54 -32.57
C MET D 251 12.06 -29.61 -33.77
N LEU D 252 11.39 -28.50 -33.53
CA LEU D 252 11.04 -27.55 -34.55
C LEU D 252 10.99 -26.19 -33.89
N PRO D 253 11.92 -25.28 -34.18
CA PRO D 253 13.04 -25.43 -35.14
C PRO D 253 14.03 -26.53 -34.78
N ALA D 254 14.47 -27.29 -35.80
CA ALA D 254 15.44 -28.36 -35.57
C ALA D 254 16.64 -27.89 -34.77
N ASP D 255 17.02 -26.61 -34.91
CA ASP D 255 18.15 -26.06 -34.18
C ASP D 255 17.72 -25.14 -33.03
N LEU D 256 16.46 -25.20 -32.61
CA LEU D 256 16.08 -24.67 -31.31
C LEU D 256 16.25 -23.15 -31.12
N PHE D 257 15.27 -22.36 -31.56
CA PHE D 257 15.22 -20.91 -31.31
C PHE D 257 15.71 -20.53 -29.92
N VAL D 258 16.72 -19.66 -29.88
CA VAL D 258 17.33 -19.16 -28.66
C VAL D 258 17.19 -17.63 -28.64
N GLY D 259 17.13 -17.07 -27.43
CA GLY D 259 17.08 -15.63 -27.26
C GLY D 259 17.94 -15.23 -26.08
N SER D 260 18.02 -13.91 -25.87
CA SER D 260 18.84 -13.34 -24.80
C SER D 260 18.42 -11.89 -24.62
N LEU D 261 18.65 -11.39 -23.40
CA LEU D 261 18.38 -10.02 -23.02
C LEU D 261 19.32 -9.71 -21.86
N LYS D 262 20.04 -8.62 -22.00
CA LYS D 262 21.09 -8.27 -21.06
C LYS D 262 20.75 -6.87 -20.51
N LYS D 263 20.57 -6.77 -19.18
CA LYS D 263 20.09 -5.47 -18.70
C LYS D 263 20.62 -5.01 -17.33
N ASP D 264 21.70 -5.62 -16.83
CA ASP D 264 22.45 -5.16 -15.64
C ASP D 264 21.68 -5.01 -14.32
N THR D 265 20.43 -5.44 -14.32
CA THR D 265 19.62 -5.84 -13.16
C THR D 265 18.91 -7.14 -13.42
N GLU D 266 18.72 -7.49 -14.68
CA GLU D 266 18.03 -8.71 -15.05
C GLU D 266 18.79 -9.21 -16.28
N ILE D 267 19.11 -10.49 -16.29
CA ILE D 267 19.63 -11.15 -17.48
C ILE D 267 18.79 -12.38 -17.72
N VAL D 268 18.44 -12.65 -18.97
CA VAL D 268 17.67 -13.84 -19.31
C VAL D 268 18.33 -14.50 -20.51
N ASP D 269 18.46 -15.82 -20.44
CA ASP D 269 18.89 -16.65 -21.55
C ASP D 269 17.92 -17.80 -21.67
N TRP D 270 17.61 -18.21 -22.89
CA TRP D 270 16.65 -19.29 -23.04
C TRP D 270 16.85 -19.98 -24.38
N ALA D 271 16.55 -21.27 -24.40
CA ALA D 271 16.40 -22.06 -25.61
C ALA D 271 15.05 -22.75 -25.55
N ALA D 272 14.26 -22.61 -26.61
CA ALA D 272 12.90 -23.15 -26.62
C ALA D 272 12.61 -23.78 -27.97
N GLY D 273 11.85 -24.87 -27.93
CA GLY D 273 11.44 -25.54 -29.15
C GLY D 273 10.10 -26.22 -28.97
N TRP D 274 9.52 -26.61 -30.11
CA TRP D 274 8.24 -27.29 -30.13
C TRP D 274 8.44 -28.69 -30.67
N VAL D 275 7.92 -29.68 -29.94
CA VAL D 275 8.16 -31.09 -30.23
C VAL D 275 6.81 -31.74 -30.48
N PRO D 276 6.58 -32.32 -31.66
CA PRO D 276 5.29 -32.99 -31.89
C PRO D 276 5.08 -34.22 -31.03
N GLU D 277 6.15 -34.95 -30.68
CA GLU D 277 6.01 -36.20 -29.95
C GLU D 277 7.15 -36.41 -28.96
N GLY D 278 6.82 -36.96 -27.79
CA GLY D 278 7.82 -37.35 -26.82
C GLY D 278 7.80 -36.54 -25.55
N GLU D 279 8.82 -36.76 -24.73
CA GLU D 279 8.90 -36.17 -23.40
C GLU D 279 9.60 -34.82 -23.50
N LEU D 280 9.08 -33.85 -22.78
CA LEU D 280 9.47 -32.46 -22.94
C LEU D 280 10.38 -32.06 -21.78
N VAL D 281 11.60 -31.65 -22.10
CA VAL D 281 12.50 -31.08 -21.10
C VAL D 281 12.05 -29.65 -20.82
N GLN D 282 11.72 -29.37 -19.56
CA GLN D 282 11.28 -28.06 -19.15
C GLN D 282 12.03 -27.71 -17.86
N GLU D 283 13.21 -27.13 -18.02
CA GLU D 283 14.06 -26.74 -16.91
C GLU D 283 14.11 -25.22 -16.83
N SER D 284 13.96 -24.68 -15.63
CA SER D 284 14.06 -23.25 -15.40
C SER D 284 14.97 -22.98 -14.22
N TYR D 285 15.63 -21.82 -14.26
CA TYR D 285 16.68 -21.49 -13.32
C TYR D 285 16.60 -20.00 -13.00
N VAL D 286 16.99 -19.65 -11.77
CA VAL D 286 17.05 -18.24 -11.36
C VAL D 286 18.40 -18.02 -10.68
N ASN D 287 19.25 -17.21 -11.30
CA ASN D 287 20.64 -17.13 -10.92
C ASN D 287 21.23 -18.51 -10.63
N LEU D 288 20.94 -19.46 -11.52
CA LEU D 288 21.45 -20.83 -11.54
C LEU D 288 20.91 -21.74 -10.44
N ILE D 289 19.93 -21.33 -9.64
CA ILE D 289 19.31 -22.31 -8.74
C ILE D 289 18.07 -22.84 -9.46
N PRO D 290 17.90 -24.16 -9.55
CA PRO D 290 16.76 -24.71 -10.29
C PRO D 290 15.44 -24.46 -9.57
N THR D 291 14.42 -24.08 -10.34
CA THR D 291 13.08 -23.80 -9.82
C THR D 291 12.15 -24.88 -10.37
N ALA D 292 11.92 -25.91 -9.55
CA ALA D 292 11.17 -27.07 -10.00
C ALA D 292 9.71 -26.76 -10.26
N GLN D 293 9.12 -25.78 -9.55
CA GLN D 293 7.74 -25.38 -9.76
C GLN D 293 7.62 -24.10 -10.59
N HIS D 294 8.74 -23.65 -11.14
CA HIS D 294 8.95 -22.65 -12.18
C HIS D 294 8.63 -21.20 -11.86
N GLY D 295 7.53 -20.89 -11.17
CA GLY D 295 7.40 -19.45 -10.93
C GLY D 295 7.06 -18.53 -12.11
N THR D 296 7.25 -17.22 -11.87
CA THR D 296 6.79 -16.16 -12.77
C THR D 296 7.69 -15.95 -13.98
N HIS D 297 9.00 -16.24 -13.87
CA HIS D 297 9.88 -16.09 -15.03
C HIS D 297 9.45 -17.00 -16.16
N VAL D 298 8.97 -18.20 -15.86
CA VAL D 298 8.42 -19.07 -16.89
C VAL D 298 7.08 -18.52 -17.40
N ASN D 299 6.29 -17.92 -16.52
CA ASN D 299 5.02 -17.33 -16.95
C ASN D 299 5.25 -16.25 -18.00
N GLY D 300 6.23 -15.38 -17.77
CA GLY D 300 6.55 -14.36 -18.77
C GLY D 300 7.03 -14.96 -20.07
N LEU D 301 7.90 -15.98 -19.98
CA LEU D 301 8.38 -16.65 -21.19
C LEU D 301 7.21 -17.24 -21.98
N ARG D 302 6.22 -17.80 -21.27
CA ARG D 302 5.07 -18.35 -21.95
C ARG D 302 4.26 -17.23 -22.60
N SER D 303 4.00 -16.15 -21.86
CA SER D 303 3.20 -15.05 -22.39
C SER D 303 3.87 -14.44 -23.61
N GLY D 304 5.18 -14.19 -23.52
CA GLY D 304 5.89 -13.61 -24.64
C GLY D 304 5.86 -14.48 -25.87
N LEU D 305 6.06 -15.79 -25.70
CA LEU D 305 6.09 -16.69 -26.85
C LEU D 305 4.72 -16.79 -27.53
N THR D 306 3.64 -16.86 -26.75
CA THR D 306 2.32 -16.93 -27.36
C THR D 306 1.95 -15.61 -28.03
N ASP D 307 2.18 -14.49 -27.35
CA ASP D 307 1.90 -13.18 -27.93
C ASP D 307 2.59 -13.02 -29.27
N ALA D 308 3.86 -13.45 -29.35
CA ALA D 308 4.59 -13.31 -30.60
C ALA D 308 4.07 -14.26 -31.66
N LEU D 309 3.49 -15.38 -31.27
CA LEU D 309 3.01 -16.34 -32.25
C LEU D 309 1.64 -15.94 -32.81
N ARG D 310 0.76 -15.35 -32.00
CA ARG D 310 -0.48 -14.85 -32.57
C ARG D 310 -0.27 -13.54 -33.33
N GLU D 311 0.73 -12.75 -32.94
CA GLU D 311 1.09 -11.60 -33.75
C GLU D 311 1.75 -12.02 -35.06
N PHE D 312 2.12 -13.29 -35.15
CA PHE D 312 2.65 -13.90 -36.36
C PHE D 312 1.56 -14.61 -37.13
N CYS D 313 0.57 -15.20 -36.43
CA CYS D 313 -0.56 -15.83 -37.09
C CYS D 313 -1.54 -14.83 -37.71
N ASP D 314 -1.64 -13.59 -37.16
CA ASP D 314 -2.53 -12.58 -37.72
C ASP D 314 -1.98 -11.77 -38.88
N PHE D 315 -0.78 -11.22 -38.75
CA PHE D 315 -0.26 -10.43 -39.86
C PHE D 315 0.00 -11.33 -41.03
N ARG D 316 0.30 -12.58 -40.72
CA ARG D 316 0.50 -13.69 -41.63
C ARG D 316 -0.79 -14.39 -41.93
N ASN D 317 -1.87 -13.98 -41.26
CA ASN D 317 -3.21 -14.54 -41.44
C ASN D 317 -3.10 -16.06 -41.54
N LEU D 318 -2.28 -16.63 -40.64
CA LEU D 318 -2.32 -18.05 -40.38
C LEU D 318 -3.44 -18.44 -39.47
N LEU D 319 -4.04 -17.47 -38.83
CA LEU D 319 -5.00 -17.75 -37.78
C LEU D 319 -6.37 -17.66 -38.42
N PRO D 320 -7.08 -18.77 -38.59
CA PRO D 320 -8.45 -18.68 -39.08
C PRO D 320 -9.30 -17.87 -38.11
N ARG D 321 -10.49 -17.50 -38.57
CA ARG D 321 -11.38 -16.69 -37.76
C ARG D 321 -12.20 -17.61 -36.86
N GLY D 322 -12.43 -17.18 -35.63
CA GLY D 322 -13.01 -18.03 -34.62
C GLY D 322 -12.02 -18.81 -33.78
N VAL D 323 -10.74 -18.83 -34.14
CA VAL D 323 -9.74 -19.56 -33.37
C VAL D 323 -8.97 -18.56 -32.54
N LYS D 324 -8.74 -18.92 -31.28
CA LYS D 324 -8.00 -18.11 -30.34
C LYS D 324 -6.90 -18.99 -29.78
N LEU D 325 -5.68 -18.47 -29.73
CA LEU D 325 -4.56 -19.24 -29.23
C LEU D 325 -4.41 -18.91 -27.76
N ALA D 326 -4.62 -19.86 -26.97
CA ALA D 326 -4.39 -19.62 -25.56
C ALA D 326 -3.02 -20.14 -25.16
N PRO D 327 -2.51 -19.73 -24.00
CA PRO D 327 -1.18 -20.20 -23.59
C PRO D 327 -0.94 -21.71 -23.63
N GLU D 328 -1.95 -22.54 -23.34
CA GLU D 328 -1.73 -23.99 -23.30
C GLU D 328 -1.26 -24.49 -24.67
N ASP D 329 -1.90 -23.99 -25.74
CA ASP D 329 -1.71 -24.51 -27.08
C ASP D 329 -0.29 -24.27 -27.53
N VAL D 330 0.19 -23.06 -27.31
CA VAL D 330 1.60 -22.78 -27.52
C VAL D 330 2.47 -23.65 -26.62
N TRP D 331 2.10 -23.75 -25.34
CA TRP D 331 2.94 -24.39 -24.34
C TRP D 331 2.81 -25.90 -24.28
N ASP D 332 1.80 -26.48 -24.94
CA ASP D 332 1.53 -27.91 -24.77
C ASP D 332 2.69 -28.76 -25.25
N ARG D 333 3.47 -28.27 -26.21
CA ARG D 333 4.55 -29.05 -26.81
C ARG D 333 5.88 -28.31 -26.75
N VAL D 334 6.07 -27.46 -25.75
CA VAL D 334 7.30 -26.69 -25.62
C VAL D 334 8.31 -27.50 -24.82
N THR D 335 9.58 -27.42 -25.23
CA THR D 335 10.71 -27.84 -24.43
C THR D 335 11.63 -26.63 -24.30
N PHE D 336 11.83 -26.17 -23.07
CA PHE D 336 12.60 -24.96 -22.84
C PHE D 336 13.66 -25.18 -21.77
N VAL D 337 14.67 -24.31 -21.80
CA VAL D 337 15.62 -24.15 -20.71
C VAL D 337 15.77 -22.65 -20.48
N LEU D 338 15.23 -22.15 -19.38
CA LEU D 338 15.20 -20.71 -19.12
C LEU D 338 16.12 -20.41 -17.94
N SER D 339 17.04 -19.47 -18.14
CA SER D 339 18.01 -19.09 -17.13
C SER D 339 17.85 -17.58 -16.90
N LEU D 340 17.17 -17.23 -15.83
CA LEU D 340 17.02 -15.83 -15.45
C LEU D 340 18.10 -15.45 -14.46
N LYS D 341 18.65 -14.26 -14.63
CA LYS D 341 19.57 -13.70 -13.66
C LYS D 341 19.05 -12.34 -13.24
N MET D 342 18.79 -12.18 -11.95
CA MET D 342 18.28 -10.90 -11.46
C MET D 342 18.80 -10.62 -10.06
N THR D 343 19.02 -9.34 -9.78
CA THR D 343 19.30 -8.86 -8.45
C THR D 343 18.04 -8.94 -7.59
N ASP D 344 18.16 -9.55 -6.41
CA ASP D 344 17.08 -9.62 -5.43
C ASP D 344 15.84 -10.36 -5.97
N PRO D 345 15.91 -11.67 -6.15
CA PRO D 345 14.71 -12.45 -6.45
C PRO D 345 13.91 -12.72 -5.18
N GLN D 346 12.72 -13.29 -5.37
CA GLN D 346 11.84 -13.66 -4.26
C GLN D 346 11.31 -15.07 -4.47
N PHE D 347 11.73 -16.00 -3.63
CA PHE D 347 11.25 -17.37 -3.67
C PHE D 347 10.24 -17.62 -2.56
N SER D 348 9.43 -18.66 -2.75
CA SER D 348 8.37 -19.01 -1.81
C SER D 348 8.87 -19.83 -0.64
N GLY D 349 10.14 -20.22 -0.65
CA GLY D 349 10.69 -21.06 0.40
C GLY D 349 12.19 -21.18 0.22
N GLN D 350 12.83 -21.75 1.25
CA GLN D 350 14.27 -21.93 1.23
C GLN D 350 14.72 -22.83 0.10
N THR D 351 13.90 -23.85 -0.23
CA THR D 351 14.26 -24.75 -1.33
C THR D 351 14.20 -24.07 -2.69
N LYS D 352 13.57 -22.90 -2.76
CA LYS D 352 13.53 -22.09 -3.97
C LYS D 352 12.99 -22.90 -5.15
N GLU D 353 11.73 -23.30 -5.03
CA GLU D 353 11.12 -24.13 -6.04
C GLU D 353 10.24 -23.38 -7.02
N ARG D 354 9.61 -22.30 -6.58
CA ARG D 354 8.87 -21.43 -7.47
C ARG D 354 9.34 -20.01 -7.20
N LEU D 355 9.44 -19.22 -8.26
CA LEU D 355 9.83 -17.83 -8.16
C LEU D 355 8.59 -16.96 -8.22
N SER D 356 8.42 -16.10 -7.23
CA SER D 356 7.25 -15.24 -7.15
C SER D 356 7.60 -13.81 -7.48
N SER D 357 8.83 -13.54 -7.94
CA SER D 357 9.21 -12.19 -8.30
C SER D 357 8.31 -11.67 -9.41
N ARG D 358 7.62 -10.59 -9.11
CA ARG D 358 6.66 -10.11 -10.09
C ARG D 358 7.29 -9.27 -11.20
N GLN D 359 8.42 -8.63 -10.93
CA GLN D 359 9.22 -8.01 -11.98
C GLN D 359 9.58 -9.03 -13.07
N ALA D 360 10.02 -10.23 -12.67
CA ALA D 360 10.54 -11.20 -13.64
C ALA D 360 9.54 -11.54 -14.74
N ALA D 361 8.25 -11.56 -14.41
CA ALA D 361 7.24 -11.97 -15.39
C ALA D 361 7.20 -11.03 -16.59
N GLY D 362 7.11 -9.72 -16.35
CA GLY D 362 7.04 -8.78 -17.44
C GLY D 362 8.33 -8.71 -18.23
N PHE D 363 9.46 -8.65 -17.52
CA PHE D 363 10.76 -8.51 -18.16
C PHE D 363 11.01 -9.63 -19.17
N ILE D 364 10.72 -10.87 -18.79
CA ILE D 364 10.96 -11.99 -19.68
C ILE D 364 9.89 -12.06 -20.77
N GLU D 365 8.67 -11.64 -20.47
CA GLU D 365 7.62 -11.63 -21.49
C GLU D 365 8.01 -10.74 -22.67
N GLY D 366 8.50 -9.53 -22.39
CA GLY D 366 8.96 -8.66 -23.46
C GLY D 366 10.09 -9.27 -24.26
N ALA D 367 11.13 -9.74 -23.57
CA ALA D 367 12.27 -10.37 -24.22
C ALA D 367 11.84 -11.47 -25.15
N ALA D 368 10.97 -12.34 -24.64
CA ALA D 368 10.51 -13.48 -25.41
C ALA D 368 9.64 -13.02 -26.56
N HIS D 369 8.84 -11.98 -26.35
CA HIS D 369 7.96 -11.53 -27.41
C HIS D 369 8.74 -10.91 -28.57
N ASP D 370 9.71 -10.03 -28.27
CA ASP D 370 10.50 -9.39 -29.32
C ASP D 370 11.38 -10.39 -30.06
N ALA D 371 12.20 -11.13 -29.32
CA ALA D 371 13.20 -11.97 -29.97
C ALA D 371 12.55 -13.09 -30.76
N PHE D 372 11.37 -13.53 -30.33
CA PHE D 372 10.65 -14.55 -31.07
C PHE D 372 9.97 -13.97 -32.31
N SER D 373 9.48 -12.73 -32.22
CA SER D 373 8.90 -12.07 -33.39
C SER D 373 9.93 -11.87 -34.49
N LEU D 374 11.15 -11.43 -34.14
CA LEU D 374 12.19 -11.28 -35.15
C LEU D 374 12.52 -12.61 -35.78
N TYR D 375 12.73 -13.64 -34.94
CA TYR D 375 13.03 -14.95 -35.48
C TYR D 375 11.92 -15.47 -36.40
N LEU D 376 10.66 -15.25 -36.02
CA LEU D 376 9.54 -15.86 -36.73
C LEU D 376 9.44 -15.33 -38.15
N ASN D 377 9.53 -14.02 -38.27
CA ASN D 377 9.43 -13.17 -39.45
C ASN D 377 10.62 -13.28 -40.40
N GLN D 378 11.82 -13.63 -39.90
CA GLN D 378 12.95 -14.00 -40.73
C GLN D 378 13.16 -15.53 -40.88
N ASN D 379 12.49 -16.38 -40.11
CA ASN D 379 12.61 -17.85 -40.31
C ASN D 379 11.22 -18.39 -40.46
N VAL D 380 10.56 -17.81 -41.46
CA VAL D 380 9.11 -17.79 -41.48
C VAL D 380 8.59 -19.19 -41.62
N GLU D 381 9.21 -19.90 -42.54
CA GLU D 381 8.70 -21.17 -42.99
C GLU D 381 8.76 -22.17 -41.84
N ILE D 382 9.67 -21.96 -40.88
CA ILE D 382 9.66 -22.66 -39.58
C ILE D 382 8.44 -22.23 -38.73
N GLY D 383 8.21 -20.92 -38.58
CA GLY D 383 7.10 -20.43 -37.73
C GLY D 383 5.76 -20.94 -38.17
N GLU D 384 5.61 -21.06 -39.46
CA GLU D 384 4.54 -21.76 -40.13
C GLU D 384 4.21 -23.11 -39.49
N LYS D 385 5.17 -24.05 -39.53
CA LYS D 385 4.98 -25.36 -38.93
C LYS D 385 4.85 -25.27 -37.41
N ILE D 386 5.55 -24.34 -36.78
CA ILE D 386 5.39 -24.10 -35.35
C ILE D 386 3.95 -23.73 -35.04
N ALA D 387 3.44 -22.70 -35.71
CA ALA D 387 2.10 -22.23 -35.42
C ALA D 387 1.07 -23.35 -35.62
N GLN D 388 1.24 -24.15 -36.67
CA GLN D 388 0.26 -25.19 -36.96
C GLN D 388 0.11 -26.18 -35.80
N ILE D 389 1.21 -26.47 -35.11
CA ILE D 389 1.14 -27.34 -33.94
C ILE D 389 0.26 -26.72 -32.87
N ALA D 390 0.43 -25.42 -32.62
CA ALA D 390 -0.41 -24.74 -31.64
C ALA D 390 -1.84 -24.64 -32.13
N ILE D 391 -2.02 -24.39 -33.43
CA ILE D 391 -3.38 -24.21 -33.97
C ILE D 391 -4.12 -25.53 -34.01
N ASP D 392 -3.42 -26.62 -34.32
CA ASP D 392 -4.10 -27.91 -34.42
C ASP D 392 -4.70 -28.33 -33.08
N ARG D 393 -4.02 -28.04 -31.97
CA ARG D 393 -4.63 -28.32 -30.68
C ARG D 393 -5.65 -27.26 -30.31
N ALA D 394 -5.43 -26.01 -30.71
CA ALA D 394 -6.41 -24.96 -30.43
C ALA D 394 -7.65 -25.14 -31.28
N SER D 395 -7.48 -25.38 -32.58
CA SER D 395 -8.60 -25.70 -33.46
C SER D 395 -9.40 -26.89 -32.93
N ALA D 396 -8.70 -27.90 -32.42
CA ALA D 396 -9.34 -29.11 -31.92
C ALA D 396 -9.87 -28.88 -30.50
MG MG E . 9.71 23.47 -0.76
PG ANP F . 7.75 25.71 1.12
O1G ANP F . 8.22 24.42 0.52
O2G ANP F . 7.39 25.47 2.64
O3G ANP F . 6.47 26.21 0.34
PB ANP F . 10.48 26.22 1.31
O1B ANP F . 11.47 27.33 1.43
O2B ANP F . 10.89 25.29 0.12
N3B ANP F . 8.97 26.87 1.00
PA ANP F . 11.31 24.03 2.63
O1A ANP F . 10.89 23.16 1.51
O2A ANP F . 11.10 23.41 4.03
O3A ANP F . 10.48 25.38 2.61
O5' ANP F . 12.81 24.48 2.43
C5' ANP F . 13.38 25.47 3.31
C4' ANP F . 14.73 25.90 2.77
O4' ANP F . 15.46 24.73 2.37
C3' ANP F . 14.69 26.82 1.57
O3' ANP F . 14.79 28.19 1.94
C2' ANP F . 15.87 26.35 0.68
O2' ANP F . 16.91 27.32 0.69
C1' ANP F . 16.35 25.05 1.34
N9 ANP F . 16.42 23.89 0.45
C8 ANP F . 15.55 22.85 0.43
N7 ANP F . 15.86 21.92 -0.46
C5 ANP F . 17.01 22.38 -1.04
C6 ANP F . 17.85 21.87 -2.05
N6 ANP F . 17.61 20.72 -2.68
N1 ANP F . 18.94 22.59 -2.41
C2 ANP F . 19.17 23.74 -1.79
N3 ANP F . 18.46 24.33 -0.81
C4 ANP F . 17.40 23.61 -0.50
MG MG G . -10.30 29.26 16.63
PG ANP H . -8.02 27.22 15.46
O1G ANP H . -9.16 28.20 15.42
O2G ANP H . -6.67 27.98 15.20
O3G ANP H . -8.23 26.11 14.35
PB ANP H . -7.92 27.54 18.25
O1B ANP H . -7.20 26.92 19.41
O2B ANP H . -9.39 27.94 18.71
N3B ANP H . -7.94 26.44 16.98
PA ANP H . -7.43 30.27 18.17
O1A ANP H . -8.66 30.75 17.51
O2A ANP H . -6.17 31.06 17.82
O3A ANP H . -7.11 28.77 17.75
O5' ANP H . -7.68 30.23 19.73
C5' ANP H . -6.58 30.07 20.63
C4' ANP H . -7.13 29.80 22.01
O4' ANP H . -7.68 31.01 22.55
C3' ANP H . -8.28 28.80 22.07
O3' ANP H . -7.74 27.48 22.15
C2' ANP H . -9.00 29.20 23.35
O2' ANP H . -8.44 28.54 24.49
C1' ANP H . -8.75 30.71 23.44
N9 ANP H . -9.89 31.53 23.08
C8 ANP H . -10.08 32.23 21.91
N7 ANP H . -11.20 32.89 21.85
C5 ANP H . -11.81 32.61 23.06
C6 ANP H . -13.05 33.01 23.62
N6 ANP H . -13.92 33.81 23.00
N1 ANP H . -13.36 32.54 24.85
C2 ANP H . -12.49 31.74 25.48
N3 ANP H . -11.30 31.30 25.05
C4 ANP H . -11.02 31.77 23.83
MG MG I . -0.46 -20.17 13.61
PG ANP J . 2.73 -21.37 13.15
O1G ANP J . 1.51 -20.52 13.10
O2G ANP J . 3.99 -20.51 12.81
O3G ANP J . 2.59 -22.54 12.09
PB ANP J . 2.14 -21.11 15.85
O1B ANP J . 2.22 -21.78 17.18
O2B ANP J . 0.64 -20.89 15.48
N3B ANP J . 2.87 -22.06 14.69
PA ANP J . 2.08 -18.38 16.03
O1A ANP J . 0.84 -18.40 15.21
O2A ANP J . 3.04 -17.25 15.67
O3A ANP J . 2.88 -19.74 15.89
O5' ANP J . 1.68 -18.32 17.56
C5' ANP J . 2.62 -18.81 18.53
C4' ANP J . 1.92 -19.03 19.84
O4' ANP J . 0.86 -18.06 19.97
C3' ANP J . 1.27 -20.41 20.01
O3' ANP J . 2.15 -21.31 20.71
C2' ANP J . -0.04 -20.12 20.77
O2' ANP J . 0.02 -20.61 22.11
C1' ANP J . -0.16 -18.59 20.80
N9 ANP J . -1.43 -18.07 20.28
C8 ANP J . -1.60 -17.42 19.08
N7 ANP J . -2.84 -17.04 18.86
C5 ANP J . -3.52 -17.48 19.99
C6 ANP J . -4.89 -17.40 20.37
N6 ANP J . -5.82 -16.83 19.62
N1 ANP J . -5.24 -17.93 21.56
C2 ANP J . -4.29 -18.52 22.30
N3 ANP J . -2.99 -18.66 22.05
C4 ANP J . -2.67 -18.11 20.88
MG MG K . 23.69 -20.62 0.11
PG ANP L . 20.77 -18.79 1.03
O1G ANP L . 19.62 -18.55 0.11
O2G ANP L . 21.74 -19.86 0.40
O3G ANP L . 20.25 -19.32 2.42
PB ANP L . 23.21 -17.63 1.66
O1B ANP L . 23.94 -16.32 1.61
O2B ANP L . 23.85 -18.60 0.62
N3B ANP L . 21.61 -17.34 1.26
PA ANP L . 24.51 -19.26 3.36
O1A ANP L . 24.64 -20.20 2.22
O2A ANP L . 24.25 -19.95 4.70
O3A ANP L . 23.31 -18.26 3.08
O5' ANP L . 25.79 -18.34 3.41
C5' ANP L . 25.71 -17.02 4.02
C4' ANP L . 26.97 -16.26 3.72
O4' ANP L . 28.05 -17.19 3.59
C3' ANP L . 26.94 -15.42 2.43
O3' ANP L . 26.76 -14.03 2.73
C2' ANP L . 28.26 -15.78 1.71
O2' ANP L . 29.05 -14.62 1.46
C1' ANP L . 29.00 -16.71 2.66
N9 ANP L . 29.61 -17.89 2.05
C8 ANP L . 29.18 -19.18 2.22
N7 ANP L . 29.90 -20.07 1.58
C5 ANP L . 30.87 -19.32 0.94
C6 ANP L . 31.95 -19.65 0.11
N6 ANP L . 32.23 -20.91 -0.26
N1 ANP L . 32.73 -18.65 -0.36
C2 ANP L . 32.44 -17.39 0.01
N3 ANP L . 31.46 -16.96 0.79
C4 ANP L . 30.70 -17.96 1.23
#